data_9DMK
#
_entry.id   9DMK
#
_cell.length_a   1.00
_cell.length_b   1.00
_cell.length_c   1.00
_cell.angle_alpha   90.00
_cell.angle_beta   90.00
_cell.angle_gamma   90.00
#
_symmetry.space_group_name_H-M   'P 1'
#
loop_
_entity.id
_entity.type
_entity.pdbx_description
1 polymer 'Acetylcholine receptor subunit alpha'
2 polymer 'Acetylcholine receptor subunit beta'
3 polymer 'Acetylcholine receptor subunit delta'
4 polymer 'Acetylcholine receptor subunit epsilon'
5 polymer 'Fab1b heavy chain'
6 polymer 'Fab1b light chain'
7 branched alpha-D-mannopyranose-(1-3)-[alpha-D-mannopyranose-(1-6)]beta-D-mannopyranose-(1-4)-2-acetamido-2-deoxy-beta-D-glucopyranose-(1-4)-2-acetamido-2-deoxy-beta-D-glucopyranose
8 branched alpha-D-mannopyranose-(1-6)-beta-D-mannopyranose-(1-4)-2-acetamido-2-deoxy-beta-D-glucopyranose-(1-4)-2-acetamido-2-deoxy-beta-D-glucopyranose
9 branched beta-D-mannopyranose-(1-4)-2-acetamido-2-deoxy-beta-D-glucopyranose-(1-4)-2-acetamido-2-deoxy-beta-D-glucopyranose
10 non-polymer '(2S)-3-(hexadecanoyloxy)-2-[(9Z)-octadec-9-enoyloxy]propyl 2-(trimethylammonio)ethyl phosphate'
11 non-polymer 2-acetamido-2-deoxy-beta-D-glucopyranose
12 non-polymer CHOLESTEROL
#
loop_
_entity_poly.entity_id
_entity_poly.type
_entity_poly.pdbx_seq_one_letter_code
_entity_poly.pdbx_strand_id
1 'polypeptide(L)'
;MEPWPLLLLFSLCSAGLVLGSEHETRLVAKLFKDYSSVVRPVEDHRQVVEVTVGLQLIQLINVDEVNQIVTTNVRLKQQW
VDYNLKWNPDDYGGVKKIHIPSEKIWRPDLVLYNNADGDFAIVKFTKVLLQYTGHITWTPPAIFKSYCEIIVTHFPFDEQ
NCSMKLGTWTYDGSVVAINPESDQPDLSNFMESGEWVIKESRGWKHSVTYSCCPDTPYLDITYHFVMQRLPLYFIVNVII
PCLLFSFLTGLVFYLPTDSGEKMTLSISVLLSLTVFLLVIVELIPSTSSAVPLIGKYMLFTMVFVIASIIITVIVINTHH
RSPSTHVMPNWVRKVFIDTIPNIMFFSTMKRPSREKQDKKIFTEDIDISDISGKPGPPPMGFHSPLIKHPEVKSAIEGIK
YIAETMKSDQESNNAAAEWKYVAMVMDHILLGVFMLVCIIGTLAVFAGRLIELNQQG
;
A,C
2 'polypeptide(L)'
;MTPGALLMLLGALGAPLAPGVRGSEAEGRLREKLFSGYDSSVRPAREVGDRVRVSVGLILAQLISLNEKDEEMSTKVYLD
LEWTDYRLSWDPAEHDGIDSLRITAESVWLPDVVLLNNNDGNFDVALDISVVVSSDGSVRWQPPGIYRSSCSIQVTYFPF
DWQNCTMVFSSYSYDSSEVSLQTGLGPDGQGHQEIHIHEGTFIENGQWEIIHKPSRLIQPPGDPRGGREGQRQEVIFYLI
IRRKPLFYLVNVIAPCILITLLAIFVFYLPPDAGEKMGLSIFALLTLTVFLLLLADKVPETSLSVPIIIKYLMFTMVLVT
FSVILSVVVLNLHHRSPHTHQMPLWVRQIFIHKLPLYLRLKRPKPERDLMPEPPHCSSPGSGWGRGTDEYFIRKPPSDFL
FPKPNRFQPELSAPDLRRFIDGPNRAVALLPELREVVSSISYIARQLQEQEDHDALKEDWQFVAMVVDRLFLWTFIIFTS
VGTLVIFLDATYHLPPPDPFPSR
;
E
3 'polypeptide(L)'
;MEGPVLTLGLLAALAVCGSWGLNEEERLIRHLFQEKGYNKELRPVAHKEESVDVALALTLSNLISLKEVEETLTTNVWIE
HGWTDNRLKWNAEEFGNISVLRLPPDMVWLPEIVLENNNDGSFQISYSCNVLVYHYGFVYWLPPAIFRSSCPISVTYFPF
DWQNCSLKFSSLKYTAKEITLSLKQDAKENRTYPVEWIIIDPEGFTENGEWEIVHRPARVNVDPRAPLDSPSRQDITFYL
IIRRKPLFYIINILVPCVLISFMVNLVFYLPADSGEKTSVAISVLLAQSVFLLLISKRLPATSMAIPLIGKFLLFGMVLV
TMVVVICVIVLNIHFRTPSTHVLSEGVKKLFLETLPELLHMSRPAEDGPSPGALVRRSSSLGYISKAEEYFLLKSRSDLM
FEKQSERHGLARRLTTARRPPASSEQAQQELFNELKPAVDGANFIVNHMRDQNNYNEEKDSWNRVARTVDRLCLFVVTPV
MVVGTAWIFLQGVYNQPPPQPFPGDPYSYNVQDKRFI
;
D
4 'polypeptide(L)'
;MARAPLGVLLLLGLLGRGVGKNEELRLYHHLFNNYDPGSRPVREPEDTVTISLKVTLTNLISLNEKEETLTTSVWIGIDW
QDYRLNYSKDDFGGIETLRVPSELVWLPEIVLENNIDGQFGVAYDANVLVYEGGSVTWLPPAIYRSVCAVEVTYFPFDWQ
NCSLIFRSQTYNAEEVEFTFAVDNDGKTINKIDIDTEAYTENGEWAIDFCPGVIRRHHGGATDGPGETDVIYSLIIRRKP
LFYVINIIVPCVLISGLVLLAYFLPAQAGGQKCTVSINVLLAQTVFLFLIAQKIPETSLSVPLLGRFLIFVMVVATLIVM
NCVIVLNVSQRTPTTHAMSPRLRHVLLELLPRLLGSPPPPEAPRAASPPRRASSVGLLLRAEELILKKPRSELVFEGQRH
RQGTWTAAFCQSLGAAAPEVRCCVDAVNFVAESTRDQEATGEEVSDWVRMGNALDNICFWAALVLFSVGSSLIFLGAYFN
RVPDLPYAPCIQP
;
B
5 'polypeptide(L)'
;MDSKGSSQKGSRLLLLLVVSNLLLCQGVVSAQVQLVQSGAEMKKPGSSVKVSCKASGGSFGSYGIDWVRQAPGQGLEWMG
GIMPKFDAPKYAEKFQGRLTITADRATNTAYMELSSLRFEDTAIYYCARDEQPFYDSWRGLYWGQGTLVTVSSASTKGPS
VFPLAPSSKSTSGGTAALGCLVKDYFPEPVTVSWNSGALTSGVHTFPAVLQSSGLYSLSSVVTVPSSSLGTQTYICNVNH
KPSNTKVDKKVEPKSCGSHHHHHH
;
F
6 'polypeptide(L)'
;MGWSCIILFLVATATGVHGDIVMTQSPLSLPVTPGEPASISCRSNQSLLHTKGYKYLNWYLQRPGQSPQVLIYFASNRAP
GVPDRFSGSGSGTDFTLKISRVEAEDVGVYYCMQGLQIPFTFGPGTKVDIKRTVAAPSVFIFPPSDEQLKSGTASVVCLL
NNFYPREAKVQWKVDNALQSGNSQESVTEQDSKDSTYSLSSTLTLSKADYEKHKVYACEVTHQGLSSPVTKSFNRGEC
;
G
#
# COMPACT_ATOMS: atom_id res chain seq x y z
N SER A 21 -12.97 -42.85 -7.28
CA SER A 21 -12.06 -42.34 -8.34
C SER A 21 -12.50 -42.80 -9.72
N GLU A 22 -12.67 -44.12 -9.89
CA GLU A 22 -13.23 -44.62 -11.13
C GLU A 22 -14.66 -44.14 -11.32
N HIS A 23 -15.46 -44.17 -10.25
CA HIS A 23 -16.81 -43.63 -10.31
C HIS A 23 -16.78 -42.13 -10.60
N GLU A 24 -15.91 -41.39 -9.90
CA GLU A 24 -15.82 -39.96 -10.14
C GLU A 24 -15.22 -39.65 -11.50
N THR A 25 -14.28 -40.47 -11.98
CA THR A 25 -13.73 -40.28 -13.32
C THR A 25 -14.81 -40.44 -14.37
N ARG A 26 -15.60 -41.51 -14.25
CA ARG A 26 -16.71 -41.73 -15.18
C ARG A 26 -17.72 -40.59 -15.10
N LEU A 27 -18.02 -40.13 -13.89
CA LEU A 27 -18.97 -39.05 -13.71
C LEU A 27 -18.50 -37.76 -14.36
N VAL A 28 -17.23 -37.42 -14.18
CA VAL A 28 -16.69 -36.19 -14.76
C VAL A 28 -16.69 -36.29 -16.28
N ALA A 29 -16.31 -37.45 -16.81
CA ALA A 29 -16.33 -37.64 -18.26
C ALA A 29 -17.76 -37.49 -18.81
N LYS A 30 -18.75 -38.04 -18.10
CA LYS A 30 -20.13 -37.88 -18.54
C LYS A 30 -20.56 -36.42 -18.46
N LEU A 31 -20.20 -35.73 -17.39
CA LEU A 31 -20.68 -34.36 -17.19
C LEU A 31 -20.13 -33.42 -18.24
N PHE A 32 -18.82 -33.51 -18.53
CA PHE A 32 -18.17 -32.57 -19.42
C PHE A 32 -18.02 -33.11 -20.84
N LYS A 33 -18.90 -34.02 -21.27
CA LYS A 33 -18.84 -34.54 -22.62
C LYS A 33 -19.37 -33.51 -23.62
N ASP A 34 -20.44 -32.81 -23.27
CA ASP A 34 -21.06 -31.80 -24.14
C ASP A 34 -21.42 -30.55 -23.35
N TYR A 35 -20.63 -30.24 -22.32
CA TYR A 35 -20.89 -29.08 -21.50
C TYR A 35 -20.44 -27.81 -22.22
N SER A 36 -21.14 -26.70 -21.92
CA SER A 36 -20.85 -25.40 -22.50
C SER A 36 -20.76 -24.37 -21.39
N SER A 37 -19.60 -23.74 -21.26
CA SER A 37 -19.40 -22.67 -20.29
C SER A 37 -19.75 -21.29 -20.83
N VAL A 38 -20.26 -21.21 -22.06
CA VAL A 38 -20.63 -19.93 -22.64
C VAL A 38 -22.00 -19.49 -22.15
N VAL A 39 -23.00 -20.36 -22.30
CA VAL A 39 -24.37 -19.99 -21.98
C VAL A 39 -24.63 -20.13 -20.49
N ARG A 40 -25.66 -19.44 -20.02
CA ARG A 40 -26.07 -19.58 -18.62
C ARG A 40 -26.56 -21.01 -18.37
N PRO A 41 -26.30 -21.56 -17.16
CA PRO A 41 -26.68 -22.97 -16.95
C PRO A 41 -28.13 -23.08 -16.48
N VAL A 42 -29.05 -22.91 -17.42
CA VAL A 42 -30.49 -22.89 -17.16
C VAL A 42 -31.18 -23.88 -18.07
N GLU A 43 -32.24 -24.51 -17.55
CA GLU A 43 -33.07 -25.37 -18.40
C GLU A 43 -33.74 -24.55 -19.50
N ASP A 44 -34.22 -23.36 -19.15
CA ASP A 44 -34.90 -22.47 -20.08
C ASP A 44 -34.23 -21.11 -20.02
N HIS A 45 -34.07 -20.48 -21.19
CA HIS A 45 -33.42 -19.17 -21.24
C HIS A 45 -34.22 -18.10 -20.53
N ARG A 46 -35.51 -18.33 -20.28
CA ARG A 46 -36.33 -17.38 -19.54
C ARG A 46 -36.22 -17.54 -18.03
N GLN A 47 -35.42 -18.49 -17.54
CA GLN A 47 -35.15 -18.62 -16.12
C GLN A 47 -34.02 -17.68 -15.70
N VAL A 48 -33.92 -17.48 -14.38
CA VAL A 48 -32.93 -16.59 -13.78
C VAL A 48 -32.00 -17.44 -12.94
N VAL A 49 -30.70 -17.16 -13.05
CA VAL A 49 -29.69 -17.80 -12.23
C VAL A 49 -29.52 -16.98 -10.96
N GLU A 50 -29.88 -17.56 -9.82
CA GLU A 50 -29.72 -16.90 -8.53
C GLU A 50 -28.35 -17.23 -7.98
N VAL A 51 -27.56 -16.20 -7.67
CA VAL A 51 -26.21 -16.35 -7.14
C VAL A 51 -26.22 -15.79 -5.72
N THR A 52 -25.95 -16.64 -4.75
CA THR A 52 -25.81 -16.20 -3.36
C THR A 52 -24.37 -15.76 -3.14
N VAL A 53 -24.17 -14.48 -2.85
CA VAL A 53 -22.84 -13.88 -2.71
C VAL A 53 -22.59 -13.63 -1.23
N GLY A 54 -21.47 -14.14 -0.73
CA GLY A 54 -21.07 -13.92 0.65
C GLY A 54 -19.60 -13.53 0.75
N LEU A 55 -19.33 -12.36 1.31
CA LEU A 55 -17.97 -11.86 1.44
C LEU A 55 -17.45 -12.18 2.84
N GLN A 56 -16.27 -12.77 2.91
CA GLN A 56 -15.56 -13.01 4.16
C GLN A 56 -14.31 -12.14 4.17
N LEU A 57 -14.21 -11.26 5.15
CA LEU A 57 -13.05 -10.38 5.29
C LEU A 57 -12.01 -11.11 6.14
N ILE A 58 -10.86 -11.43 5.53
CA ILE A 58 -9.80 -12.14 6.23
C ILE A 58 -8.81 -11.17 6.87
N GLN A 59 -8.46 -10.09 6.18
CA GLN A 59 -7.44 -9.18 6.67
C GLN A 59 -7.64 -7.81 6.06
N LEU A 60 -7.33 -6.78 6.83
CA LEU A 60 -7.30 -5.39 6.37
C LEU A 60 -5.84 -5.01 6.17
N ILE A 61 -5.34 -5.16 4.95
CA ILE A 61 -3.91 -5.04 4.71
C ILE A 61 -3.44 -3.60 4.90
N ASN A 62 -4.16 -2.64 4.33
CA ASN A 62 -3.72 -1.26 4.35
C ASN A 62 -4.87 -0.34 4.03
N VAL A 63 -4.79 0.88 4.55
CA VAL A 63 -5.68 1.98 4.19
C VAL A 63 -4.81 3.12 3.69
N ASP A 64 -4.94 3.46 2.42
CA ASP A 64 -4.13 4.50 1.78
C ASP A 64 -4.94 5.78 1.77
N GLU A 65 -4.56 6.73 2.64
CA GLU A 65 -5.29 7.98 2.73
C GLU A 65 -4.98 8.90 1.57
N VAL A 66 -3.74 8.85 1.05
CA VAL A 66 -3.34 9.74 -0.03
C VAL A 66 -4.09 9.38 -1.32
N ASN A 67 -3.99 8.11 -1.74
CA ASN A 67 -4.62 7.63 -3.00
C ASN A 67 -6.06 7.18 -2.76
N GLN A 68 -6.52 7.16 -1.52
CA GLN A 68 -7.92 6.81 -1.16
C GLN A 68 -8.23 5.39 -1.60
N ILE A 69 -7.33 4.43 -1.32
CA ILE A 69 -7.50 3.01 -1.73
C ILE A 69 -7.36 2.10 -0.52
N VAL A 70 -8.39 1.33 -0.16
CA VAL A 70 -8.35 0.36 0.96
C VAL A 70 -8.02 -1.01 0.39
N THR A 71 -6.95 -1.65 0.87
CA THR A 71 -6.54 -3.01 0.45
C THR A 71 -7.03 -4.01 1.49
N THR A 72 -7.72 -5.07 1.06
CA THR A 72 -8.24 -6.11 1.93
C THR A 72 -7.99 -7.47 1.31
N ASN A 73 -7.89 -8.48 2.16
CA ASN A 73 -7.81 -9.87 1.77
C ASN A 73 -9.14 -10.53 2.07
N VAL A 74 -9.82 -11.02 1.03
CA VAL A 74 -11.21 -11.46 1.13
C VAL A 74 -11.37 -12.83 0.51
N ARG A 75 -12.43 -13.52 0.94
CA ARG A 75 -12.94 -14.72 0.29
C ARG A 75 -14.35 -14.41 -0.18
N LEU A 76 -14.59 -14.48 -1.49
CA LEU A 76 -15.84 -14.08 -2.10
C LEU A 76 -16.65 -15.35 -2.39
N LYS A 77 -17.36 -15.83 -1.38
CA LYS A 77 -18.13 -17.06 -1.52
C LYS A 77 -19.30 -16.85 -2.46
N GLN A 78 -19.43 -17.71 -3.47
CA GLN A 78 -20.49 -17.64 -4.46
C GLN A 78 -21.16 -19.00 -4.56
N GLN A 79 -22.49 -19.02 -4.56
CA GLN A 79 -23.26 -20.25 -4.64
C GLN A 79 -24.34 -20.10 -5.70
N TRP A 80 -24.45 -21.09 -6.58
CA TRP A 80 -25.50 -21.11 -7.59
C TRP A 80 -25.70 -22.55 -8.04
N VAL A 81 -26.78 -22.77 -8.77
CA VAL A 81 -27.17 -24.09 -9.25
C VAL A 81 -26.90 -24.17 -10.75
N ASP A 82 -26.30 -25.27 -11.18
CA ASP A 82 -26.06 -25.56 -12.59
C ASP A 82 -26.98 -26.71 -13.00
N TYR A 83 -27.84 -26.45 -13.98
CA TYR A 83 -28.86 -27.44 -14.33
C TYR A 83 -28.23 -28.67 -14.98
N ASN A 84 -27.15 -28.49 -15.73
CA ASN A 84 -26.55 -29.58 -16.49
C ASN A 84 -25.57 -30.42 -15.67
N LEU A 85 -25.11 -29.93 -14.53
CA LEU A 85 -24.18 -30.68 -13.67
C LEU A 85 -24.93 -31.41 -12.57
N LYS A 86 -25.88 -32.25 -12.97
CA LYS A 86 -26.68 -33.07 -12.07
C LYS A 86 -26.44 -34.54 -12.37
N TRP A 87 -26.48 -35.35 -11.31
CA TRP A 87 -26.34 -36.80 -11.45
C TRP A 87 -27.04 -37.47 -10.28
N ASN A 88 -27.34 -38.75 -10.46
CA ASN A 88 -27.88 -39.57 -9.39
C ASN A 88 -26.73 -40.30 -8.71
N PRO A 89 -26.54 -40.18 -7.38
CA PRO A 89 -25.42 -40.90 -6.76
C PRO A 89 -25.51 -42.40 -6.88
N ASP A 90 -26.70 -42.97 -7.06
CA ASP A 90 -26.82 -44.43 -7.15
C ASP A 90 -26.16 -44.97 -8.41
N ASP A 91 -26.06 -44.16 -9.46
CA ASP A 91 -25.43 -44.58 -10.71
C ASP A 91 -23.92 -44.42 -10.69
N TYR A 92 -23.34 -43.84 -9.64
CA TYR A 92 -21.91 -43.55 -9.58
C TYR A 92 -21.34 -43.88 -8.21
N GLY A 93 -21.74 -45.03 -7.66
CA GLY A 93 -21.13 -45.53 -6.44
C GLY A 93 -21.40 -44.71 -5.21
N GLY A 94 -22.45 -43.88 -5.21
CA GLY A 94 -22.76 -43.06 -4.06
C GLY A 94 -21.99 -41.76 -3.97
N VAL A 95 -21.41 -41.29 -5.07
CA VAL A 95 -20.70 -40.01 -5.06
C VAL A 95 -21.72 -38.89 -5.03
N LYS A 96 -21.76 -38.15 -3.94
CA LYS A 96 -22.73 -37.06 -3.75
C LYS A 96 -22.12 -35.67 -3.83
N LYS A 97 -20.80 -35.54 -3.76
CA LYS A 97 -20.14 -34.25 -3.92
C LYS A 97 -18.76 -34.48 -4.51
N ILE A 98 -18.29 -33.52 -5.30
CA ILE A 98 -16.98 -33.60 -5.94
C ILE A 98 -16.39 -32.20 -6.02
N HIS A 99 -15.10 -32.15 -6.37
CA HIS A 99 -14.38 -30.91 -6.63
C HIS A 99 -13.88 -30.94 -8.07
N ILE A 100 -14.13 -29.85 -8.80
CA ILE A 100 -13.73 -29.74 -10.20
C ILE A 100 -13.06 -28.38 -10.42
N PRO A 101 -12.23 -28.23 -11.45
CA PRO A 101 -11.68 -26.90 -11.73
C PRO A 101 -12.78 -25.90 -12.07
N SER A 102 -12.60 -24.66 -11.61
CA SER A 102 -13.60 -23.63 -11.88
C SER A 102 -13.52 -23.08 -13.30
N GLU A 103 -12.38 -23.23 -13.97
CA GLU A 103 -12.24 -22.70 -15.32
C GLU A 103 -13.04 -23.48 -16.34
N LYS A 104 -13.48 -24.71 -16.02
CA LYS A 104 -14.21 -25.53 -16.97
C LYS A 104 -15.70 -25.20 -17.02
N ILE A 105 -16.22 -24.43 -16.07
CA ILE A 105 -17.65 -24.24 -15.92
C ILE A 105 -18.00 -22.77 -16.11
N TRP A 106 -19.28 -22.53 -16.36
CA TRP A 106 -19.81 -21.17 -16.35
C TRP A 106 -19.77 -20.62 -14.92
N ARG A 107 -19.34 -19.38 -14.79
CA ARG A 107 -19.29 -18.68 -13.52
C ARG A 107 -19.89 -17.30 -13.70
N PRO A 108 -20.46 -16.71 -12.66
CA PRO A 108 -20.84 -15.29 -12.74
C PRO A 108 -19.60 -14.41 -12.74
N ASP A 109 -19.70 -13.31 -13.47
CA ASP A 109 -18.57 -12.39 -13.65
C ASP A 109 -18.68 -11.22 -12.67
N LEU A 110 -18.62 -11.54 -11.38
CA LEU A 110 -18.64 -10.51 -10.36
C LEU A 110 -17.40 -9.64 -10.48
N VAL A 111 -17.61 -8.32 -10.44
CA VAL A 111 -16.54 -7.35 -10.63
C VAL A 111 -16.64 -6.33 -9.51
N LEU A 112 -15.49 -5.93 -8.98
CA LEU A 112 -15.42 -4.85 -8.00
C LEU A 112 -15.54 -3.53 -8.74
N TYR A 113 -16.71 -2.90 -8.68
CA TYR A 113 -17.00 -1.67 -9.47
C TYR A 113 -16.11 -0.52 -9.04
N ASN A 114 -15.67 -0.48 -7.78
CA ASN A 114 -14.86 0.63 -7.23
C ASN A 114 -13.39 0.22 -7.17
N ASN A 115 -12.98 -0.81 -7.92
CA ASN A 115 -11.56 -1.19 -8.03
C ASN A 115 -10.74 0.05 -8.35
N ALA A 116 -9.68 0.33 -7.58
CA ALA A 116 -8.80 1.47 -7.84
C ALA A 116 -7.65 1.11 -8.76
N ASP A 117 -6.79 0.17 -8.34
CA ASP A 117 -5.64 -0.24 -9.16
C ASP A 117 -5.37 -1.74 -9.08
N GLY A 118 -6.26 -2.52 -8.47
CA GLY A 118 -6.11 -3.96 -8.37
C GLY A 118 -6.79 -4.68 -9.51
N ASP A 119 -7.17 -5.93 -9.26
CA ASP A 119 -7.91 -6.72 -10.23
C ASP A 119 -9.41 -6.42 -10.11
N PHE A 120 -10.07 -6.31 -11.25
CA PHE A 120 -11.51 -6.05 -11.26
C PHE A 120 -12.30 -7.30 -10.86
N ALA A 121 -11.92 -8.46 -11.38
CA ALA A 121 -12.62 -9.71 -11.17
C ALA A 121 -11.71 -10.71 -10.47
N ILE A 122 -12.20 -11.95 -10.33
CA ILE A 122 -11.43 -13.00 -9.71
C ILE A 122 -10.34 -13.46 -10.67
N VAL A 123 -9.12 -13.61 -10.15
CA VAL A 123 -8.00 -14.13 -10.92
C VAL A 123 -7.48 -15.45 -10.39
N LYS A 124 -7.69 -15.77 -9.11
CA LYS A 124 -7.30 -17.05 -8.53
C LYS A 124 -8.46 -18.02 -8.71
N PHE A 125 -8.33 -18.92 -9.68
CA PHE A 125 -9.42 -19.83 -10.04
C PHE A 125 -9.26 -21.14 -9.27
N THR A 126 -9.75 -21.13 -8.05
CA THR A 126 -9.74 -22.31 -7.19
C THR A 126 -10.85 -23.28 -7.63
N LYS A 127 -10.90 -24.43 -6.98
CA LYS A 127 -11.88 -25.45 -7.34
C LYS A 127 -13.24 -25.13 -6.73
N VAL A 128 -14.30 -25.60 -7.39
CA VAL A 128 -15.68 -25.44 -6.93
C VAL A 128 -16.14 -26.76 -6.32
N LEU A 129 -16.93 -26.67 -5.27
CA LEU A 129 -17.58 -27.84 -4.68
C LEU A 129 -18.93 -28.03 -5.37
N LEU A 130 -19.07 -29.16 -6.05
CA LEU A 130 -20.26 -29.46 -6.84
C LEU A 130 -21.03 -30.59 -6.16
N GLN A 131 -22.30 -30.33 -5.86
CA GLN A 131 -23.18 -31.33 -5.29
C GLN A 131 -23.92 -32.07 -6.40
N TYR A 132 -24.44 -33.26 -6.06
CA TYR A 132 -25.19 -34.03 -7.03
C TYR A 132 -26.48 -33.33 -7.47
N THR A 133 -26.98 -32.40 -6.66
CA THR A 133 -28.16 -31.62 -6.98
C THR A 133 -27.90 -30.51 -7.97
N GLY A 134 -26.67 -30.36 -8.46
CA GLY A 134 -26.29 -29.24 -9.30
C GLY A 134 -25.82 -28.01 -8.55
N HIS A 135 -25.83 -28.05 -7.22
CA HIS A 135 -25.44 -26.89 -6.44
C HIS A 135 -23.93 -26.73 -6.47
N ILE A 136 -23.48 -25.52 -6.81
CA ILE A 136 -22.07 -25.18 -6.89
C ILE A 136 -21.74 -24.22 -5.75
N THR A 137 -20.60 -24.43 -5.12
CA THR A 137 -20.04 -23.51 -4.14
C THR A 137 -18.62 -23.19 -4.57
N TRP A 138 -18.35 -21.90 -4.83
CA TRP A 138 -17.05 -21.43 -5.26
C TRP A 138 -16.63 -20.31 -4.33
N THR A 139 -15.46 -20.44 -3.70
CA THR A 139 -14.98 -19.53 -2.68
C THR A 139 -13.54 -19.13 -3.00
N PRO A 140 -13.34 -18.37 -4.09
CA PRO A 140 -11.98 -18.01 -4.49
C PRO A 140 -11.40 -16.94 -3.57
N PRO A 141 -10.08 -16.82 -3.49
CA PRO A 141 -9.48 -15.69 -2.79
C PRO A 141 -9.33 -14.48 -3.71
N ALA A 142 -9.21 -13.32 -3.09
CA ALA A 142 -9.04 -12.09 -3.84
C ALA A 142 -8.38 -11.03 -2.96
N ILE A 143 -7.62 -10.15 -3.61
CA ILE A 143 -7.05 -8.97 -2.97
C ILE A 143 -7.81 -7.78 -3.55
N PHE A 144 -8.76 -7.26 -2.78
CA PHE A 144 -9.58 -6.13 -3.20
C PHE A 144 -8.86 -4.84 -2.87
N LYS A 145 -8.46 -4.09 -3.90
CA LYS A 145 -7.87 -2.74 -3.74
C LYS A 145 -9.04 -1.86 -4.16
N SER A 146 -9.81 -1.33 -3.21
CA SER A 146 -11.06 -0.56 -3.48
C SER A 146 -10.84 0.92 -3.24
N TYR A 147 -11.49 1.78 -4.01
CA TYR A 147 -11.37 3.25 -3.90
C TYR A 147 -12.51 3.76 -3.03
N CYS A 148 -12.20 4.38 -1.89
CA CYS A 148 -13.23 4.99 -1.00
C CYS A 148 -12.74 6.37 -0.54
N GLU A 149 -13.64 7.34 -0.41
CA GLU A 149 -13.29 8.70 0.08
C GLU A 149 -12.72 8.59 1.48
N ILE A 150 -11.54 9.18 1.73
CA ILE A 150 -10.85 9.12 3.05
C ILE A 150 -10.93 10.51 3.67
N ILE A 151 -11.87 10.73 4.58
CA ILE A 151 -12.04 12.04 5.27
C ILE A 151 -10.94 12.14 6.33
N VAL A 152 -10.02 13.09 6.20
CA VAL A 152 -8.88 13.25 7.09
C VAL A 152 -9.10 14.39 8.08
N THR A 153 -10.36 14.80 8.28
CA THR A 153 -10.64 15.95 9.13
C THR A 153 -10.23 15.71 10.57
N HIS A 154 -10.49 14.51 11.09
CA HIS A 154 -10.22 14.16 12.48
C HIS A 154 -8.99 13.26 12.64
N PHE A 155 -8.14 13.17 11.63
CA PHE A 155 -6.95 12.33 11.72
C PHE A 155 -6.06 12.84 12.84
N PRO A 156 -5.48 11.94 13.68
CA PRO A 156 -5.49 10.48 13.67
C PRO A 156 -6.68 9.85 14.41
N PHE A 157 -7.66 10.65 14.81
CA PHE A 157 -8.88 10.16 15.46
C PHE A 157 -10.02 9.98 14.48
N ASP A 158 -9.70 9.62 13.24
CA ASP A 158 -10.67 9.65 12.15
C ASP A 158 -11.39 8.31 12.01
N GLU A 159 -12.66 8.35 11.59
CA GLU A 159 -13.46 7.13 11.33
C GLU A 159 -13.68 7.08 9.82
N GLN A 160 -13.55 5.91 9.19
CA GLN A 160 -13.61 5.79 7.70
C GLN A 160 -14.63 4.72 7.28
N ASN A 161 -15.72 5.11 6.62
CA ASN A 161 -16.73 4.17 6.10
C ASN A 161 -16.36 3.84 4.65
N CYS A 162 -15.73 2.70 4.39
CA CYS A 162 -15.25 2.30 3.04
C CYS A 162 -16.06 1.12 2.49
N SER A 163 -16.60 1.23 1.28
CA SER A 163 -17.50 0.21 0.69
C SER A 163 -16.84 -0.59 -0.44
N MET A 164 -17.40 -1.74 -0.77
CA MET A 164 -16.92 -2.61 -1.86
C MET A 164 -18.15 -2.99 -2.68
N LYS A 165 -18.37 -2.35 -3.84
CA LYS A 165 -19.53 -2.61 -4.68
C LYS A 165 -19.23 -3.80 -5.58
N LEU A 166 -20.08 -4.81 -5.52
CA LEU A 166 -19.94 -6.05 -6.29
C LEU A 166 -21.19 -6.30 -7.11
N GLY A 167 -21.00 -6.70 -8.36
CA GLY A 167 -22.11 -7.00 -9.22
C GLY A 167 -21.64 -7.69 -10.48
N THR A 168 -22.59 -8.31 -11.18
CA THR A 168 -22.29 -8.97 -12.43
C THR A 168 -22.09 -7.93 -13.52
N TRP A 169 -20.88 -7.90 -14.10
CA TRP A 169 -20.53 -6.84 -15.03
C TRP A 169 -21.38 -6.88 -16.29
N THR A 170 -21.52 -8.06 -16.89
CA THR A 170 -22.15 -8.21 -18.19
C THR A 170 -23.55 -8.81 -18.15
N TYR A 171 -24.04 -9.20 -16.97
CA TYR A 171 -25.37 -9.78 -16.82
C TYR A 171 -26.23 -8.84 -15.97
N ASP A 172 -27.46 -8.62 -16.40
CA ASP A 172 -28.42 -7.79 -15.68
C ASP A 172 -29.29 -8.66 -14.78
N GLY A 173 -30.09 -7.99 -13.95
CA GLY A 173 -30.89 -8.68 -12.95
C GLY A 173 -31.95 -9.59 -13.52
N SER A 174 -32.30 -9.43 -14.79
CA SER A 174 -33.35 -10.24 -15.40
C SER A 174 -32.87 -11.61 -15.87
N VAL A 175 -31.56 -11.84 -15.93
CA VAL A 175 -31.01 -13.11 -16.37
C VAL A 175 -30.16 -13.74 -15.28
N VAL A 176 -29.55 -12.91 -14.42
CA VAL A 176 -28.74 -13.37 -13.30
C VAL A 176 -29.07 -12.48 -12.11
N ALA A 177 -29.63 -13.08 -11.05
CA ALA A 177 -29.96 -12.38 -9.82
C ALA A 177 -28.91 -12.70 -8.76
N ILE A 178 -28.54 -11.68 -7.98
CA ILE A 178 -27.59 -11.82 -6.89
C ILE A 178 -28.26 -11.40 -5.59
N ASN A 179 -28.02 -12.16 -4.53
CA ASN A 179 -28.53 -11.86 -3.19
C ASN A 179 -27.39 -12.05 -2.20
N PRO A 180 -27.35 -11.30 -1.10
CA PRO A 180 -26.34 -11.57 -0.07
C PRO A 180 -26.59 -12.91 0.62
N GLU A 181 -25.51 -13.56 1.04
CA GLU A 181 -25.63 -14.75 1.84
C GLU A 181 -26.14 -14.43 3.24
N SER A 182 -25.67 -13.32 3.81
CA SER A 182 -26.07 -12.87 5.13
C SER A 182 -26.09 -11.35 5.14
N ASP A 183 -26.74 -10.79 6.16
CA ASP A 183 -26.86 -9.33 6.25
C ASP A 183 -25.52 -8.67 6.55
N GLN A 184 -24.57 -9.38 7.12
CA GLN A 184 -23.28 -8.85 7.52
C GLN A 184 -22.17 -9.66 6.85
N PRO A 185 -21.00 -9.05 6.62
CA PRO A 185 -19.87 -9.86 6.17
C PRO A 185 -19.41 -10.83 7.25
N ASP A 186 -18.77 -11.90 6.81
CA ASP A 186 -18.25 -12.92 7.72
C ASP A 186 -16.88 -12.46 8.24
N LEU A 187 -16.82 -12.07 9.51
CA LEU A 187 -15.59 -11.66 10.18
C LEU A 187 -15.07 -12.73 11.13
N SER A 188 -15.52 -13.98 10.97
CA SER A 188 -15.10 -15.04 11.89
C SER A 188 -13.60 -15.28 11.83
N ASN A 189 -13.04 -15.32 10.62
CA ASN A 189 -11.61 -15.54 10.40
C ASN A 189 -10.85 -14.24 10.16
N PHE A 190 -11.34 -13.13 10.71
CA PHE A 190 -10.70 -11.84 10.52
C PHE A 190 -9.53 -11.71 11.48
N MET A 191 -8.36 -11.36 10.95
CA MET A 191 -7.18 -11.13 11.77
C MET A 191 -7.25 -9.78 12.43
N GLU A 192 -6.85 -9.71 13.70
CA GLU A 192 -6.83 -8.45 14.42
C GLU A 192 -5.87 -7.48 13.73
N SER A 193 -6.33 -6.24 13.56
CA SER A 193 -5.54 -5.21 12.90
C SER A 193 -4.92 -4.29 13.94
N GLY A 194 -3.66 -3.95 13.73
CA GLY A 194 -2.94 -3.09 14.65
C GLY A 194 -3.11 -1.61 14.42
N GLU A 195 -3.95 -1.21 13.46
CA GLU A 195 -4.18 0.20 13.15
C GLU A 195 -5.65 0.58 13.06
N TRP A 196 -6.56 -0.38 12.86
CA TRP A 196 -7.97 -0.10 12.65
C TRP A 196 -8.82 -1.07 13.45
N VAL A 197 -9.98 -0.59 13.88
CA VAL A 197 -10.99 -1.40 14.55
C VAL A 197 -12.28 -1.26 13.77
N ILE A 198 -12.86 -2.38 13.36
CA ILE A 198 -14.07 -2.38 12.54
C ILE A 198 -15.26 -2.28 13.49
N LYS A 199 -15.83 -1.08 13.59
CA LYS A 199 -16.97 -0.86 14.47
C LYS A 199 -18.23 -1.51 13.93
N GLU A 200 -18.50 -1.34 12.64
CA GLU A 200 -19.75 -1.79 12.03
C GLU A 200 -19.44 -2.31 10.64
N SER A 201 -20.26 -3.28 10.20
CA SER A 201 -20.19 -3.80 8.85
C SER A 201 -21.59 -4.26 8.45
N ARG A 202 -21.93 -4.11 7.18
CA ARG A 202 -23.29 -4.45 6.71
C ARG A 202 -23.28 -4.59 5.20
N GLY A 203 -24.02 -5.54 4.65
CA GLY A 203 -24.14 -5.79 3.23
C GLY A 203 -25.53 -5.48 2.71
N TRP A 204 -25.65 -4.46 1.87
CA TRP A 204 -26.92 -4.00 1.35
C TRP A 204 -27.01 -4.30 -0.15
N LYS A 205 -28.14 -4.85 -0.56
CA LYS A 205 -28.43 -5.06 -1.97
C LYS A 205 -29.13 -3.83 -2.55
N HIS A 206 -28.82 -3.52 -3.79
CA HIS A 206 -29.41 -2.38 -4.50
C HIS A 206 -29.82 -2.82 -5.89
N SER A 207 -30.92 -2.22 -6.37
CA SER A 207 -31.43 -2.46 -7.71
C SER A 207 -31.76 -1.13 -8.36
N VAL A 208 -31.24 -0.92 -9.57
CA VAL A 208 -31.44 0.32 -10.32
C VAL A 208 -31.99 -0.04 -11.69
N THR A 209 -33.15 0.51 -12.03
CA THR A 209 -33.80 0.31 -13.31
C THR A 209 -33.93 1.64 -14.03
N TYR A 210 -33.55 1.66 -15.30
CA TYR A 210 -33.59 2.85 -16.13
C TYR A 210 -34.85 2.84 -17.00
N SER A 211 -35.35 4.04 -17.29
CA SER A 211 -36.54 4.16 -18.13
C SER A 211 -36.30 3.64 -19.54
N CYS A 212 -35.06 3.73 -20.03
CA CYS A 212 -34.75 3.21 -21.36
C CYS A 212 -34.87 1.69 -21.39
N CYS A 213 -34.51 1.03 -20.28
CA CYS A 213 -34.51 -0.43 -20.18
C CYS A 213 -35.31 -0.80 -18.93
N PRO A 214 -36.65 -0.66 -18.98
CA PRO A 214 -37.45 -0.90 -17.77
C PRO A 214 -37.53 -2.35 -17.36
N ASP A 215 -37.24 -3.29 -18.26
CA ASP A 215 -37.37 -4.72 -17.98
C ASP A 215 -36.06 -5.39 -17.61
N THR A 216 -34.96 -4.63 -17.50
CA THR A 216 -33.63 -5.17 -17.22
C THR A 216 -33.02 -4.41 -16.06
N PRO A 217 -33.37 -4.73 -14.81
CA PRO A 217 -32.74 -4.07 -13.68
C PRO A 217 -31.29 -4.46 -13.55
N TYR A 218 -30.48 -3.54 -13.01
CA TYR A 218 -29.06 -3.74 -12.78
C TYR A 218 -28.83 -3.79 -11.28
N LEU A 219 -28.31 -4.93 -10.81
CA LEU A 219 -28.22 -5.22 -9.38
C LEU A 219 -26.77 -5.12 -8.91
N ASP A 220 -26.62 -4.88 -7.61
CA ASP A 220 -25.31 -4.89 -6.98
C ASP A 220 -25.50 -5.14 -5.50
N ILE A 221 -24.42 -5.59 -4.86
CA ILE A 221 -24.36 -5.76 -3.41
C ILE A 221 -23.16 -4.96 -2.92
N THR A 222 -23.41 -3.99 -2.06
CA THR A 222 -22.37 -3.12 -1.52
C THR A 222 -22.16 -3.46 -0.06
N TYR A 223 -20.96 -3.97 0.25
CA TYR A 223 -20.52 -4.16 1.62
C TYR A 223 -19.75 -2.93 2.06
N HIS A 224 -20.14 -2.37 3.20
CA HIS A 224 -19.46 -1.22 3.78
C HIS A 224 -18.95 -1.58 5.17
N PHE A 225 -17.79 -1.02 5.51
CA PHE A 225 -17.13 -1.25 6.78
C PHE A 225 -16.84 0.10 7.42
N VAL A 226 -17.32 0.30 8.64
CA VAL A 226 -17.00 1.49 9.42
C VAL A 226 -15.81 1.14 10.31
N MET A 227 -14.71 1.85 10.12
CA MET A 227 -13.45 1.57 10.79
C MET A 227 -12.99 2.79 11.56
N GLN A 228 -12.44 2.54 12.75
CA GLN A 228 -11.91 3.58 13.63
C GLN A 228 -10.40 3.38 13.76
N ARG A 229 -9.64 4.44 13.53
CA ARG A 229 -8.19 4.35 13.63
C ARG A 229 -7.76 4.28 15.09
N LEU A 230 -6.69 3.51 15.34
CA LEU A 230 -6.06 3.50 16.65
C LEU A 230 -4.99 4.57 16.69
N PRO A 231 -5.12 5.64 17.49
CA PRO A 231 -4.22 6.78 17.36
C PRO A 231 -2.99 6.77 18.25
N LEU A 232 -2.67 5.66 18.94
CA LEU A 232 -1.57 5.66 19.89
C LEU A 232 -0.24 5.92 19.19
N TYR A 233 -0.06 5.36 18.00
CA TYR A 233 1.20 5.53 17.27
C TYR A 233 1.46 7.01 16.97
N PHE A 234 0.44 7.71 16.46
CA PHE A 234 0.62 9.12 16.13
C PHE A 234 0.66 9.99 17.37
N ILE A 235 -0.01 9.57 18.45
CA ILE A 235 0.07 10.33 19.71
C ILE A 235 1.50 10.27 20.25
N VAL A 236 2.09 9.08 20.23
CA VAL A 236 3.44 8.92 20.78
C VAL A 236 4.47 9.59 19.89
N ASN A 237 4.34 9.42 18.57
CA ASN A 237 5.41 9.81 17.65
C ASN A 237 5.31 11.24 17.16
N VAL A 238 4.13 11.86 17.20
CA VAL A 238 3.92 13.20 16.65
C VAL A 238 3.47 14.18 17.73
N ILE A 239 2.44 13.83 18.50
CA ILE A 239 1.82 14.81 19.38
C ILE A 239 2.73 15.17 20.55
N ILE A 240 3.42 14.19 21.13
CA ILE A 240 4.22 14.42 22.32
C ILE A 240 5.41 15.34 22.03
N PRO A 241 6.19 15.11 20.96
CA PRO A 241 7.24 16.09 20.63
C PRO A 241 6.70 17.48 20.35
N CYS A 242 5.54 17.59 19.71
CA CYS A 242 4.95 18.90 19.46
C CYS A 242 4.57 19.57 20.78
N LEU A 243 4.03 18.80 21.72
CA LEU A 243 3.71 19.36 23.04
C LEU A 243 4.97 19.84 23.75
N LEU A 244 6.06 19.07 23.65
CA LEU A 244 7.30 19.48 24.29
C LEU A 244 7.84 20.76 23.67
N PHE A 245 7.80 20.88 22.34
CA PHE A 245 8.23 22.11 21.69
C PHE A 245 7.34 23.28 22.10
N SER A 246 6.03 23.06 22.17
CA SER A 246 5.12 24.12 22.58
C SER A 246 5.41 24.59 24.00
N PHE A 247 5.68 23.65 24.90
CA PHE A 247 6.05 24.02 26.26
C PHE A 247 7.36 24.79 26.30
N LEU A 248 8.36 24.33 25.52
CA LEU A 248 9.64 25.02 25.49
C LEU A 248 9.55 26.40 24.86
N THR A 249 8.53 26.65 24.03
CA THR A 249 8.42 27.94 23.37
C THR A 249 8.29 29.08 24.36
N GLY A 250 7.48 28.91 25.40
CA GLY A 250 7.27 29.96 26.37
C GLY A 250 8.38 30.17 27.38
N LEU A 251 9.32 29.22 27.47
CA LEU A 251 10.38 29.34 28.47
C LEU A 251 11.36 30.47 28.17
N VAL A 252 11.43 30.93 26.93
CA VAL A 252 12.33 32.03 26.60
C VAL A 252 11.92 33.30 27.33
N PHE A 253 10.63 33.44 27.65
CA PHE A 253 10.15 34.60 28.38
C PHE A 253 10.50 34.56 29.87
N TYR A 254 10.91 33.41 30.38
CA TYR A 254 11.51 33.31 31.71
C TYR A 254 13.03 33.41 31.68
N LEU A 255 13.63 33.39 30.49
CA LEU A 255 15.08 33.48 30.36
C LEU A 255 15.50 34.94 30.31
N PRO A 256 16.36 35.43 31.21
CA PRO A 256 16.71 36.86 31.18
C PRO A 256 17.47 37.24 29.90
N THR A 257 17.36 38.52 29.56
CA THR A 257 18.06 39.03 28.39
C THR A 257 19.57 39.07 28.61
N ASP A 258 20.00 39.28 29.86
CA ASP A 258 21.43 39.36 30.14
C ASP A 258 22.14 38.03 29.93
N SER A 259 21.41 36.91 29.88
CA SER A 259 22.05 35.63 29.59
C SER A 259 22.67 35.61 28.21
N GLY A 260 22.10 36.35 27.26
CA GLY A 260 22.63 36.38 25.91
C GLY A 260 22.40 35.09 25.14
N GLU A 261 21.39 34.31 25.53
CA GLU A 261 21.08 33.05 24.86
C GLU A 261 19.58 32.89 24.63
N LYS A 262 18.81 34.00 24.67
CA LYS A 262 17.39 33.94 24.32
C LYS A 262 17.19 33.49 22.88
N MET A 263 17.87 34.15 21.95
CA MET A 263 17.72 33.80 20.54
C MET A 263 18.26 32.42 20.27
N THR A 264 19.31 32.00 20.99
CA THR A 264 19.78 30.62 20.87
C THR A 264 18.66 29.64 21.16
N LEU A 265 18.00 29.80 22.31
CA LEU A 265 16.92 28.88 22.69
C LEU A 265 15.78 28.93 21.69
N SER A 266 15.31 30.12 21.34
CA SER A 266 14.13 30.23 20.47
C SER A 266 14.42 29.68 19.07
N ILE A 267 15.53 30.12 18.47
CA ILE A 267 15.84 29.70 17.12
C ILE A 267 16.18 28.22 17.08
N SER A 268 16.74 27.67 18.16
CA SER A 268 17.04 26.25 18.16
C SER A 268 15.79 25.40 18.38
N VAL A 269 14.81 25.91 19.14
CA VAL A 269 13.51 25.25 19.19
C VAL A 269 12.89 25.24 17.80
N LEU A 270 13.01 26.35 17.07
CA LEU A 270 12.53 26.39 15.70
C LEU A 270 13.27 25.38 14.82
N LEU A 271 14.59 25.27 15.00
CA LEU A 271 15.36 24.31 14.21
C LEU A 271 14.94 22.88 14.52
N SER A 272 14.70 22.57 15.79
CA SER A 272 14.23 21.24 16.16
C SER A 272 12.88 20.95 15.53
N LEU A 273 11.97 21.93 15.55
CA LEU A 273 10.66 21.73 14.93
C LEU A 273 10.79 21.56 13.41
N THR A 274 11.72 22.30 12.79
CA THR A 274 11.92 22.19 11.36
C THR A 274 12.49 20.83 10.99
N VAL A 275 13.40 20.29 11.81
CA VAL A 275 13.92 18.95 11.57
C VAL A 275 12.82 17.92 11.80
N PHE A 276 11.97 18.15 12.80
CA PHE A 276 10.86 17.24 13.08
C PHE A 276 9.81 17.27 12.00
N LEU A 277 9.74 18.34 11.20
CA LEU A 277 8.85 18.34 10.05
C LEU A 277 9.17 17.20 9.10
N LEU A 278 10.45 16.81 8.99
CA LEU A 278 10.82 15.69 8.15
C LEU A 278 10.14 14.40 8.63
N VAL A 279 10.14 14.18 9.95
CA VAL A 279 9.46 13.02 10.50
C VAL A 279 7.96 13.14 10.27
N ILE A 280 7.43 14.37 10.38
CA ILE A 280 6.00 14.59 10.18
C ILE A 280 5.59 14.18 8.77
N VAL A 281 6.33 14.62 7.75
CA VAL A 281 5.96 14.27 6.39
C VAL A 281 6.20 12.79 6.16
N GLU A 282 7.21 12.21 6.79
CA GLU A 282 7.47 10.79 6.64
C GLU A 282 6.32 9.95 7.18
N LEU A 283 5.73 10.37 8.30
CA LEU A 283 4.72 9.56 8.98
C LEU A 283 3.31 9.76 8.44
N ILE A 284 2.79 10.99 8.51
CA ILE A 284 1.37 11.21 8.21
C ILE A 284 1.18 11.18 6.69
N PRO A 285 -0.02 10.87 6.20
CA PRO A 285 -0.25 10.95 4.75
C PRO A 285 -0.29 12.39 4.26
N SER A 286 0.04 12.55 2.97
CA SER A 286 0.11 13.85 2.31
C SER A 286 -1.05 13.95 1.33
N THR A 287 -2.10 14.67 1.73
CA THR A 287 -3.27 14.87 0.87
C THR A 287 -3.84 16.26 1.12
N SER A 288 -4.58 16.76 0.12
CA SER A 288 -5.15 18.09 0.14
C SER A 288 -6.68 18.07 0.19
N SER A 289 -7.27 16.94 0.56
CA SER A 289 -8.72 16.90 0.72
C SER A 289 -9.19 17.83 1.83
N ALA A 290 -8.43 17.90 2.92
CA ALA A 290 -8.71 18.81 4.02
C ALA A 290 -7.46 18.90 4.88
N VAL A 291 -7.50 19.81 5.85
CA VAL A 291 -6.41 20.01 6.78
C VAL A 291 -6.61 19.03 7.94
N PRO A 292 -5.71 18.09 8.18
CA PRO A 292 -5.90 17.18 9.33
C PRO A 292 -5.77 17.92 10.65
N LEU A 293 -6.31 17.28 11.70
CA LEU A 293 -6.16 17.82 13.04
C LEU A 293 -4.69 17.90 13.43
N ILE A 294 -3.91 16.87 13.09
CA ILE A 294 -2.49 16.88 13.39
C ILE A 294 -1.78 17.98 12.59
N GLY A 295 -2.23 18.21 11.35
CA GLY A 295 -1.67 19.30 10.57
C GLY A 295 -2.01 20.66 11.17
N LYS A 296 -3.24 20.80 11.68
CA LYS A 296 -3.62 22.04 12.35
C LYS A 296 -2.76 22.27 13.59
N TYR A 297 -2.50 21.20 14.36
CA TYR A 297 -1.66 21.36 15.54
C TYR A 297 -0.23 21.70 15.17
N MET A 298 0.30 21.09 14.11
CA MET A 298 1.63 21.45 13.62
C MET A 298 1.69 22.92 13.22
N LEU A 299 0.70 23.39 12.46
CA LEU A 299 0.71 24.78 12.02
C LEU A 299 0.57 25.73 13.21
N PHE A 300 -0.26 25.35 14.18
CA PHE A 300 -0.41 26.16 15.39
C PHE A 300 0.91 26.27 16.14
N THR A 301 1.61 25.14 16.30
CA THR A 301 2.90 25.16 17.00
C THR A 301 3.90 26.03 16.26
N MET A 302 3.92 25.93 14.92
CA MET A 302 4.89 26.71 14.16
C MET A 302 4.60 28.21 14.27
N VAL A 303 3.34 28.61 14.16
CA VAL A 303 2.98 30.01 14.33
C VAL A 303 3.29 30.46 15.75
N PHE A 304 3.10 29.57 16.72
CA PHE A 304 3.44 29.86 18.10
C PHE A 304 4.92 30.19 18.25
N VAL A 305 5.77 29.37 17.65
CA VAL A 305 7.22 29.58 17.73
C VAL A 305 7.62 30.87 17.03
N ILE A 306 7.04 31.14 15.85
CA ILE A 306 7.39 32.35 15.12
C ILE A 306 6.98 33.59 15.91
N ALA A 307 5.78 33.57 16.49
CA ALA A 307 5.35 34.69 17.31
C ALA A 307 6.24 34.87 18.53
N SER A 308 6.65 33.76 19.16
CA SER A 308 7.55 33.84 20.29
C SER A 308 8.88 34.47 19.90
N ILE A 309 9.40 34.10 18.73
CA ILE A 309 10.67 34.68 18.26
C ILE A 309 10.52 36.17 18.03
N ILE A 310 9.42 36.57 17.39
CA ILE A 310 9.21 37.99 17.08
C ILE A 310 9.11 38.81 18.37
N ILE A 311 8.31 38.32 19.32
CA ILE A 311 8.13 39.06 20.56
C ILE A 311 9.40 39.03 21.40
N THR A 312 10.19 37.95 21.30
CA THR A 312 11.48 37.92 21.99
C THR A 312 12.43 38.96 21.43
N VAL A 313 12.44 39.13 20.10
CA VAL A 313 13.27 40.16 19.50
C VAL A 313 12.80 41.54 19.96
N ILE A 314 11.49 41.75 20.06
CA ILE A 314 10.97 43.02 20.56
C ILE A 314 11.41 43.25 22.00
N VAL A 315 11.35 42.21 22.83
CA VAL A 315 11.74 42.34 24.23
C VAL A 315 13.22 42.65 24.36
N ILE A 316 14.06 42.00 23.55
CA ILE A 316 15.49 42.28 23.57
C ILE A 316 15.75 43.71 23.14
N ASN A 317 15.06 44.17 22.08
CA ASN A 317 15.22 45.53 21.62
C ASN A 317 14.85 46.53 22.71
N THR A 318 13.74 46.27 23.42
CA THR A 318 13.35 47.14 24.53
C THR A 318 14.38 47.10 25.65
N HIS A 319 14.93 45.92 25.93
CA HIS A 319 15.92 45.78 27.00
C HIS A 319 17.16 46.61 26.71
N HIS A 320 17.64 46.57 25.46
CA HIS A 320 18.87 47.26 25.09
C HIS A 320 18.63 48.69 24.60
N ARG A 321 17.51 49.30 24.98
CA ARG A 321 17.19 50.69 24.57
C ARG A 321 18.20 51.63 25.22
N SER A 322 19.09 52.25 24.45
CA SER A 322 20.03 53.21 24.99
C SER A 322 19.26 54.45 25.47
N PRO A 323 19.66 55.05 26.61
CA PRO A 323 18.94 56.24 27.08
C PRO A 323 19.27 57.49 26.28
N SER A 324 20.37 57.49 25.52
CA SER A 324 20.73 58.66 24.72
C SER A 324 19.88 58.75 23.47
N THR A 325 19.93 57.71 22.62
CA THR A 325 19.18 57.73 21.37
C THR A 325 17.68 57.73 21.62
N HIS A 326 17.23 56.95 22.60
CA HIS A 326 15.80 56.75 22.88
C HIS A 326 15.46 57.30 24.25
N VAL A 327 14.37 58.06 24.31
CA VAL A 327 13.85 58.62 25.55
C VAL A 327 12.51 57.97 25.85
N MET A 328 12.27 57.70 27.13
CA MET A 328 11.12 56.91 27.54
C MET A 328 9.84 57.70 27.29
N PRO A 329 8.88 57.19 26.52
CA PRO A 329 7.57 57.87 26.46
C PRO A 329 6.82 57.74 27.78
N ASN A 330 5.90 58.67 28.00
CA ASN A 330 5.14 58.67 29.25
C ASN A 330 4.20 57.47 29.33
N TRP A 331 3.64 57.05 28.19
CA TRP A 331 2.64 55.98 28.23
C TRP A 331 3.27 54.64 28.61
N VAL A 332 4.49 54.38 28.14
CA VAL A 332 5.18 53.16 28.56
C VAL A 332 5.43 53.19 30.06
N ARG A 333 5.83 54.34 30.58
CA ARG A 333 6.07 54.47 32.01
C ARG A 333 4.80 54.24 32.81
N LYS A 334 3.68 54.80 32.34
CA LYS A 334 2.42 54.61 33.07
C LYS A 334 1.95 53.16 33.03
N VAL A 335 2.04 52.52 31.86
CA VAL A 335 1.46 51.18 31.71
C VAL A 335 2.27 50.16 32.52
N PHE A 336 3.60 50.21 32.42
CA PHE A 336 4.43 49.11 32.87
C PHE A 336 5.06 49.32 34.25
N ILE A 337 5.37 50.56 34.63
CA ILE A 337 6.09 50.80 35.88
C ILE A 337 5.09 51.01 37.01
N ASP A 338 3.94 51.61 36.71
CA ASP A 338 2.95 51.99 37.72
C ASP A 338 1.73 51.08 37.73
N THR A 339 1.15 50.79 36.56
CA THR A 339 -0.15 50.14 36.52
C THR A 339 -0.05 48.63 36.68
N ILE A 340 0.65 47.98 35.74
CA ILE A 340 0.76 46.49 35.68
C ILE A 340 1.35 45.93 36.98
N PRO A 341 2.43 46.48 37.56
CA PRO A 341 3.01 45.90 38.77
C PRO A 341 2.09 45.96 40.00
N ASN A 342 0.87 46.52 39.88
CA ASN A 342 -0.14 46.47 40.97
C ASN A 342 -0.96 45.22 40.72
N ILE A 343 -1.19 44.87 39.44
CA ILE A 343 -1.99 43.67 39.05
C ILE A 343 -1.17 42.41 39.32
N MET A 344 0.13 42.45 39.04
CA MET A 344 1.02 41.27 39.24
C MET A 344 1.85 41.48 40.52
N PHE A 345 1.92 40.47 41.39
CA PHE A 345 2.64 40.58 42.70
C PHE A 345 3.75 39.52 42.91
N PHE A 346 4.99 39.80 42.50
CA PHE A 346 6.15 38.88 42.64
C PHE A 346 7.40 39.55 43.20
N SER A 347 8.07 40.41 42.43
CA SER A 347 9.30 41.13 42.85
C SER A 347 9.32 42.38 41.97
N THR A 348 9.57 43.56 42.54
CA THR A 348 9.60 44.84 41.79
C THR A 348 10.35 45.88 42.62
N MET A 349 10.66 47.04 42.02
CA MET A 349 11.37 48.14 42.71
C MET A 349 12.00 47.60 44.00
N LYS A 388 48.98 76.83 45.73
CA LYS A 388 47.98 77.38 44.85
C LYS A 388 48.44 77.33 43.40
N HIS A 389 49.20 76.29 43.06
CA HIS A 389 49.75 76.16 41.73
C HIS A 389 48.66 75.75 40.74
N PRO A 390 48.88 75.95 39.43
CA PRO A 390 47.92 75.44 38.46
C PRO A 390 47.75 73.93 38.50
N GLU A 391 48.80 73.19 38.90
CA GLU A 391 48.70 71.74 39.00
C GLU A 391 47.69 71.34 40.07
N VAL A 392 47.67 72.04 41.20
CA VAL A 392 46.72 71.73 42.26
C VAL A 392 45.29 71.96 41.78
N LYS A 393 45.05 73.07 41.08
CA LYS A 393 43.72 73.33 40.53
C LYS A 393 43.33 72.27 39.50
N SER A 394 44.30 71.83 38.70
CA SER A 394 44.03 70.76 37.74
C SER A 394 43.64 69.48 38.46
N ALA A 395 44.30 69.17 39.57
CA ALA A 395 43.95 67.99 40.35
C ALA A 395 42.56 68.10 40.95
N ILE A 396 42.22 69.29 41.46
CA ILE A 396 40.88 69.49 42.04
C ILE A 396 39.82 69.31 40.96
N GLU A 397 40.03 69.90 39.78
CA GLU A 397 39.11 69.71 38.68
C GLU A 397 39.06 68.25 38.24
N GLY A 398 40.17 67.52 38.38
CA GLY A 398 40.17 66.11 38.03
C GLY A 398 39.28 65.29 38.94
N ILE A 399 39.41 65.48 40.26
CA ILE A 399 38.55 64.74 41.18
C ILE A 399 37.09 65.16 41.00
N LYS A 400 36.85 66.46 40.75
CA LYS A 400 35.48 66.89 40.48
C LYS A 400 34.93 66.22 39.22
N TYR A 401 35.77 66.09 38.19
CA TYR A 401 35.33 65.46 36.94
C TYR A 401 35.03 63.99 37.16
N ILE A 402 35.83 63.31 37.98
CA ILE A 402 35.53 61.91 38.30
C ILE A 402 34.20 61.82 39.03
N ALA A 403 33.94 62.75 39.96
CA ALA A 403 32.67 62.72 40.68
C ALA A 403 31.49 62.94 39.73
N GLU A 404 31.59 63.91 38.82
CA GLU A 404 30.49 64.13 37.88
C GLU A 404 30.36 62.98 36.89
N THR A 405 31.46 62.34 36.51
CA THR A 405 31.38 61.16 35.66
C THR A 405 30.63 60.04 36.37
N MET A 406 30.92 59.84 37.65
CA MET A 406 30.19 58.83 38.43
C MET A 406 28.71 59.17 38.49
N LYS A 407 28.38 60.45 38.70
CA LYS A 407 26.98 60.86 38.76
C LYS A 407 26.28 60.61 37.43
N SER A 408 26.92 60.98 36.32
CA SER A 408 26.31 60.78 35.01
C SER A 408 26.15 59.30 34.70
N ASP A 409 27.14 58.48 35.07
CA ASP A 409 27.02 57.05 34.87
C ASP A 409 25.89 56.46 35.70
N GLN A 410 25.73 56.94 36.93
CA GLN A 410 24.62 56.49 37.76
C GLN A 410 23.28 56.83 37.13
N GLU A 411 23.15 58.06 36.62
CA GLU A 411 21.90 58.46 35.97
C GLU A 411 21.62 57.63 34.74
N SER A 412 22.65 57.39 33.92
CA SER A 412 22.48 56.57 32.73
C SER A 412 22.10 55.14 33.07
N ASN A 413 22.72 54.59 34.12
CA ASN A 413 22.37 53.24 34.54
C ASN A 413 20.95 53.16 35.04
N ASN A 414 20.47 54.18 35.77
CA ASN A 414 19.08 54.18 36.21
C ASN A 414 18.13 54.27 35.01
N ALA A 415 18.47 55.12 34.04
CA ALA A 415 17.63 55.23 32.85
C ALA A 415 17.56 53.90 32.09
N ALA A 416 18.70 53.22 31.96
CA ALA A 416 18.69 51.92 31.31
C ALA A 416 17.93 50.89 32.13
N ALA A 417 18.07 50.94 33.46
CA ALA A 417 17.39 49.99 34.32
C ALA A 417 15.88 50.14 34.25
N GLU A 418 15.40 51.35 33.97
CA GLU A 418 13.96 51.51 33.72
C GLU A 418 13.51 50.69 32.52
N TRP A 419 14.27 50.76 31.42
CA TRP A 419 13.95 49.95 30.24
C TRP A 419 14.04 48.46 30.55
N LYS A 420 15.09 48.08 31.27
CA LYS A 420 15.35 46.66 31.61
C LYS A 420 14.21 46.17 32.50
N TYR A 421 13.62 47.06 33.30
CA TYR A 421 12.46 46.73 34.17
C TYR A 421 11.22 46.61 33.29
N VAL A 422 11.04 47.50 32.32
CA VAL A 422 9.89 47.44 31.38
C VAL A 422 9.93 46.09 30.67
N ALA A 423 11.09 45.64 30.17
CA ALA A 423 11.23 44.38 29.47
C ALA A 423 10.98 43.20 30.40
N MET A 424 11.35 43.34 31.66
CA MET A 424 11.07 42.33 32.69
C MET A 424 9.56 42.11 32.86
N VAL A 425 8.81 43.20 32.95
CA VAL A 425 7.36 43.09 33.13
C VAL A 425 6.73 42.46 31.89
N MET A 426 7.12 42.91 30.70
CA MET A 426 6.61 42.29 29.48
C MET A 426 6.98 40.81 29.43
N ASP A 427 8.18 40.47 29.91
CA ASP A 427 8.66 39.07 29.94
C ASP A 427 7.70 38.21 30.75
N HIS A 428 7.34 38.65 31.95
CA HIS A 428 6.43 37.87 32.80
C HIS A 428 5.03 37.78 32.21
N ILE A 429 4.50 38.91 31.73
CA ILE A 429 3.14 38.88 31.18
C ILE A 429 3.09 37.96 29.97
N LEU A 430 4.14 38.01 29.14
CA LEU A 430 4.18 37.16 27.95
C LEU A 430 4.37 35.69 28.31
N LEU A 431 5.14 35.39 29.36
CA LEU A 431 5.26 34.00 29.81
C LEU A 431 3.91 33.44 30.20
N GLY A 432 3.17 34.18 31.02
CA GLY A 432 1.84 33.73 31.40
C GLY A 432 0.92 33.57 30.21
N VAL A 433 0.91 34.56 29.31
CA VAL A 433 0.03 34.52 28.15
C VAL A 433 0.40 33.35 27.25
N PHE A 434 1.69 33.05 27.11
CA PHE A 434 2.11 32.01 26.19
C PHE A 434 1.79 30.63 26.72
N MET A 435 1.99 30.41 28.04
CA MET A 435 1.58 29.13 28.60
C MET A 435 0.07 28.95 28.49
N LEU A 436 -0.70 30.01 28.76
CA LEU A 436 -2.14 29.93 28.63
C LEU A 436 -2.55 29.62 27.20
N VAL A 437 -1.89 30.27 26.23
CA VAL A 437 -2.22 30.06 24.82
C VAL A 437 -1.86 28.65 24.38
N CYS A 438 -0.74 28.11 24.88
CA CYS A 438 -0.37 26.74 24.55
C CYS A 438 -1.43 25.76 25.04
N ILE A 439 -1.84 25.89 26.31
CA ILE A 439 -2.82 24.98 26.86
C ILE A 439 -4.15 25.10 26.12
N ILE A 440 -4.60 26.34 25.90
CA ILE A 440 -5.90 26.55 25.25
C ILE A 440 -5.84 26.10 23.80
N GLY A 441 -4.72 26.26 23.12
CA GLY A 441 -4.61 25.80 21.75
C GLY A 441 -4.67 24.30 21.66
N THR A 442 -3.96 23.60 22.55
CA THR A 442 -4.06 22.14 22.57
C THR A 442 -5.48 21.68 22.83
N LEU A 443 -6.14 22.30 23.81
CA LEU A 443 -7.52 21.92 24.14
C LEU A 443 -8.45 22.19 22.95
N ALA A 444 -8.41 23.40 22.40
CA ALA A 444 -9.28 23.74 21.29
C ALA A 444 -9.02 22.88 20.06
N VAL A 445 -7.80 22.39 19.89
CA VAL A 445 -7.51 21.54 18.74
C VAL A 445 -8.08 20.13 18.95
N PHE A 446 -7.87 19.55 20.13
CA PHE A 446 -8.10 18.12 20.32
C PHE A 446 -9.36 17.77 21.11
N ALA A 447 -9.65 18.52 22.19
CA ALA A 447 -10.66 18.11 23.15
C ALA A 447 -12.03 17.95 22.51
N GLY A 448 -12.32 18.70 21.44
CA GLY A 448 -13.58 18.52 20.75
C GLY A 448 -13.75 17.12 20.20
N ARG A 449 -12.73 16.61 19.51
CA ARG A 449 -12.84 15.29 18.92
C ARG A 449 -12.78 14.20 19.99
N LEU A 450 -11.95 14.37 21.02
CA LEU A 450 -11.98 13.38 22.10
C LEU A 450 -13.33 13.37 22.83
N ILE A 451 -13.94 14.54 23.04
CA ILE A 451 -15.25 14.57 23.68
C ILE A 451 -16.28 13.90 22.78
N GLU A 452 -16.19 14.12 21.47
CA GLU A 452 -17.12 13.48 20.55
C GLU A 452 -16.97 11.96 20.61
N LEU A 453 -15.74 11.46 20.60
CA LEU A 453 -15.54 10.02 20.67
C LEU A 453 -16.00 9.45 22.00
N ASN A 454 -15.74 10.16 23.11
CA ASN A 454 -16.18 9.68 24.42
C ASN A 454 -17.70 9.62 24.49
N GLN A 455 -18.38 10.64 23.98
CA GLN A 455 -19.84 10.62 23.98
C GLN A 455 -20.40 9.55 23.07
N GLN A 456 -19.74 9.29 21.94
CA GLN A 456 -20.14 8.22 21.03
C GLN A 456 -19.51 6.88 21.39
N GLY A 457 -18.96 6.74 22.59
CA GLY A 457 -18.34 5.51 23.03
C GLY A 457 -19.21 4.72 23.99
N SER B 21 -14.56 -11.64 -46.18
CA SER B 21 -14.58 -12.28 -44.83
C SER B 21 -14.40 -13.78 -44.95
N GLU B 22 -15.12 -14.40 -45.87
CA GLU B 22 -14.93 -15.83 -46.12
C GLU B 22 -13.66 -16.08 -46.91
N HIS B 23 -13.29 -15.14 -47.78
CA HIS B 23 -12.04 -15.28 -48.52
C HIS B 23 -10.84 -15.28 -47.59
N GLU B 24 -10.83 -14.40 -46.59
CA GLU B 24 -9.75 -14.38 -45.63
C GLU B 24 -9.68 -15.68 -44.84
N THR B 25 -10.83 -16.21 -44.43
CA THR B 25 -10.86 -17.47 -43.71
C THR B 25 -10.29 -18.60 -44.54
N ARG B 26 -10.73 -18.69 -45.81
CA ARG B 26 -10.24 -19.76 -46.68
C ARG B 26 -8.75 -19.62 -46.95
N LEU B 27 -8.28 -18.38 -47.14
CA LEU B 27 -6.85 -18.15 -47.36
C LEU B 27 -6.03 -18.57 -46.16
N VAL B 28 -6.48 -18.18 -44.96
CA VAL B 28 -5.72 -18.51 -43.76
C VAL B 28 -5.73 -20.01 -43.52
N ALA B 29 -6.85 -20.69 -43.82
CA ALA B 29 -6.89 -22.13 -43.71
C ALA B 29 -5.93 -22.78 -44.70
N LYS B 30 -5.87 -22.26 -45.92
CA LYS B 30 -4.99 -22.85 -46.93
C LYS B 30 -3.52 -22.67 -46.56
N LEU B 31 -3.15 -21.47 -46.11
CA LEU B 31 -1.73 -21.19 -45.87
C LEU B 31 -1.17 -22.05 -44.74
N PHE B 32 -1.93 -22.19 -43.65
CA PHE B 32 -1.47 -22.89 -42.47
C PHE B 32 -1.92 -24.34 -42.41
N LYS B 33 -2.23 -24.94 -43.56
CA LYS B 33 -2.56 -26.36 -43.59
C LYS B 33 -1.32 -27.21 -43.33
N ASP B 34 -0.19 -26.86 -43.95
CA ASP B 34 1.07 -27.58 -43.83
C ASP B 34 2.21 -26.60 -43.59
N TYR B 35 1.96 -25.63 -42.72
CA TYR B 35 2.96 -24.63 -42.34
C TYR B 35 3.67 -25.06 -41.06
N SER B 36 4.97 -24.76 -41.01
CA SER B 36 5.81 -25.02 -39.85
C SER B 36 6.52 -23.74 -39.46
N SER B 37 6.31 -23.30 -38.22
CA SER B 37 6.89 -22.06 -37.73
C SER B 37 8.32 -22.21 -37.21
N VAL B 38 8.80 -23.44 -37.07
CA VAL B 38 10.16 -23.65 -36.56
C VAL B 38 11.21 -23.54 -37.66
N VAL B 39 10.85 -23.84 -38.90
CA VAL B 39 11.80 -23.84 -40.01
C VAL B 39 11.93 -22.44 -40.57
N ARG B 40 13.13 -22.10 -41.01
CA ARG B 40 13.33 -20.81 -41.66
C ARG B 40 12.50 -20.77 -42.95
N PRO B 41 11.87 -19.62 -43.28
CA PRO B 41 10.95 -19.62 -44.43
C PRO B 41 11.63 -19.29 -45.76
N VAL B 42 12.27 -20.31 -46.35
CA VAL B 42 13.01 -20.17 -47.59
C VAL B 42 12.57 -21.27 -48.55
N GLU B 43 12.72 -21.00 -49.85
CA GLU B 43 12.48 -22.05 -50.84
C GLU B 43 13.48 -23.18 -50.67
N ASP B 44 14.74 -22.84 -50.40
CA ASP B 44 15.83 -23.78 -50.30
C ASP B 44 16.61 -23.52 -49.03
N HIS B 45 17.03 -24.59 -48.36
CA HIS B 45 17.58 -24.45 -47.01
C HIS B 45 18.95 -23.78 -46.99
N ARG B 46 19.67 -23.75 -48.12
CA ARG B 46 20.95 -23.06 -48.16
C ARG B 46 20.81 -21.56 -48.39
N GLN B 47 19.60 -21.06 -48.58
CA GLN B 47 19.38 -19.63 -48.73
C GLN B 47 19.48 -18.93 -47.38
N VAL B 48 19.74 -17.62 -47.45
CA VAL B 48 19.86 -16.78 -46.26
C VAL B 48 18.64 -15.89 -46.19
N VAL B 49 17.96 -15.91 -45.04
CA VAL B 49 16.77 -15.10 -44.82
C VAL B 49 17.22 -13.67 -44.54
N GLU B 50 16.71 -12.72 -45.31
CA GLU B 50 17.06 -11.30 -45.17
C GLU B 50 16.00 -10.62 -44.32
N VAL B 51 16.43 -10.04 -43.21
CA VAL B 51 15.55 -9.33 -42.27
C VAL B 51 16.00 -7.88 -42.24
N THR B 52 15.05 -6.96 -42.36
CA THR B 52 15.31 -5.53 -42.25
C THR B 52 14.86 -5.08 -40.87
N VAL B 53 15.80 -4.60 -40.07
CA VAL B 53 15.56 -4.19 -38.69
C VAL B 53 15.54 -2.67 -38.64
N GLY B 54 14.48 -2.11 -38.09
CA GLY B 54 14.35 -0.68 -37.89
C GLY B 54 13.85 -0.35 -36.50
N LEU B 55 14.53 0.55 -35.81
CA LEU B 55 14.21 0.92 -34.45
C LEU B 55 13.52 2.29 -34.46
N GLN B 56 12.33 2.35 -33.88
CA GLN B 56 11.62 3.61 -33.64
C GLN B 56 11.68 3.88 -32.15
N LEU B 57 12.29 5.00 -31.77
CA LEU B 57 12.40 5.40 -30.37
C LEU B 57 11.20 6.26 -30.01
N ILE B 58 10.36 5.76 -29.10
CA ILE B 58 9.15 6.47 -28.71
C ILE B 58 9.41 7.38 -27.53
N GLN B 59 10.03 6.88 -26.47
CA GLN B 59 10.26 7.64 -25.25
C GLN B 59 11.53 7.18 -24.58
N LEU B 60 12.27 8.14 -24.02
CA LEU B 60 13.41 7.87 -23.15
C LEU B 60 12.91 7.96 -21.71
N ILE B 61 12.55 6.82 -21.14
CA ILE B 61 11.84 6.81 -19.86
C ILE B 61 12.74 7.30 -18.74
N ASN B 62 13.97 6.80 -18.67
CA ASN B 62 14.83 7.10 -17.53
C ASN B 62 16.23 6.58 -17.81
N VAL B 63 17.23 7.30 -17.29
CA VAL B 63 18.63 6.88 -17.31
C VAL B 63 19.07 6.71 -15.87
N ASP B 64 19.48 5.50 -15.51
CA ASP B 64 19.91 5.17 -14.16
C ASP B 64 21.43 5.25 -14.11
N GLU B 65 21.96 6.32 -13.52
CA GLU B 65 23.40 6.50 -13.47
C GLU B 65 24.03 5.54 -12.46
N VAL B 66 23.30 5.16 -11.42
CA VAL B 66 23.85 4.27 -10.40
C VAL B 66 24.10 2.88 -10.98
N ASN B 67 23.04 2.25 -11.48
CA ASN B 67 23.12 0.92 -12.06
C ASN B 67 23.52 0.93 -13.54
N GLN B 68 23.65 2.11 -14.15
CA GLN B 68 24.11 2.24 -15.52
C GLN B 68 23.15 1.54 -16.50
N ILE B 69 21.85 1.81 -16.35
CA ILE B 69 20.79 1.17 -17.19
C ILE B 69 19.87 2.21 -17.82
N VAL B 70 19.84 2.31 -19.15
CA VAL B 70 18.94 3.25 -19.87
C VAL B 70 17.67 2.50 -20.26
N THR B 71 16.51 2.94 -19.79
CA THR B 71 15.20 2.32 -20.11
C THR B 71 14.52 3.19 -21.17
N THR B 72 14.05 2.60 -22.27
CA THR B 72 13.41 3.32 -23.36
C THR B 72 12.21 2.53 -23.85
N ASN B 73 11.23 3.24 -24.40
CA ASN B 73 10.09 2.65 -25.07
C ASN B 73 10.34 2.72 -26.58
N VAL B 74 10.32 1.56 -27.24
CA VAL B 74 10.72 1.46 -28.64
C VAL B 74 9.71 0.62 -29.41
N ARG B 75 9.74 0.77 -30.73
CA ARG B 75 9.07 -0.12 -31.66
C ARG B 75 10.15 -0.71 -32.57
N LEU B 76 10.25 -2.04 -32.57
CA LEU B 76 11.31 -2.74 -33.30
C LEU B 76 10.73 -3.30 -34.60
N LYS B 77 10.69 -2.45 -35.62
CA LYS B 77 10.13 -2.85 -36.90
C LYS B 77 11.02 -3.91 -37.56
N GLN B 78 10.40 -5.02 -37.94
CA GLN B 78 11.09 -6.14 -38.59
C GLN B 78 10.35 -6.50 -39.87
N GLN B 79 11.09 -6.65 -40.95
CA GLN B 79 10.53 -6.97 -42.26
C GLN B 79 11.31 -8.12 -42.88
N TRP B 80 10.58 -9.13 -43.37
CA TRP B 80 11.19 -10.23 -44.11
C TRP B 80 10.12 -10.87 -44.97
N VAL B 81 10.55 -11.79 -45.82
CA VAL B 81 9.67 -12.45 -46.79
C VAL B 81 9.56 -13.92 -46.40
N ASP B 82 8.33 -14.43 -46.40
CA ASP B 82 8.05 -15.85 -46.18
C ASP B 82 7.66 -16.48 -47.51
N TYR B 83 8.44 -17.46 -47.95
CA TYR B 83 8.18 -18.09 -49.24
C TYR B 83 6.84 -18.82 -49.26
N ASN B 84 6.50 -19.49 -48.15
CA ASN B 84 5.31 -20.34 -48.13
C ASN B 84 4.03 -19.57 -47.92
N LEU B 85 4.11 -18.32 -47.46
CA LEU B 85 2.91 -17.48 -47.23
C LEU B 85 2.69 -16.52 -48.40
N LYS B 86 2.40 -17.11 -49.57
CA LYS B 86 2.08 -16.36 -50.76
C LYS B 86 0.75 -16.83 -51.33
N TRP B 87 0.01 -15.90 -51.94
CA TRP B 87 -1.26 -16.24 -52.57
C TRP B 87 -1.51 -15.25 -53.71
N ASN B 88 -2.41 -15.66 -54.61
CA ASN B 88 -2.85 -14.80 -55.70
C ASN B 88 -4.10 -14.05 -55.26
N PRO B 89 -4.12 -12.71 -55.24
CA PRO B 89 -5.34 -12.01 -54.81
C PRO B 89 -6.56 -12.31 -55.67
N ASP B 90 -6.35 -12.67 -56.95
CA ASP B 90 -7.49 -12.96 -57.82
C ASP B 90 -8.26 -14.18 -57.36
N ASP B 91 -7.59 -15.15 -56.74
CA ASP B 91 -8.26 -16.36 -56.28
C ASP B 91 -8.87 -16.22 -54.89
N TYR B 92 -8.75 -15.06 -54.25
CA TYR B 92 -9.29 -14.84 -52.91
C TYR B 92 -9.96 -13.47 -52.82
N GLY B 93 -10.73 -13.12 -53.85
CA GLY B 93 -11.54 -11.91 -53.81
C GLY B 93 -10.76 -10.63 -53.70
N GLY B 94 -9.58 -10.57 -54.32
CA GLY B 94 -8.79 -9.35 -54.30
C GLY B 94 -8.14 -9.03 -52.98
N VAL B 95 -8.00 -10.01 -52.08
CA VAL B 95 -7.33 -9.78 -50.81
C VAL B 95 -5.84 -9.67 -51.06
N LYS B 96 -5.28 -8.49 -50.79
CA LYS B 96 -3.85 -8.21 -50.99
C LYS B 96 -3.05 -8.17 -49.70
N LYS B 97 -3.71 -8.12 -48.54
CA LYS B 97 -3.01 -8.11 -47.27
C LYS B 97 -3.94 -8.61 -46.18
N ILE B 98 -3.37 -9.27 -45.17
CA ILE B 98 -4.10 -9.78 -44.02
C ILE B 98 -3.26 -9.57 -42.77
N HIS B 99 -3.87 -9.84 -41.63
CA HIS B 99 -3.23 -9.73 -40.32
C HIS B 99 -3.22 -11.10 -39.66
N ILE B 100 -2.04 -11.52 -39.21
CA ILE B 100 -1.81 -12.87 -38.69
C ILE B 100 -1.18 -12.75 -37.31
N PRO B 101 -1.53 -13.58 -36.32
CA PRO B 101 -0.78 -13.56 -35.06
C PRO B 101 0.67 -13.95 -35.28
N SER B 102 1.57 -13.23 -34.61
CA SER B 102 2.99 -13.49 -34.79
C SER B 102 3.39 -14.85 -34.22
N GLU B 103 2.61 -15.38 -33.27
CA GLU B 103 2.96 -16.66 -32.67
C GLU B 103 2.85 -17.81 -33.67
N LYS B 104 2.00 -17.70 -34.68
CA LYS B 104 1.77 -18.79 -35.62
C LYS B 104 2.86 -18.90 -36.69
N ILE B 105 3.73 -17.89 -36.83
CA ILE B 105 4.68 -17.82 -37.92
C ILE B 105 6.10 -17.83 -37.37
N TRP B 106 7.03 -18.25 -38.22
CA TRP B 106 8.45 -18.11 -37.90
C TRP B 106 8.80 -16.64 -37.78
N ARG B 107 9.64 -16.31 -36.82
CA ARG B 107 10.11 -14.96 -36.58
C ARG B 107 11.61 -15.00 -36.34
N PRO B 108 12.32 -13.89 -36.61
CA PRO B 108 13.70 -13.80 -36.14
C PRO B 108 13.74 -13.56 -34.64
N ASP B 109 14.68 -14.23 -33.98
CA ASP B 109 14.80 -14.19 -32.53
C ASP B 109 15.73 -13.05 -32.10
N LEU B 110 15.35 -11.83 -32.46
CA LEU B 110 16.15 -10.67 -32.08
C LEU B 110 16.20 -10.54 -30.56
N VAL B 111 17.40 -10.31 -30.05
CA VAL B 111 17.66 -10.20 -28.63
C VAL B 111 18.48 -8.95 -28.38
N LEU B 112 18.13 -8.21 -27.34
CA LEU B 112 18.96 -7.11 -26.88
C LEU B 112 20.18 -7.70 -26.18
N TYR B 113 21.32 -7.71 -26.88
CA TYR B 113 22.51 -8.37 -26.35
C TYR B 113 22.98 -7.71 -25.06
N ASN B 114 22.91 -6.37 -25.00
CA ASN B 114 23.37 -5.61 -23.84
C ASN B 114 22.21 -5.25 -22.91
N ASN B 115 21.22 -6.12 -22.81
CA ASN B 115 20.14 -5.93 -21.85
C ASN B 115 20.68 -5.96 -20.43
N ALA B 116 20.26 -4.98 -19.62
CA ALA B 116 20.75 -4.92 -18.23
C ALA B 116 19.94 -5.84 -17.33
N ASP B 117 18.65 -5.52 -17.12
CA ASP B 117 17.79 -6.35 -16.28
C ASP B 117 16.36 -6.44 -16.78
N GLY B 118 16.10 -6.15 -18.05
CA GLY B 118 14.78 -6.22 -18.63
C GLY B 118 14.55 -7.51 -19.39
N ASP B 119 13.71 -7.43 -20.41
CA ASP B 119 13.45 -8.58 -21.28
C ASP B 119 14.50 -8.64 -22.38
N PHE B 120 15.03 -9.84 -22.61
CA PHE B 120 16.04 -10.02 -23.65
C PHE B 120 15.44 -9.90 -25.04
N ALA B 121 14.28 -10.53 -25.26
CA ALA B 121 13.64 -10.61 -26.56
C ALA B 121 12.25 -9.97 -26.48
N ILE B 122 11.51 -10.05 -27.59
CA ILE B 122 10.15 -9.53 -27.65
C ILE B 122 9.23 -10.46 -26.87
N VAL B 123 8.39 -9.87 -26.02
CA VAL B 123 7.39 -10.60 -25.27
C VAL B 123 5.97 -10.27 -25.72
N LYS B 124 5.72 -9.06 -26.24
CA LYS B 124 4.40 -8.66 -26.72
C LYS B 124 4.27 -9.09 -28.16
N PHE B 125 3.61 -10.23 -28.38
CA PHE B 125 3.52 -10.84 -29.70
C PHE B 125 2.28 -10.29 -30.41
N THR B 126 2.46 -9.10 -31.00
CA THR B 126 1.41 -8.46 -31.78
C THR B 126 1.23 -9.17 -33.12
N LYS B 127 0.20 -8.77 -33.85
CA LYS B 127 -0.07 -9.33 -35.15
C LYS B 127 0.89 -8.76 -36.19
N VAL B 128 1.12 -9.53 -37.26
CA VAL B 128 2.00 -9.15 -38.35
C VAL B 128 1.15 -8.84 -39.57
N LEU B 129 1.62 -7.88 -40.36
CA LEU B 129 0.95 -7.50 -41.61
C LEU B 129 1.58 -8.30 -42.75
N LEU B 130 0.79 -9.21 -43.33
CA LEU B 130 1.26 -10.13 -44.34
C LEU B 130 0.67 -9.75 -45.69
N GLN B 131 1.54 -9.46 -46.66
CA GLN B 131 1.12 -9.14 -48.01
C GLN B 131 1.01 -10.42 -48.84
N TYR B 132 0.34 -10.32 -49.99
CA TYR B 132 0.24 -11.46 -50.90
C TYR B 132 1.60 -11.84 -51.48
N THR B 133 2.55 -10.91 -51.51
CA THR B 133 3.90 -11.20 -51.98
C THR B 133 4.71 -12.01 -50.98
N GLY B 134 4.20 -12.25 -49.78
CA GLY B 134 4.94 -12.90 -48.72
C GLY B 134 5.69 -11.95 -47.81
N HIS B 135 5.70 -10.66 -48.10
CA HIS B 135 6.38 -9.71 -47.24
C HIS B 135 5.65 -9.56 -45.92
N ILE B 136 6.33 -9.88 -44.83
CA ILE B 136 5.80 -9.77 -43.48
C ILE B 136 6.36 -8.52 -42.84
N THR B 137 5.49 -7.76 -42.18
CA THR B 137 5.88 -6.60 -41.40
C THR B 137 5.40 -6.78 -39.97
N TRP B 138 6.33 -6.73 -39.03
CA TRP B 138 6.04 -6.94 -37.61
C TRP B 138 6.67 -5.79 -36.83
N THR B 139 5.86 -5.08 -36.05
CA THR B 139 6.28 -3.89 -35.33
C THR B 139 5.82 -3.99 -33.87
N PRO B 140 6.39 -4.93 -33.11
CA PRO B 140 5.95 -5.11 -31.73
C PRO B 140 6.43 -3.96 -30.86
N PRO B 141 5.73 -3.67 -29.76
CA PRO B 141 6.27 -2.74 -28.77
C PRO B 141 7.25 -3.45 -27.84
N ALA B 142 8.17 -2.67 -27.29
CA ALA B 142 9.15 -3.21 -26.35
C ALA B 142 9.58 -2.11 -25.41
N ILE B 143 10.08 -2.53 -24.25
CA ILE B 143 10.71 -1.65 -23.28
C ILE B 143 12.11 -2.20 -23.06
N PHE B 144 13.10 -1.58 -23.71
CA PHE B 144 14.48 -2.02 -23.64
C PHE B 144 15.17 -1.38 -22.45
N LYS B 145 15.65 -2.19 -21.51
CA LYS B 145 16.50 -1.70 -20.41
C LYS B 145 17.89 -2.15 -20.86
N SER B 146 18.79 -1.25 -21.22
CA SER B 146 20.11 -1.59 -21.80
C SER B 146 21.20 -1.17 -20.82
N TYR B 147 22.38 -1.78 -20.90
CA TYR B 147 23.53 -1.43 -20.05
C TYR B 147 24.35 -0.38 -20.80
N CYS B 148 24.42 0.85 -20.29
CA CYS B 148 25.18 1.96 -20.92
C CYS B 148 26.27 2.41 -19.94
N GLU B 149 27.54 2.30 -20.32
CA GLU B 149 28.66 2.82 -19.48
C GLU B 149 28.39 4.31 -19.24
N ILE B 150 28.28 4.73 -17.98
CA ILE B 150 27.97 6.15 -17.62
C ILE B 150 29.27 6.83 -17.21
N ILE B 151 29.73 7.84 -17.96
CA ILE B 151 30.89 8.65 -17.60
C ILE B 151 30.37 9.83 -16.79
N VAL B 152 30.66 9.82 -15.50
CA VAL B 152 30.22 10.87 -14.59
C VAL B 152 31.29 11.95 -14.41
N THR B 153 32.27 12.01 -15.31
CA THR B 153 33.37 12.95 -15.14
C THR B 153 32.89 14.39 -15.15
N HIS B 154 31.96 14.72 -16.08
CA HIS B 154 31.44 16.07 -16.24
C HIS B 154 30.01 16.21 -15.72
N PHE B 155 29.56 15.30 -14.86
CA PHE B 155 28.23 15.40 -14.30
C PHE B 155 28.10 16.71 -13.50
N PRO B 156 26.99 17.46 -13.63
CA PRO B 156 25.76 17.24 -14.39
C PRO B 156 25.79 17.78 -15.82
N PHE B 157 26.96 18.17 -16.33
CA PHE B 157 27.11 18.63 -17.71
C PHE B 157 27.64 17.53 -18.60
N ASP B 158 27.25 16.29 -18.31
CA ASP B 158 27.82 15.12 -18.97
C ASP B 158 27.04 14.78 -20.25
N GLU B 159 27.72 14.14 -21.21
CA GLU B 159 27.09 13.68 -22.47
C GLU B 159 27.25 12.16 -22.49
N GLN B 160 26.17 11.38 -22.67
CA GLN B 160 26.21 9.90 -22.55
C GLN B 160 25.90 9.17 -23.86
N ASN B 161 26.86 8.42 -24.40
CA ASN B 161 26.67 7.64 -25.65
C ASN B 161 26.14 6.25 -25.28
N CYS B 162 24.82 6.08 -25.23
CA CYS B 162 24.17 4.81 -24.81
C CYS B 162 23.71 4.04 -26.05
N SER B 163 24.13 2.79 -26.22
CA SER B 163 23.84 1.97 -27.43
C SER B 163 22.82 0.88 -27.12
N MET B 164 22.31 0.21 -28.14
CA MET B 164 21.37 -0.92 -28.01
C MET B 164 21.79 -1.95 -29.05
N LYS B 165 22.42 -3.06 -28.65
CA LYS B 165 22.93 -4.06 -29.57
C LYS B 165 21.84 -5.10 -29.82
N LEU B 166 21.50 -5.33 -31.08
CA LEU B 166 20.44 -6.24 -31.49
C LEU B 166 20.99 -7.27 -32.45
N GLY B 167 20.53 -8.51 -32.31
CA GLY B 167 20.95 -9.57 -33.19
C GLY B 167 20.18 -10.84 -32.92
N THR B 168 20.22 -11.74 -33.90
CA THR B 168 19.56 -13.03 -33.75
C THR B 168 20.39 -13.89 -32.79
N TRP B 169 19.73 -14.37 -31.72
CA TRP B 169 20.46 -15.09 -30.69
C TRP B 169 20.99 -16.43 -31.21
N THR B 170 20.16 -17.21 -31.88
CA THR B 170 20.48 -18.58 -32.26
C THR B 170 20.70 -18.78 -33.74
N TYR B 171 20.70 -17.71 -34.54
CA TYR B 171 20.94 -17.78 -35.98
C TYR B 171 22.16 -16.93 -36.33
N ASP B 172 23.05 -17.49 -37.13
CA ASP B 172 24.24 -16.78 -37.59
C ASP B 172 23.96 -16.11 -38.94
N GLY B 173 24.93 -15.33 -39.40
CA GLY B 173 24.76 -14.56 -40.62
C GLY B 173 24.62 -15.41 -41.87
N SER B 174 25.01 -16.68 -41.81
CA SER B 174 24.91 -17.56 -42.97
C SER B 174 23.53 -18.16 -43.15
N VAL B 175 22.62 -18.01 -42.19
CA VAL B 175 21.26 -18.50 -42.28
C VAL B 175 20.23 -17.38 -42.20
N VAL B 176 20.48 -16.37 -41.36
CA VAL B 176 19.60 -15.22 -41.22
C VAL B 176 20.47 -13.98 -41.23
N ALA B 177 20.33 -13.17 -42.28
CA ALA B 177 21.07 -11.90 -42.40
C ALA B 177 20.17 -10.74 -42.01
N ILE B 178 20.73 -9.81 -41.25
CA ILE B 178 20.02 -8.62 -40.78
C ILE B 178 20.68 -7.38 -41.36
N ASN B 179 19.87 -6.42 -41.78
CA ASN B 179 20.32 -5.15 -42.31
C ASN B 179 19.50 -4.03 -41.69
N PRO B 180 20.06 -2.83 -41.50
CA PRO B 180 19.23 -1.72 -41.03
C PRO B 180 18.25 -1.26 -42.09
N GLU B 181 17.08 -0.81 -41.62
CA GLU B 181 16.12 -0.17 -42.51
C GLU B 181 16.60 1.21 -42.96
N SER B 182 17.23 1.95 -42.06
CA SER B 182 17.71 3.30 -42.36
C SER B 182 19.02 3.50 -41.62
N ASP B 183 19.76 4.52 -42.06
CA ASP B 183 21.04 4.83 -41.42
C ASP B 183 20.86 5.25 -39.97
N GLN B 184 19.82 6.03 -39.68
CA GLN B 184 19.56 6.61 -38.37
C GLN B 184 18.30 5.99 -37.79
N PRO B 185 18.13 6.01 -36.46
CA PRO B 185 16.86 5.56 -35.89
C PRO B 185 15.72 6.49 -36.24
N ASP B 186 14.51 5.94 -36.22
CA ASP B 186 13.30 6.71 -36.51
C ASP B 186 12.87 7.42 -35.23
N LEU B 187 12.96 8.75 -35.23
CA LEU B 187 12.64 9.59 -34.07
C LEU B 187 11.44 10.50 -34.33
N SER B 188 10.62 10.18 -35.33
CA SER B 188 9.49 11.03 -35.67
C SER B 188 8.47 11.08 -34.54
N ASN B 189 8.21 9.93 -33.89
CA ASN B 189 7.24 9.83 -32.82
C ASN B 189 7.90 9.91 -31.44
N PHE B 190 8.98 10.67 -31.32
CA PHE B 190 9.73 10.74 -30.07
C PHE B 190 9.09 11.78 -29.16
N MET B 191 8.75 11.38 -27.94
CA MET B 191 8.23 12.32 -26.96
C MET B 191 9.38 13.12 -26.36
N GLU B 192 9.12 14.38 -26.04
CA GLU B 192 10.15 15.24 -25.48
C GLU B 192 10.57 14.73 -24.11
N SER B 193 11.88 14.74 -23.87
CA SER B 193 12.46 14.31 -22.60
C SER B 193 12.78 15.54 -21.77
N GLY B 194 12.39 15.49 -20.49
CA GLY B 194 12.65 16.59 -19.58
C GLY B 194 14.01 16.57 -18.92
N GLU B 195 14.88 15.63 -19.30
CA GLU B 195 16.21 15.50 -18.69
C GLU B 195 17.33 15.35 -19.70
N TRP B 196 17.05 14.94 -20.93
CA TRP B 196 18.08 14.64 -21.92
C TRP B 196 17.69 15.20 -23.27
N VAL B 197 18.71 15.55 -24.06
CA VAL B 197 18.54 15.97 -25.44
C VAL B 197 19.41 15.06 -26.30
N ILE B 198 18.82 14.45 -27.31
CA ILE B 198 19.52 13.51 -28.19
C ILE B 198 20.22 14.34 -29.26
N LYS B 199 21.54 14.51 -29.11
CA LYS B 199 22.30 15.31 -30.06
C LYS B 199 22.51 14.56 -31.37
N GLU B 200 22.77 13.25 -31.28
CA GLU B 200 23.11 12.46 -32.45
C GLU B 200 22.62 11.04 -32.25
N SER B 201 22.30 10.37 -33.36
CA SER B 201 21.84 8.99 -33.32
C SER B 201 22.21 8.32 -34.64
N ARG B 202 22.71 7.09 -34.59
CA ARG B 202 23.15 6.39 -35.81
C ARG B 202 23.16 4.89 -35.56
N GLY B 203 22.77 4.09 -36.53
CA GLY B 203 22.71 2.64 -36.47
C GLY B 203 23.71 1.99 -37.41
N TRP B 204 24.56 1.12 -36.87
CA TRP B 204 25.66 0.51 -37.62
C TRP B 204 25.53 -1.01 -37.55
N LYS B 205 25.71 -1.66 -38.70
CA LYS B 205 25.77 -3.12 -38.76
C LYS B 205 27.21 -3.58 -38.57
N HIS B 206 27.37 -4.69 -37.86
CA HIS B 206 28.68 -5.24 -37.55
C HIS B 206 28.68 -6.73 -37.86
N SER B 207 29.83 -7.23 -38.32
CA SER B 207 30.02 -8.64 -38.65
C SER B 207 31.23 -9.16 -37.91
N VAL B 208 31.06 -10.29 -37.24
CA VAL B 208 32.10 -10.89 -36.40
C VAL B 208 32.29 -12.34 -36.84
N THR B 209 33.55 -12.72 -37.04
CA THR B 209 33.92 -14.10 -37.34
C THR B 209 34.99 -14.55 -36.36
N TYR B 210 34.76 -15.68 -35.72
CA TYR B 210 35.71 -16.29 -34.81
C TYR B 210 36.50 -17.37 -35.53
N SER B 211 37.72 -17.63 -35.05
CA SER B 211 38.58 -18.59 -35.71
C SER B 211 38.00 -20.00 -35.68
N CYS B 212 37.19 -20.32 -34.67
CA CYS B 212 36.61 -21.65 -34.57
C CYS B 212 35.70 -21.96 -35.75
N CYS B 213 34.85 -21.00 -36.13
CA CYS B 213 33.86 -21.17 -37.19
C CYS B 213 33.98 -20.00 -38.16
N PRO B 214 35.00 -20.01 -39.04
CA PRO B 214 35.18 -18.88 -39.96
C PRO B 214 34.08 -18.75 -41.00
N ASP B 215 33.28 -19.79 -41.23
CA ASP B 215 32.28 -19.81 -42.28
C ASP B 215 30.86 -19.53 -41.78
N THR B 216 30.71 -19.11 -40.52
CA THR B 216 29.41 -18.76 -39.94
C THR B 216 29.56 -17.42 -39.23
N PRO B 217 29.61 -16.31 -39.98
CA PRO B 217 29.76 -15.01 -39.33
C PRO B 217 28.55 -14.64 -38.51
N TYR B 218 28.78 -13.87 -37.46
CA TYR B 218 27.75 -13.45 -36.51
C TYR B 218 27.53 -11.96 -36.67
N LEU B 219 26.27 -11.57 -36.86
CA LEU B 219 25.88 -10.21 -37.21
C LEU B 219 25.14 -9.55 -36.05
N ASP B 220 25.20 -8.23 -36.03
CA ASP B 220 24.44 -7.44 -35.07
C ASP B 220 24.26 -6.03 -35.64
N ILE B 221 23.23 -5.35 -35.15
CA ILE B 221 22.97 -3.95 -35.48
C ILE B 221 22.97 -3.19 -34.16
N THR B 222 23.81 -2.16 -34.07
CA THR B 222 24.00 -1.37 -32.86
C THR B 222 23.51 0.05 -33.11
N TYR B 223 22.43 0.43 -32.42
CA TYR B 223 21.86 1.79 -32.48
C TYR B 223 22.43 2.57 -31.32
N HIS B 224 23.18 3.63 -31.59
CA HIS B 224 23.82 4.47 -30.54
C HIS B 224 23.06 5.78 -30.46
N PHE B 225 22.93 6.37 -29.27
CA PHE B 225 22.23 7.66 -29.07
C PHE B 225 23.11 8.54 -28.19
N VAL B 226 23.73 9.57 -28.75
CA VAL B 226 24.52 10.54 -27.96
C VAL B 226 23.48 11.45 -27.30
N MET B 227 23.45 11.52 -25.96
CA MET B 227 22.45 12.29 -25.20
C MET B 227 23.18 13.32 -24.35
N GLN B 228 22.63 14.52 -24.20
CA GLN B 228 23.26 15.61 -23.41
C GLN B 228 22.29 15.98 -22.29
N ARG B 229 22.72 15.86 -21.04
CA ARG B 229 21.87 16.11 -19.90
C ARG B 229 21.45 17.58 -19.87
N LEU B 230 20.23 17.83 -19.40
CA LEU B 230 19.76 19.18 -19.14
C LEU B 230 20.08 19.51 -17.68
N PRO B 231 21.05 20.39 -17.41
CA PRO B 231 21.53 20.54 -16.02
C PRO B 231 20.82 21.59 -15.18
N LEU B 232 19.68 22.12 -15.62
CA LEU B 232 19.04 23.21 -14.87
C LEU B 232 18.60 22.75 -13.49
N TYR B 233 18.09 21.52 -13.39
CA TYR B 233 17.62 21.01 -12.10
C TYR B 233 18.76 20.97 -11.08
N PHE B 234 19.91 20.43 -11.48
CA PHE B 234 21.04 20.34 -10.57
C PHE B 234 21.66 21.71 -10.31
N ILE B 235 21.65 22.60 -11.30
CA ILE B 235 22.14 23.95 -11.07
C ILE B 235 21.30 24.65 -10.00
N VAL B 236 19.98 24.52 -10.10
CA VAL B 236 19.10 25.18 -9.15
C VAL B 236 19.23 24.55 -7.77
N ASN B 237 19.21 23.21 -7.71
CA ASN B 237 19.09 22.51 -6.44
C ASN B 237 20.42 22.19 -5.78
N VAL B 238 21.47 21.95 -6.56
CA VAL B 238 22.75 21.48 -6.04
C VAL B 238 23.80 22.59 -6.02
N ILE B 239 24.04 23.24 -7.17
CA ILE B 239 25.20 24.11 -7.29
C ILE B 239 24.98 25.42 -6.54
N ILE B 240 23.80 26.02 -6.66
CA ILE B 240 23.58 27.35 -6.08
C ILE B 240 23.70 27.36 -4.56
N PRO B 241 23.12 26.41 -3.82
CA PRO B 241 23.38 26.38 -2.37
C PRO B 241 24.85 26.22 -2.03
N CYS B 242 25.60 25.42 -2.79
CA CYS B 242 27.03 25.30 -2.54
C CYS B 242 27.74 26.64 -2.77
N LEU B 243 27.34 27.37 -3.81
CA LEU B 243 27.93 28.68 -4.05
C LEU B 243 27.63 29.63 -2.90
N LEU B 244 26.40 29.59 -2.39
CA LEU B 244 26.03 30.46 -1.28
C LEU B 244 26.84 30.13 -0.03
N PHE B 245 27.00 28.83 0.26
CA PHE B 245 27.80 28.44 1.42
C PHE B 245 29.26 28.82 1.24
N SER B 246 29.80 28.66 0.02
CA SER B 246 31.18 29.05 -0.24
C SER B 246 31.37 30.55 -0.04
N PHE B 247 30.40 31.35 -0.48
CA PHE B 247 30.48 32.79 -0.26
C PHE B 247 30.41 33.13 1.23
N LEU B 248 29.50 32.48 1.96
CA LEU B 248 29.36 32.74 3.38
C LEU B 248 30.58 32.27 4.18
N THR B 249 31.36 31.34 3.63
CA THR B 249 32.55 30.88 4.33
C THR B 249 33.53 32.02 4.60
N GLY B 250 33.73 32.90 3.62
CA GLY B 250 34.71 33.96 3.77
C GLY B 250 34.28 35.14 4.60
N LEU B 251 32.98 35.27 4.89
CA LEU B 251 32.50 36.43 5.65
C LEU B 251 32.83 36.35 7.13
N VAL B 252 33.22 35.18 7.64
CA VAL B 252 33.59 35.08 9.04
C VAL B 252 34.84 35.91 9.33
N PHE B 253 35.70 36.08 8.32
CA PHE B 253 36.93 36.85 8.50
C PHE B 253 36.69 38.35 8.51
N TYR B 254 35.48 38.82 8.20
CA TYR B 254 35.09 40.20 8.42
C TYR B 254 34.37 40.43 9.73
N LEU B 255 34.02 39.37 10.46
CA LEU B 255 33.35 39.52 11.74
C LEU B 255 34.37 39.96 12.81
N PRO B 256 33.99 40.84 13.74
CA PRO B 256 34.87 41.09 14.87
C PRO B 256 34.97 39.87 15.78
N THR B 257 36.13 39.75 16.45
CA THR B 257 36.31 38.66 17.40
C THR B 257 35.50 38.89 18.66
N ASP B 258 35.34 40.15 19.08
CA ASP B 258 34.60 40.45 20.29
C ASP B 258 33.11 40.20 20.16
N SER B 259 32.60 39.98 18.95
CA SER B 259 31.18 39.68 18.78
C SER B 259 30.82 38.31 19.33
N GLY B 260 31.77 37.38 19.33
CA GLY B 260 31.47 36.02 19.76
C GLY B 260 30.51 35.31 18.84
N GLU B 261 30.59 35.56 17.54
CA GLU B 261 29.73 34.94 16.54
C GLU B 261 30.48 34.32 15.38
N LYS B 262 31.81 34.40 15.36
CA LYS B 262 32.57 33.80 14.27
C LYS B 262 32.38 32.30 14.24
N MET B 263 32.56 31.64 15.39
CA MET B 263 32.39 30.20 15.45
C MET B 263 30.96 29.81 15.16
N THR B 264 29.99 30.61 15.62
CA THR B 264 28.59 30.33 15.35
C THR B 264 28.32 30.32 13.85
N LEU B 265 28.75 31.37 13.14
CA LEU B 265 28.57 31.43 11.70
C LEU B 265 29.24 30.27 10.99
N SER B 266 30.52 30.02 11.29
CA SER B 266 31.24 29.00 10.54
C SER B 266 30.71 27.61 10.84
N ILE B 267 30.37 27.34 12.10
CA ILE B 267 29.81 26.05 12.47
C ILE B 267 28.45 25.84 11.83
N SER B 268 27.63 26.90 11.76
CA SER B 268 26.33 26.76 11.12
C SER B 268 26.46 26.53 9.62
N VAL B 269 27.45 27.16 8.99
CA VAL B 269 27.70 26.88 7.57
C VAL B 269 28.12 25.41 7.39
N LEU B 270 28.95 24.90 8.30
CA LEU B 270 29.35 23.50 8.24
C LEU B 270 28.14 22.58 8.43
N LEU B 271 27.25 22.92 9.36
CA LEU B 271 26.06 22.10 9.59
C LEU B 271 25.13 22.15 8.39
N SER B 272 25.01 23.31 7.75
CA SER B 272 24.21 23.42 6.54
C SER B 272 24.78 22.53 5.44
N LEU B 273 26.09 22.53 5.28
CA LEU B 273 26.70 21.67 4.27
C LEU B 273 26.50 20.20 4.62
N THR B 274 26.56 19.87 5.91
CA THR B 274 26.32 18.48 6.35
C THR B 274 24.89 18.04 6.04
N VAL B 275 23.92 18.92 6.27
CA VAL B 275 22.54 18.59 5.90
C VAL B 275 22.43 18.48 4.38
N PHE B 276 23.19 19.30 3.66
CA PHE B 276 23.16 19.31 2.21
C PHE B 276 23.76 18.02 1.63
N LEU B 277 24.60 17.34 2.39
CA LEU B 277 25.04 16.00 1.97
C LEU B 277 23.88 15.08 1.68
N LEU B 278 22.77 15.21 2.41
CA LEU B 278 21.63 14.33 2.17
C LEU B 278 21.07 14.54 0.77
N VAL B 279 20.87 15.80 0.37
CA VAL B 279 20.31 16.05 -0.95
C VAL B 279 21.30 15.60 -2.03
N ILE B 280 22.59 15.85 -1.80
CA ILE B 280 23.58 15.45 -2.81
C ILE B 280 23.63 13.94 -2.95
N VAL B 281 23.68 13.20 -1.84
CA VAL B 281 23.85 11.76 -1.94
C VAL B 281 22.61 11.11 -2.54
N GLU B 282 21.41 11.63 -2.22
CA GLU B 282 20.23 11.09 -2.89
C GLU B 282 20.18 11.47 -4.37
N LEU B 283 20.86 12.56 -4.76
CA LEU B 283 20.89 13.00 -6.16
C LEU B 283 22.10 12.50 -6.94
N ILE B 284 23.26 12.39 -6.30
CA ILE B 284 24.51 12.09 -7.01
C ILE B 284 24.51 10.62 -7.44
N PRO B 285 25.20 10.24 -8.52
CA PRO B 285 25.37 8.80 -8.80
C PRO B 285 26.37 8.19 -7.83
N SER B 286 25.99 7.05 -7.25
CA SER B 286 26.85 6.33 -6.31
C SER B 286 27.72 5.33 -7.09
N THR B 287 28.67 5.88 -7.83
CA THR B 287 29.62 5.12 -8.63
C THR B 287 31.03 5.60 -8.34
N SER B 288 31.99 4.67 -8.46
CA SER B 288 33.38 4.92 -8.11
C SER B 288 34.30 4.93 -9.32
N SER B 289 33.74 5.00 -10.54
CA SER B 289 34.59 5.09 -11.73
C SER B 289 35.36 6.41 -11.75
N ALA B 290 34.71 7.50 -11.34
CA ALA B 290 35.35 8.80 -11.27
C ALA B 290 34.51 9.68 -10.34
N VAL B 291 35.11 10.80 -9.94
CA VAL B 291 34.44 11.74 -9.04
C VAL B 291 33.49 12.61 -9.86
N PRO B 292 32.20 12.68 -9.54
CA PRO B 292 31.35 13.67 -10.23
C PRO B 292 31.80 15.09 -9.95
N LEU B 293 31.52 15.97 -10.90
CA LEU B 293 32.01 17.34 -10.84
C LEU B 293 31.42 18.08 -9.64
N ILE B 294 30.13 17.90 -9.39
CA ILE B 294 29.50 18.48 -8.20
C ILE B 294 30.16 17.90 -6.95
N GLY B 295 30.53 16.63 -6.99
CA GLY B 295 31.25 16.05 -5.86
C GLY B 295 32.57 16.74 -5.60
N LYS B 296 33.31 17.06 -6.66
CA LYS B 296 34.55 17.82 -6.50
C LYS B 296 34.27 19.19 -5.92
N TYR B 297 33.22 19.86 -6.38
CA TYR B 297 32.94 21.20 -5.88
C TYR B 297 32.57 21.17 -4.40
N MET B 298 31.79 20.17 -3.98
CA MET B 298 31.42 20.10 -2.58
C MET B 298 32.61 19.68 -1.71
N LEU B 299 33.48 18.82 -2.22
CA LEU B 299 34.70 18.51 -1.48
C LEU B 299 35.54 19.77 -1.29
N PHE B 300 35.63 20.59 -2.34
CA PHE B 300 36.30 21.89 -2.25
C PHE B 300 35.68 22.74 -1.15
N THR B 301 34.35 22.87 -1.16
CA THR B 301 33.67 23.71 -0.17
C THR B 301 33.87 23.19 1.25
N MET B 302 33.73 21.88 1.45
CA MET B 302 33.91 21.30 2.78
C MET B 302 35.32 21.50 3.29
N VAL B 303 36.32 21.22 2.45
CA VAL B 303 37.70 21.33 2.88
C VAL B 303 38.01 22.77 3.26
N PHE B 304 37.54 23.73 2.46
CA PHE B 304 37.91 25.11 2.73
C PHE B 304 37.07 25.75 3.84
N VAL B 305 35.85 25.29 4.10
CA VAL B 305 35.17 25.78 5.31
C VAL B 305 35.81 25.20 6.56
N ILE B 306 36.28 23.95 6.50
CA ILE B 306 37.01 23.39 7.63
C ILE B 306 38.30 24.18 7.87
N ALA B 307 39.02 24.50 6.79
CA ALA B 307 40.23 25.30 6.91
C ALA B 307 39.91 26.69 7.44
N SER B 308 38.80 27.28 7.00
CA SER B 308 38.39 28.58 7.49
C SER B 308 38.14 28.56 8.98
N ILE B 309 37.53 27.47 9.48
CA ILE B 309 37.23 27.39 10.90
C ILE B 309 38.52 27.21 11.69
N ILE B 310 39.44 26.38 11.19
CA ILE B 310 40.73 26.20 11.87
C ILE B 310 41.44 27.54 11.99
N ILE B 311 41.47 28.28 10.88
CA ILE B 311 42.15 29.57 10.88
C ILE B 311 41.40 30.57 11.76
N THR B 312 40.06 30.45 11.83
CA THR B 312 39.29 31.30 12.72
C THR B 312 39.63 31.04 14.17
N VAL B 313 39.80 29.76 14.53
CA VAL B 313 40.20 29.43 15.90
C VAL B 313 41.57 30.02 16.21
N ILE B 314 42.49 29.93 15.25
CA ILE B 314 43.82 30.51 15.44
C ILE B 314 43.72 32.02 15.61
N VAL B 315 42.87 32.66 14.81
CA VAL B 315 42.70 34.11 14.89
C VAL B 315 42.11 34.52 16.23
N ILE B 316 41.10 33.78 16.71
CA ILE B 316 40.49 34.08 18.00
C ILE B 316 41.51 33.91 19.12
N ASN B 317 42.30 32.84 19.05
CA ASN B 317 43.35 32.61 20.04
C ASN B 317 44.34 33.76 20.05
N THR B 318 44.76 34.23 18.88
CA THR B 318 45.69 35.36 18.81
C THR B 318 45.04 36.62 19.36
N HIS B 319 43.76 36.83 19.07
CA HIS B 319 43.06 38.02 19.54
C HIS B 319 42.99 38.06 21.06
N HIS B 320 42.76 36.91 21.68
CA HIS B 320 42.56 36.86 23.13
C HIS B 320 43.85 36.79 23.93
N ARG B 321 45.01 36.86 23.28
CA ARG B 321 46.27 36.83 24.01
C ARG B 321 46.46 38.08 24.86
N SER B 322 47.27 37.94 25.90
CA SER B 322 47.49 38.99 26.89
C SER B 322 48.94 38.90 27.33
N PRO B 323 49.53 39.99 27.84
CA PRO B 323 50.90 39.88 28.37
C PRO B 323 51.04 38.96 29.55
N SER B 324 49.94 38.66 30.26
CA SER B 324 49.97 37.73 31.37
C SER B 324 50.02 36.26 30.92
N THR B 325 49.89 35.99 29.61
CA THR B 325 49.88 34.63 29.10
C THR B 325 50.99 34.42 28.08
N HIS B 326 51.27 35.43 27.25
CA HIS B 326 52.27 35.35 26.20
C HIS B 326 53.08 36.64 26.17
N VAL B 327 54.18 36.59 25.42
CA VAL B 327 54.99 37.75 25.10
C VAL B 327 55.12 37.80 23.59
N MET B 328 54.86 38.96 23.01
CA MET B 328 54.85 39.06 21.55
C MET B 328 56.28 38.90 21.04
N PRO B 329 56.57 37.94 20.17
CA PRO B 329 57.92 37.89 19.59
C PRO B 329 58.18 39.11 18.72
N ASN B 330 59.46 39.45 18.62
CA ASN B 330 59.86 40.58 17.79
C ASN B 330 59.46 40.37 16.32
N TRP B 331 59.57 39.13 15.84
CA TRP B 331 59.30 38.89 14.42
C TRP B 331 57.82 39.05 14.11
N VAL B 332 56.94 38.67 15.05
CA VAL B 332 55.50 38.86 14.83
C VAL B 332 55.19 40.33 14.67
N ARG B 333 55.77 41.17 15.53
CA ARG B 333 55.58 42.61 15.42
C ARG B 333 56.12 43.12 14.09
N LYS B 334 57.29 42.65 13.68
CA LYS B 334 57.89 43.16 12.45
C LYS B 334 57.07 42.81 11.21
N VAL B 335 56.56 41.58 11.14
CA VAL B 335 55.73 41.22 9.98
C VAL B 335 54.39 41.92 10.03
N PHE B 336 53.70 41.93 11.17
CA PHE B 336 52.28 42.30 11.18
C PHE B 336 52.00 43.76 11.52
N ILE B 337 52.86 44.44 12.28
CA ILE B 337 52.59 45.81 12.71
C ILE B 337 53.35 46.79 11.82
N ASP B 338 54.51 46.37 11.32
CA ASP B 338 55.43 47.27 10.61
C ASP B 338 55.29 47.17 9.10
N THR B 339 55.43 45.97 8.54
CA THR B 339 55.56 45.83 7.09
C THR B 339 54.19 45.71 6.41
N ILE B 340 53.35 44.79 6.87
CA ILE B 340 52.12 44.47 6.14
C ILE B 340 51.17 45.66 6.06
N PRO B 341 50.87 46.39 7.15
CA PRO B 341 50.01 47.57 7.00
C PRO B 341 50.57 48.63 6.05
N ASN B 342 51.89 48.76 5.94
CA ASN B 342 52.46 49.74 5.02
C ASN B 342 52.13 49.39 3.56
N ILE B 343 51.91 48.12 3.26
CA ILE B 343 51.51 47.67 1.93
C ILE B 343 50.01 47.38 1.90
N MET B 344 49.26 48.03 2.80
CA MET B 344 47.81 47.94 2.86
C MET B 344 47.27 49.38 2.91
N PHE B 345 45.98 49.51 3.20
CA PHE B 345 45.38 50.84 3.23
C PHE B 345 45.95 51.71 4.35
N PHE B 346 46.37 51.09 5.45
CA PHE B 346 46.97 51.77 6.60
C PHE B 346 46.01 52.76 7.26
N SER B 347 44.70 52.54 7.14
CA SER B 347 43.75 53.41 7.83
C SER B 347 43.79 53.21 9.33
N THR B 348 44.35 52.09 9.80
CA THR B 348 44.37 51.76 11.22
C THR B 348 45.62 52.31 11.89
N MET B 349 45.43 53.10 12.95
CA MET B 349 46.55 53.52 13.79
C MET B 349 46.66 52.62 15.01
N LYS B 350 47.84 52.63 15.62
CA LYS B 350 48.14 51.76 16.76
C LYS B 350 47.79 52.46 18.06
N LEU B 386 50.32 65.52 61.29
CA LEU B 386 49.46 65.10 60.19
C LEU B 386 50.21 64.16 59.25
N ILE B 387 51.49 64.45 59.02
CA ILE B 387 52.31 63.58 58.18
C ILE B 387 52.56 62.25 58.87
N LYS B 388 52.73 62.26 60.18
CA LYS B 388 53.01 61.03 60.93
C LYS B 388 51.77 60.18 61.18
N HIS B 389 50.57 60.69 60.85
CA HIS B 389 49.36 59.94 61.13
C HIS B 389 49.32 58.68 60.26
N PRO B 390 48.93 57.51 60.82
CA PRO B 390 48.86 56.31 59.97
C PRO B 390 47.83 56.43 58.86
N GLU B 391 46.70 57.09 59.11
CA GLU B 391 45.65 57.18 58.10
C GLU B 391 46.11 57.96 56.89
N VAL B 392 46.78 59.10 57.11
CA VAL B 392 47.24 59.91 55.98
C VAL B 392 48.29 59.17 55.17
N LYS B 393 49.24 58.52 55.86
CA LYS B 393 50.27 57.77 55.15
C LYS B 393 49.65 56.66 54.32
N SER B 394 48.69 55.94 54.90
CA SER B 394 47.98 54.92 54.14
C SER B 394 47.26 55.53 52.94
N ALA B 395 46.73 56.75 53.10
CA ALA B 395 46.01 57.38 51.99
C ALA B 395 46.95 57.71 50.84
N ILE B 396 48.10 58.32 51.12
CA ILE B 396 49.02 58.67 50.03
C ILE B 396 49.60 57.41 49.39
N GLU B 397 49.95 56.42 50.22
CA GLU B 397 50.45 55.18 49.65
C GLU B 397 49.39 54.49 48.80
N GLY B 398 48.12 54.59 49.20
CA GLY B 398 47.05 54.03 48.40
C GLY B 398 46.85 54.76 47.09
N ILE B 399 46.98 56.08 47.11
CA ILE B 399 46.85 56.85 45.86
C ILE B 399 47.98 56.47 44.91
N LYS B 400 49.19 56.33 45.44
CA LYS B 400 50.30 55.87 44.60
C LYS B 400 50.05 54.47 44.08
N TYR B 401 49.49 53.59 44.93
CA TYR B 401 49.17 52.24 44.48
C TYR B 401 48.15 52.27 43.36
N ILE B 402 47.16 53.15 43.46
CA ILE B 402 46.15 53.30 42.41
C ILE B 402 46.80 53.75 41.12
N ALA B 403 47.69 54.75 41.19
CA ALA B 403 48.30 55.29 39.99
C ALA B 403 49.17 54.23 39.29
N GLU B 404 50.03 53.54 40.05
CA GLU B 404 50.84 52.48 39.46
C GLU B 404 50.00 51.33 38.92
N THR B 405 48.94 50.92 39.64
CA THR B 405 48.12 49.83 39.12
C THR B 405 47.40 50.23 37.84
N MET B 406 46.90 51.46 37.77
CA MET B 406 46.25 51.92 36.55
C MET B 406 47.25 52.01 35.41
N LYS B 407 48.47 52.47 35.68
CA LYS B 407 49.49 52.54 34.63
C LYS B 407 49.84 51.15 34.12
N SER B 408 49.96 50.18 35.03
CA SER B 408 50.21 48.80 34.62
C SER B 408 49.05 48.27 33.78
N ASP B 409 47.82 48.62 34.16
CA ASP B 409 46.67 48.24 33.34
C ASP B 409 46.74 48.87 31.96
N GLN B 410 47.26 50.09 31.87
CA GLN B 410 47.42 50.73 30.56
C GLN B 410 48.43 49.98 29.70
N GLU B 411 49.56 49.57 30.29
CA GLU B 411 50.53 48.79 29.51
C GLU B 411 49.94 47.45 29.08
N SER B 412 49.20 46.79 29.97
CA SER B 412 48.58 45.52 29.62
C SER B 412 47.56 45.71 28.50
N ASN B 413 46.78 46.79 28.57
CA ASN B 413 45.82 47.08 27.53
C ASN B 413 46.52 47.38 26.21
N ASN B 414 47.65 48.07 26.25
CA ASN B 414 48.38 48.34 25.01
C ASN B 414 48.90 47.05 24.38
N ALA B 415 49.47 46.15 25.17
CA ALA B 415 49.94 44.89 24.62
C ALA B 415 48.79 44.06 24.05
N ALA B 416 47.67 44.02 24.78
CA ALA B 416 46.50 43.31 24.27
C ALA B 416 45.99 43.95 22.99
N ALA B 417 46.05 45.29 22.91
CA ALA B 417 45.62 45.98 21.70
C ALA B 417 46.53 45.64 20.52
N GLU B 418 47.82 45.50 20.75
CA GLU B 418 48.72 45.06 19.69
C GLU B 418 48.37 43.65 19.23
N TRP B 419 48.06 42.76 20.17
CA TRP B 419 47.61 41.42 19.79
C TRP B 419 46.34 41.48 18.95
N LYS B 420 45.38 42.30 19.37
CA LYS B 420 44.13 42.44 18.63
C LYS B 420 44.38 43.00 17.23
N TYR B 421 45.28 43.97 17.12
CA TYR B 421 45.62 44.55 15.82
C TYR B 421 46.22 43.50 14.90
N VAL B 422 47.11 42.67 15.44
CA VAL B 422 47.70 41.59 14.65
C VAL B 422 46.61 40.64 14.16
N ALA B 423 45.69 40.26 15.06
CA ALA B 423 44.61 39.36 14.69
C ALA B 423 43.73 39.96 13.60
N MET B 424 43.43 41.26 13.71
CA MET B 424 42.65 41.95 12.70
C MET B 424 43.36 41.95 11.34
N VAL B 425 44.68 42.17 11.35
CA VAL B 425 45.42 42.18 10.09
C VAL B 425 45.36 40.80 9.42
N MET B 426 45.55 39.74 10.21
CA MET B 426 45.42 38.40 9.62
C MET B 426 44.00 38.18 9.13
N ASP B 427 43.00 38.69 9.85
CA ASP B 427 41.61 38.52 9.43
C ASP B 427 41.36 39.15 8.06
N HIS B 428 41.88 40.35 7.84
CA HIS B 428 41.70 41.01 6.54
C HIS B 428 42.42 40.23 5.43
N ILE B 429 43.66 39.79 5.71
CA ILE B 429 44.40 39.02 4.70
C ILE B 429 43.63 37.75 4.35
N LEU B 430 43.10 37.07 5.36
CA LEU B 430 42.39 35.82 5.13
C LEU B 430 41.07 36.05 4.43
N LEU B 431 40.39 37.16 4.70
CA LEU B 431 39.19 37.50 3.95
C LEU B 431 39.50 37.61 2.46
N GLY B 432 40.54 38.39 2.12
CA GLY B 432 40.92 38.51 0.73
C GLY B 432 41.30 37.18 0.11
N VAL B 433 42.10 36.39 0.84
CA VAL B 433 42.56 35.11 0.33
C VAL B 433 41.39 34.17 0.10
N PHE B 434 40.42 34.15 1.00
CA PHE B 434 39.32 33.21 0.88
C PHE B 434 38.33 33.60 -0.21
N MET B 435 38.07 34.89 -0.39
CA MET B 435 37.24 35.27 -1.54
C MET B 435 37.95 34.96 -2.85
N LEU B 436 39.26 35.22 -2.92
CA LEU B 436 40.02 34.86 -4.12
C LEU B 436 39.96 33.35 -4.37
N VAL B 437 40.12 32.55 -3.31
CA VAL B 437 40.13 31.10 -3.48
C VAL B 437 38.76 30.61 -3.89
N CYS B 438 37.69 31.20 -3.34
CA CYS B 438 36.34 30.81 -3.74
C CYS B 438 36.12 31.09 -5.22
N ILE B 439 36.52 32.27 -5.69
CA ILE B 439 36.34 32.60 -7.10
C ILE B 439 37.14 31.66 -7.98
N ILE B 440 38.41 31.43 -7.63
CA ILE B 440 39.29 30.63 -8.47
C ILE B 440 38.82 29.18 -8.48
N GLY B 441 38.34 28.68 -7.34
CA GLY B 441 37.79 27.33 -7.30
C GLY B 441 36.55 27.21 -8.15
N THR B 442 35.62 28.16 -8.03
CA THR B 442 34.39 28.10 -8.82
C THR B 442 34.70 28.14 -10.31
N LEU B 443 35.72 28.91 -10.71
CA LEU B 443 36.10 28.95 -12.11
C LEU B 443 36.76 27.64 -12.54
N ALA B 444 37.82 27.23 -11.85
CA ALA B 444 38.58 26.06 -12.27
C ALA B 444 37.74 24.79 -12.23
N VAL B 445 36.69 24.76 -11.41
CA VAL B 445 35.87 23.56 -11.31
C VAL B 445 34.99 23.38 -12.55
N PHE B 446 34.30 24.44 -12.97
CA PHE B 446 33.24 24.34 -13.98
C PHE B 446 33.61 24.92 -15.35
N ALA B 447 34.42 25.98 -15.40
CA ALA B 447 34.59 26.75 -16.63
C ALA B 447 35.15 25.91 -17.77
N GLY B 448 35.95 24.89 -17.46
CA GLY B 448 36.48 24.05 -18.53
C GLY B 448 35.38 23.37 -19.33
N ARG B 449 34.49 22.67 -18.63
CA ARG B 449 33.39 22.00 -19.33
C ARG B 449 32.40 23.02 -19.89
N LEU B 450 32.21 24.14 -19.20
CA LEU B 450 31.27 25.15 -19.71
C LEU B 450 31.76 25.72 -21.05
N ILE B 451 33.05 26.03 -21.16
CA ILE B 451 33.60 26.54 -22.41
C ILE B 451 33.63 25.43 -23.45
N GLU B 452 33.89 24.19 -23.04
CA GLU B 452 33.88 23.08 -23.99
C GLU B 452 32.50 22.92 -24.63
N LEU B 453 31.44 23.03 -23.82
CA LEU B 453 30.09 22.94 -24.38
C LEU B 453 29.75 24.18 -25.20
N ASN B 454 30.17 25.36 -24.75
CA ASN B 454 29.85 26.59 -25.47
C ASN B 454 30.48 26.61 -26.85
N GLN B 455 31.73 26.17 -26.96
CA GLN B 455 32.41 26.15 -28.25
C GLN B 455 31.90 25.06 -29.18
N GLN B 456 31.12 24.09 -28.68
CA GLN B 456 30.60 23.02 -29.51
C GLN B 456 29.40 23.49 -30.32
N SER C 24 13.80 -43.65 -22.05
CA SER C 24 13.78 -45.14 -22.04
C SER C 24 12.47 -45.66 -22.61
N GLU C 25 12.57 -46.63 -23.52
CA GLU C 25 11.37 -47.18 -24.16
C GLU C 25 10.48 -47.89 -23.16
N ALA C 26 11.07 -48.64 -22.23
CA ALA C 26 10.28 -49.29 -21.19
C ALA C 26 9.58 -48.27 -20.30
N GLU C 27 10.24 -47.16 -20.00
CA GLU C 27 9.60 -46.11 -19.21
C GLU C 27 8.43 -45.49 -19.96
N GLY C 28 8.58 -45.31 -21.27
CA GLY C 28 7.46 -44.81 -22.06
C GLY C 28 6.29 -45.76 -22.05
N ARG C 29 6.55 -47.06 -22.18
CA ARG C 29 5.48 -48.05 -22.09
C ARG C 29 4.80 -48.00 -20.73
N LEU C 30 5.59 -47.90 -19.66
CA LEU C 30 5.02 -47.85 -18.32
C LEU C 30 4.16 -46.61 -18.14
N ARG C 31 4.61 -45.46 -18.64
CA ARG C 31 3.81 -44.24 -18.56
C ARG C 31 2.50 -44.37 -19.34
N GLU C 32 2.57 -44.95 -20.53
CA GLU C 32 1.35 -45.16 -21.31
C GLU C 32 0.39 -46.08 -20.56
N LYS C 33 0.91 -47.13 -19.94
CA LYS C 33 0.06 -48.03 -19.17
C LYS C 33 -0.56 -47.32 -17.97
N LEU C 34 0.22 -46.47 -17.30
CA LEU C 34 -0.27 -45.83 -16.08
C LEU C 34 -1.33 -44.79 -16.37
N PHE C 35 -1.13 -43.96 -17.40
CA PHE C 35 -1.93 -42.77 -17.60
C PHE C 35 -3.08 -42.99 -18.58
N SER C 36 -3.38 -44.24 -18.94
CA SER C 36 -4.55 -44.55 -19.76
C SER C 36 -5.78 -44.60 -18.86
N GLY C 37 -6.71 -43.67 -19.06
CA GLY C 37 -7.87 -43.57 -18.21
C GLY C 37 -7.65 -42.84 -16.91
N TYR C 38 -6.53 -42.13 -16.76
CA TYR C 38 -6.19 -41.44 -15.53
C TYR C 38 -6.64 -39.99 -15.60
N ASP C 39 -7.36 -39.54 -14.58
CA ASP C 39 -7.85 -38.17 -14.48
C ASP C 39 -7.10 -37.49 -13.34
N SER C 40 -6.27 -36.50 -13.68
CA SER C 40 -5.48 -35.81 -12.68
C SER C 40 -6.30 -34.86 -11.82
N SER C 41 -7.55 -34.58 -12.19
CA SER C 41 -8.42 -33.73 -11.39
C SER C 41 -9.25 -34.50 -10.36
N VAL C 42 -9.18 -35.82 -10.36
CA VAL C 42 -10.01 -36.66 -9.49
C VAL C 42 -9.17 -37.13 -8.32
N ARG C 43 -9.70 -36.97 -7.11
CA ARG C 43 -8.98 -37.38 -5.91
C ARG C 43 -8.85 -38.91 -5.88
N PRO C 44 -7.69 -39.45 -5.44
CA PRO C 44 -7.57 -40.91 -5.35
C PRO C 44 -8.39 -41.50 -4.22
N ALA C 45 -9.43 -42.25 -4.56
CA ALA C 45 -10.24 -42.93 -3.55
C ALA C 45 -10.89 -44.13 -4.22
N ARG C 46 -10.43 -45.32 -3.87
CA ARG C 46 -10.98 -46.53 -4.49
C ARG C 46 -12.46 -46.69 -4.16
N GLU C 47 -12.83 -46.37 -2.92
CA GLU C 47 -14.22 -46.47 -2.46
C GLU C 47 -14.66 -45.13 -1.89
N VAL C 48 -15.96 -44.86 -1.99
CA VAL C 48 -16.51 -43.62 -1.45
C VAL C 48 -16.37 -43.63 0.07
N GLY C 49 -15.93 -42.51 0.62
CA GLY C 49 -15.62 -42.41 2.03
C GLY C 49 -14.17 -42.67 2.37
N ASP C 50 -13.38 -43.21 1.45
CA ASP C 50 -11.96 -43.38 1.68
C ASP C 50 -11.29 -42.03 1.79
N ARG C 51 -10.34 -41.92 2.72
CA ARG C 51 -9.66 -40.68 3.04
C ARG C 51 -8.23 -40.74 2.51
N VAL C 52 -7.77 -39.63 1.94
CA VAL C 52 -6.40 -39.53 1.43
C VAL C 52 -5.53 -38.93 2.52
N ARG C 53 -4.53 -39.68 2.96
CA ARG C 53 -3.59 -39.22 3.98
C ARG C 53 -2.44 -38.49 3.31
N VAL C 54 -2.23 -37.23 3.68
CA VAL C 54 -1.15 -36.41 3.15
C VAL C 54 -0.25 -36.02 4.30
N SER C 55 1.04 -36.32 4.18
CA SER C 55 2.03 -35.93 5.18
C SER C 55 2.69 -34.62 4.75
N VAL C 56 2.63 -33.62 5.62
CA VAL C 56 3.13 -32.28 5.32
C VAL C 56 4.37 -32.03 6.17
N GLY C 57 5.49 -31.76 5.49
CA GLY C 57 6.70 -31.32 6.15
C GLY C 57 7.16 -30.00 5.55
N LEU C 58 8.26 -29.49 6.09
CA LEU C 58 8.79 -28.22 5.63
C LEU C 58 10.30 -28.20 5.85
N ILE C 59 11.02 -27.70 4.86
CA ILE C 59 12.46 -27.46 4.94
C ILE C 59 12.68 -25.97 4.72
N LEU C 60 13.39 -25.33 5.65
CA LEU C 60 13.65 -23.89 5.58
C LEU C 60 14.99 -23.67 4.89
N ALA C 61 14.94 -23.18 3.65
CA ALA C 61 16.17 -22.90 2.91
C ALA C 61 16.76 -21.56 3.30
N GLN C 62 15.93 -20.56 3.57
CA GLN C 62 16.40 -19.23 3.92
C GLN C 62 15.28 -18.47 4.60
N LEU C 63 15.62 -17.83 5.72
CA LEU C 63 14.75 -16.83 6.35
C LEU C 63 15.13 -15.48 5.75
N ILE C 64 14.43 -15.08 4.70
CA ILE C 64 14.86 -13.93 3.91
C ILE C 64 14.78 -12.65 4.74
N SER C 65 13.64 -12.40 5.38
CA SER C 65 13.47 -11.19 6.17
C SER C 65 12.17 -11.30 6.95
N LEU C 66 11.93 -10.29 7.78
CA LEU C 66 10.67 -10.10 8.48
C LEU C 66 10.39 -8.60 8.49
N ASN C 67 9.47 -8.17 7.64
CA ASN C 67 9.19 -6.75 7.46
C ASN C 67 8.24 -6.28 8.56
N GLU C 68 8.72 -5.41 9.44
CA GLU C 68 7.89 -4.93 10.53
C GLU C 68 6.82 -3.96 10.04
N LYS C 69 7.16 -3.14 9.04
CA LYS C 69 6.19 -2.19 8.50
C LYS C 69 5.01 -2.93 7.86
N ASP C 70 5.30 -3.94 7.05
CA ASP C 70 4.26 -4.70 6.36
C ASP C 70 3.75 -5.89 7.15
N GLU C 71 4.40 -6.25 8.27
CA GLU C 71 3.98 -7.37 9.11
C GLU C 71 3.92 -8.67 8.31
N GLU C 72 4.99 -8.95 7.58
CA GLU C 72 5.11 -10.17 6.79
C GLU C 72 6.49 -10.76 6.95
N MET C 73 6.55 -12.09 6.95
CA MET C 73 7.79 -12.84 7.03
C MET C 73 8.03 -13.54 5.69
N SER C 74 9.17 -13.25 5.07
CA SER C 74 9.55 -13.83 3.79
C SER C 74 10.49 -14.99 4.02
N THR C 75 10.13 -16.16 3.49
CA THR C 75 10.92 -17.37 3.65
C THR C 75 11.00 -18.11 2.32
N LYS C 76 12.16 -18.71 2.08
CA LYS C 76 12.35 -19.67 0.99
C LYS C 76 12.34 -21.05 1.61
N VAL C 77 11.46 -21.93 1.12
CA VAL C 77 11.26 -23.25 1.71
C VAL C 77 11.11 -24.29 0.61
N TYR C 78 11.31 -25.54 1.00
CA TYR C 78 10.95 -26.70 0.19
C TYR C 78 9.88 -27.47 0.96
N LEU C 79 8.70 -27.61 0.35
CA LEU C 79 7.68 -28.45 0.97
C LEU C 79 8.11 -29.91 0.91
N ASP C 80 7.44 -30.74 1.71
CA ASP C 80 7.68 -32.18 1.73
C ASP C 80 6.32 -32.85 1.84
N LEU C 81 5.72 -33.18 0.69
CA LEU C 81 4.39 -33.73 0.61
C LEU C 81 4.46 -35.19 0.21
N GLU C 82 3.79 -36.05 0.98
CA GLU C 82 3.75 -37.49 0.73
C GLU C 82 2.32 -37.97 0.80
N TRP C 83 1.89 -38.71 -0.22
CA TRP C 83 0.57 -39.33 -0.23
C TRP C 83 0.63 -40.54 -1.14
N THR C 84 -0.41 -41.38 -1.05
CA THR C 84 -0.53 -42.60 -1.83
C THR C 84 -1.63 -42.45 -2.86
N ASP C 85 -1.32 -42.81 -4.11
CA ASP C 85 -2.27 -42.83 -5.22
C ASP C 85 -2.30 -44.25 -5.76
N TYR C 86 -3.39 -44.98 -5.48
CA TYR C 86 -3.47 -46.38 -5.86
C TYR C 86 -3.43 -46.56 -7.36
N ARG C 87 -3.86 -45.56 -8.13
CA ARG C 87 -3.88 -45.68 -9.58
C ARG C 87 -2.49 -45.72 -10.18
N LEU C 88 -1.47 -45.23 -9.47
CA LEU C 88 -0.10 -45.16 -9.97
C LEU C 88 0.77 -46.29 -9.42
N SER C 89 0.20 -47.47 -9.24
CA SER C 89 0.91 -48.65 -8.77
C SER C 89 1.23 -49.56 -9.94
N TRP C 90 2.40 -50.21 -9.87
CA TRP C 90 2.82 -51.14 -10.91
C TRP C 90 3.79 -52.14 -10.30
N ASP C 91 3.99 -53.25 -11.02
CA ASP C 91 4.93 -54.28 -10.62
C ASP C 91 6.27 -54.05 -11.29
N PRO C 92 7.36 -53.77 -10.56
CA PRO C 92 8.65 -53.60 -11.24
C PRO C 92 9.11 -54.83 -12.00
N ALA C 93 8.70 -56.02 -11.58
CA ALA C 93 9.10 -57.24 -12.28
C ALA C 93 8.54 -57.28 -13.69
N GLU C 94 7.39 -56.65 -13.93
CA GLU C 94 6.74 -56.63 -15.23
C GLU C 94 7.14 -55.43 -16.08
N HIS C 95 8.03 -54.57 -15.60
CA HIS C 95 8.45 -53.37 -16.32
C HIS C 95 9.96 -53.18 -16.22
N ASP C 96 10.70 -54.28 -16.37
CA ASP C 96 12.16 -54.26 -16.41
C ASP C 96 12.75 -53.68 -15.13
N GLY C 97 12.14 -54.02 -13.99
CA GLY C 97 12.70 -53.64 -12.71
C GLY C 97 12.65 -52.16 -12.40
N ILE C 98 11.80 -51.39 -13.09
CA ILE C 98 11.66 -49.97 -12.79
C ILE C 98 10.87 -49.84 -11.50
N ASP C 99 11.54 -49.36 -10.45
CA ASP C 99 10.95 -49.25 -9.12
C ASP C 99 10.39 -47.86 -8.81
N SER C 100 10.70 -46.86 -9.63
CA SER C 100 10.20 -45.51 -9.37
C SER C 100 10.17 -44.73 -10.68
N LEU C 101 9.38 -43.66 -10.67
CA LEU C 101 9.26 -42.77 -11.82
C LEU C 101 9.28 -41.32 -11.34
N ARG C 102 9.81 -40.45 -12.18
CA ARG C 102 9.79 -39.01 -11.96
C ARG C 102 8.86 -38.40 -13.00
N ILE C 103 7.74 -37.84 -12.55
CA ILE C 103 6.66 -37.38 -13.41
C ILE C 103 6.39 -35.91 -13.07
N THR C 104 6.08 -35.12 -14.09
CA THR C 104 5.73 -33.73 -13.89
C THR C 104 4.52 -33.62 -12.97
N ALA C 105 4.53 -32.60 -12.11
CA ALA C 105 3.50 -32.49 -11.08
C ALA C 105 2.12 -32.30 -11.68
N GLU C 106 2.00 -31.52 -12.75
CA GLU C 106 0.70 -31.25 -13.35
C GLU C 106 0.08 -32.48 -13.99
N SER C 107 0.86 -33.55 -14.23
CA SER C 107 0.33 -34.74 -14.87
C SER C 107 -0.42 -35.67 -13.91
N VAL C 108 -0.26 -35.47 -12.60
CA VAL C 108 -0.87 -36.34 -11.59
C VAL C 108 -1.73 -35.48 -10.67
N TRP C 109 -2.59 -36.15 -9.91
CA TRP C 109 -3.41 -35.46 -8.92
C TRP C 109 -2.52 -34.95 -7.79
N LEU C 110 -2.73 -33.69 -7.41
CA LEU C 110 -2.06 -33.07 -6.30
C LEU C 110 -3.10 -32.63 -5.27
N PRO C 111 -2.82 -32.71 -3.97
CA PRO C 111 -3.67 -32.00 -3.02
C PRO C 111 -3.36 -30.51 -3.07
N ASP C 112 -4.41 -29.69 -3.09
CA ASP C 112 -4.22 -28.26 -3.27
C ASP C 112 -3.86 -27.63 -1.92
N VAL C 113 -2.68 -28.01 -1.45
CA VAL C 113 -2.15 -27.52 -0.17
C VAL C 113 -1.51 -26.16 -0.42
N VAL C 114 -1.98 -25.16 0.32
CA VAL C 114 -1.58 -23.77 0.10
C VAL C 114 -1.28 -23.13 1.45
N LEU C 115 -0.54 -22.03 1.39
CA LEU C 115 -0.28 -21.20 2.56
C LEU C 115 -1.50 -20.33 2.80
N LEU C 116 -2.28 -20.64 3.83
CA LEU C 116 -3.53 -19.93 4.06
C LEU C 116 -3.29 -18.50 4.51
N ASN C 117 -2.24 -18.28 5.31
CA ASN C 117 -1.97 -16.98 5.91
C ASN C 117 -0.95 -16.17 5.12
N ASN C 118 -0.94 -16.30 3.80
CA ASN C 118 -0.08 -15.46 2.97
C ASN C 118 -0.56 -14.01 2.98
N ASN C 119 0.40 -13.09 2.91
CA ASN C 119 0.13 -11.66 2.90
C ASN C 119 0.03 -11.07 1.49
N ASP C 120 0.77 -11.62 0.54
CA ASP C 120 0.86 -11.05 -0.80
C ASP C 120 -0.17 -11.61 -1.77
N GLY C 121 -1.04 -12.52 -1.31
CA GLY C 121 -2.06 -13.12 -2.16
C GLY C 121 -1.62 -14.33 -2.93
N ASN C 122 -0.35 -14.73 -2.83
CA ASN C 122 0.15 -15.90 -3.54
C ASN C 122 -0.02 -17.13 -2.66
N PHE C 123 -0.86 -18.07 -3.13
CA PHE C 123 -1.18 -19.28 -2.39
C PHE C 123 -0.31 -20.48 -2.77
N ASP C 124 0.16 -20.54 -4.02
CA ASP C 124 0.73 -21.75 -4.58
C ASP C 124 2.25 -21.78 -4.43
N VAL C 125 2.85 -22.84 -4.95
CA VAL C 125 4.30 -23.01 -4.88
C VAL C 125 4.98 -22.26 -6.02
N ALA C 126 6.25 -21.94 -5.83
CA ALA C 126 6.99 -21.14 -6.80
C ALA C 126 7.31 -21.94 -8.07
N LEU C 127 7.43 -23.26 -7.96
CA LEU C 127 7.76 -24.09 -9.10
C LEU C 127 7.16 -25.47 -8.88
N ASP C 128 6.46 -25.99 -9.90
CA ASP C 128 5.77 -27.26 -9.75
C ASP C 128 6.74 -28.44 -9.72
N ILE C 129 7.82 -28.37 -10.49
CA ILE C 129 8.83 -29.43 -10.65
C ILE C 129 8.36 -30.82 -11.10
N SER C 130 8.77 -31.87 -10.39
CA SER C 130 8.29 -33.22 -10.63
C SER C 130 8.05 -33.94 -9.31
N VAL C 131 7.10 -34.88 -9.33
CA VAL C 131 6.87 -35.78 -8.22
C VAL C 131 7.73 -37.02 -8.42
N VAL C 132 7.91 -37.79 -7.34
CA VAL C 132 8.57 -39.08 -7.38
C VAL C 132 7.52 -40.12 -6.99
N VAL C 133 7.22 -41.02 -7.91
CA VAL C 133 6.21 -42.05 -7.73
C VAL C 133 6.92 -43.38 -7.52
N SER C 134 6.55 -44.10 -6.47
CA SER C 134 7.08 -45.42 -6.19
C SER C 134 6.18 -46.49 -6.80
N SER C 135 6.71 -47.71 -6.86
CA SER C 135 5.97 -48.81 -7.46
C SER C 135 4.68 -49.13 -6.71
N ASP C 136 4.62 -48.84 -5.41
CA ASP C 136 3.44 -49.13 -4.59
C ASP C 136 2.41 -48.00 -4.63
N GLY C 137 2.61 -46.98 -5.46
CA GLY C 137 1.69 -45.87 -5.56
C GLY C 137 2.01 -44.69 -4.68
N SER C 138 3.01 -44.79 -3.81
CA SER C 138 3.41 -43.65 -2.98
C SER C 138 3.96 -42.55 -3.87
N VAL C 139 3.53 -41.32 -3.59
CA VAL C 139 3.93 -40.13 -4.35
C VAL C 139 4.60 -39.17 -3.38
N ARG C 140 5.82 -38.76 -3.72
CA ARG C 140 6.57 -37.77 -2.94
C ARG C 140 6.81 -36.55 -3.81
N TRP C 141 6.45 -35.37 -3.32
CA TRP C 141 6.55 -34.12 -4.09
C TRP C 141 7.14 -33.02 -3.21
N GLN C 142 8.34 -32.51 -3.52
CA GLN C 142 9.02 -31.49 -2.68
C GLN C 142 9.18 -30.19 -3.49
N PRO C 143 8.09 -29.45 -3.77
CA PRO C 143 8.19 -28.27 -4.61
C PRO C 143 8.84 -27.10 -3.89
N PRO C 144 9.71 -26.28 -4.52
CA PRO C 144 10.22 -25.08 -3.85
C PRO C 144 9.10 -24.07 -3.63
N GLY C 145 9.32 -23.18 -2.67
CA GLY C 145 8.35 -22.17 -2.34
C GLY C 145 8.95 -20.90 -1.78
N ILE C 146 8.59 -19.76 -2.37
CA ILE C 146 8.88 -18.44 -1.82
C ILE C 146 7.58 -17.89 -1.30
N TYR C 147 7.48 -17.72 0.01
CA TYR C 147 6.24 -17.40 0.69
C TYR C 147 6.41 -16.11 1.48
N ARG C 148 5.31 -15.38 1.63
CA ARG C 148 5.24 -14.17 2.46
C ARG C 148 4.01 -14.30 3.34
N SER C 149 4.21 -14.78 4.56
CA SER C 149 3.13 -15.07 5.48
C SER C 149 2.90 -13.90 6.43
N SER C 150 1.66 -13.72 6.84
CA SER C 150 1.31 -12.65 7.77
C SER C 150 1.78 -13.00 9.17
N CYS C 151 2.47 -12.05 9.81
CA CYS C 151 2.96 -12.22 11.18
C CYS C 151 2.58 -10.99 11.99
N SER C 152 1.77 -11.18 13.03
CA SER C 152 1.44 -10.10 13.94
C SER C 152 2.64 -9.78 14.81
N ILE C 153 3.19 -8.59 14.65
CA ILE C 153 4.42 -8.21 15.34
C ILE C 153 4.09 -7.75 16.75
N GLN C 154 4.69 -8.41 17.74
CA GLN C 154 4.64 -7.95 19.12
C GLN C 154 5.67 -6.83 19.26
N VAL C 155 5.20 -5.58 19.20
CA VAL C 155 6.09 -4.44 19.10
C VAL C 155 6.55 -3.91 20.45
N THR C 156 6.10 -4.51 21.56
CA THR C 156 6.30 -3.89 22.87
C THR C 156 7.78 -3.78 23.23
N TYR C 157 8.57 -4.82 22.96
CA TYR C 157 9.97 -4.88 23.34
C TYR C 157 10.92 -4.69 22.16
N PHE C 158 10.43 -4.17 21.05
CA PHE C 158 11.29 -3.91 19.90
C PHE C 158 12.37 -2.90 20.28
N PRO C 159 13.63 -3.08 19.84
CA PRO C 159 14.22 -4.15 19.02
C PRO C 159 14.72 -5.36 19.83
N PHE C 160 14.56 -5.35 21.15
CA PHE C 160 14.97 -6.47 22.00
C PHE C 160 13.83 -7.47 22.14
N ASP C 161 13.31 -7.94 21.01
CA ASP C 161 12.07 -8.68 20.95
C ASP C 161 12.28 -10.03 20.27
N TRP C 162 11.33 -10.92 20.52
CA TRP C 162 11.20 -12.19 19.80
C TRP C 162 9.78 -12.25 19.23
N GLN C 163 9.68 -12.83 18.02
CA GLN C 163 8.40 -12.91 17.29
C GLN C 163 7.89 -14.35 17.28
N ASN C 164 6.64 -14.57 16.86
CA ASN C 164 6.00 -15.90 16.82
C ASN C 164 5.34 -16.02 15.44
N CYS C 165 6.12 -16.07 14.36
CA CYS C 165 5.60 -16.07 12.98
C CYS C 165 5.26 -17.48 12.51
N THR C 166 4.01 -17.76 12.16
CA THR C 166 3.52 -19.08 11.79
C THR C 166 3.33 -19.16 10.28
N MET C 167 3.28 -20.40 9.78
CA MET C 167 3.00 -20.70 8.38
C MET C 167 1.90 -21.74 8.36
N VAL C 168 0.67 -21.30 8.11
CA VAL C 168 -0.49 -22.17 8.12
C VAL C 168 -0.63 -22.83 6.75
N PHE C 169 -0.57 -24.16 6.72
CA PHE C 169 -0.66 -24.95 5.51
C PHE C 169 -1.89 -25.85 5.60
N SER C 170 -2.71 -25.85 4.56
CA SER C 170 -3.91 -26.66 4.55
C SER C 170 -4.41 -26.77 3.12
N SER C 171 -5.26 -27.78 2.90
CA SER C 171 -5.94 -27.90 1.62
C SER C 171 -6.99 -26.80 1.50
N TYR C 172 -7.01 -26.11 0.36
CA TYR C 172 -7.94 -25.01 0.18
C TYR C 172 -9.36 -25.49 -0.05
N SER C 173 -9.53 -26.60 -0.77
CA SER C 173 -10.82 -27.08 -1.23
C SER C 173 -11.29 -28.34 -0.50
N TYR C 174 -10.48 -29.39 -0.47
CA TYR C 174 -10.91 -30.65 0.10
C TYR C 174 -11.16 -30.52 1.60
N ASP C 175 -12.25 -31.12 2.07
CA ASP C 175 -12.61 -31.08 3.48
C ASP C 175 -11.92 -32.21 4.23
N SER C 176 -12.08 -32.22 5.55
CA SER C 176 -11.39 -33.20 6.39
C SER C 176 -11.84 -34.63 6.10
N SER C 177 -13.05 -34.82 5.55
CA SER C 177 -13.51 -36.15 5.20
C SER C 177 -12.97 -36.65 3.87
N GLU C 178 -12.27 -35.80 3.10
CA GLU C 178 -11.69 -36.16 1.82
C GLU C 178 -10.17 -36.29 1.88
N VAL C 179 -9.49 -35.31 2.45
CA VAL C 179 -8.04 -35.29 2.56
C VAL C 179 -7.69 -34.99 4.02
N SER C 180 -6.99 -35.93 4.66
CA SER C 180 -6.54 -35.77 6.04
C SER C 180 -5.04 -35.47 6.06
N LEU C 181 -4.65 -34.50 6.87
CA LEU C 181 -3.27 -34.07 6.99
C LEU C 181 -2.64 -34.66 8.24
N GLN C 182 -1.32 -34.90 8.16
CA GLN C 182 -0.54 -35.33 9.29
C GLN C 182 0.84 -34.71 9.17
N THR C 183 1.48 -34.51 10.32
CA THR C 183 2.81 -33.92 10.33
C THR C 183 3.82 -34.87 9.71
N GLY C 184 4.76 -34.31 8.94
CA GLY C 184 5.77 -35.13 8.29
C GLY C 184 6.91 -35.47 9.23
N LEU C 185 7.41 -36.69 9.08
CA LEU C 185 8.53 -37.16 9.88
C LEU C 185 9.20 -38.32 9.16
N GLY C 186 10.43 -38.61 9.57
CA GLY C 186 11.20 -39.69 8.98
C GLY C 186 12.69 -39.55 9.19
N GLY C 191 8.19 -38.37 17.49
CA GLY C 191 8.56 -38.16 16.10
C GLY C 191 9.27 -36.83 15.88
N HIS C 192 9.59 -36.53 14.62
CA HIS C 192 10.27 -35.29 14.25
C HIS C 192 9.13 -34.38 13.80
N GLN C 193 8.60 -33.62 14.75
CA GLN C 193 7.60 -32.58 14.47
C GLN C 193 8.29 -31.22 14.51
N GLU C 194 9.06 -30.94 13.46
CA GLU C 194 9.89 -29.74 13.43
C GLU C 194 10.14 -29.34 11.98
N ILE C 195 10.55 -28.10 11.80
CA ILE C 195 11.04 -27.64 10.50
C ILE C 195 12.47 -28.16 10.32
N HIS C 196 12.72 -28.85 9.22
CA HIS C 196 14.05 -29.39 8.96
C HIS C 196 14.96 -28.30 8.43
N ILE C 197 16.12 -28.15 9.05
CA ILE C 197 17.15 -27.20 8.62
C ILE C 197 18.44 -27.98 8.46
N HIS C 198 18.97 -28.02 7.24
CA HIS C 198 20.28 -28.59 6.98
C HIS C 198 21.33 -27.56 7.36
N GLU C 199 22.19 -27.91 8.32
CA GLU C 199 23.09 -26.93 8.91
C GLU C 199 24.10 -26.41 7.89
N GLY C 200 24.59 -27.29 7.01
CA GLY C 200 25.60 -26.87 6.07
C GLY C 200 25.10 -25.83 5.08
N THR C 201 23.93 -26.05 4.51
CA THR C 201 23.41 -25.24 3.41
C THR C 201 22.38 -24.21 3.84
N PHE C 202 22.19 -24.01 5.15
CA PHE C 202 21.20 -23.06 5.62
C PHE C 202 21.77 -21.65 5.61
N ILE C 203 21.05 -20.73 4.98
CA ILE C 203 21.47 -19.32 4.88
C ILE C 203 21.03 -18.65 6.17
N GLU C 204 21.95 -18.52 7.13
CA GLU C 204 21.62 -17.94 8.42
C GLU C 204 21.32 -16.46 8.28
N ASN C 205 20.27 -16.01 8.96
CA ASN C 205 19.87 -14.61 8.93
C ASN C 205 20.78 -13.79 9.84
N GLY C 206 21.16 -12.60 9.37
CA GLY C 206 22.02 -11.72 10.13
C GLY C 206 21.35 -10.91 11.21
N GLN C 207 20.01 -10.89 11.23
CA GLN C 207 19.25 -10.13 12.22
C GLN C 207 18.38 -11.00 13.11
N TRP C 208 18.12 -12.26 12.74
CA TRP C 208 17.18 -13.11 13.43
C TRP C 208 17.83 -14.45 13.77
N GLU C 209 17.68 -14.87 15.02
CA GLU C 209 18.15 -16.17 15.50
C GLU C 209 16.93 -17.04 15.77
N ILE C 210 16.97 -18.28 15.29
CA ILE C 210 15.84 -19.18 15.41
C ILE C 210 15.94 -19.94 16.73
N ILE C 211 14.97 -19.74 17.61
CA ILE C 211 14.95 -20.38 18.91
C ILE C 211 14.24 -21.72 18.86
N HIS C 212 12.98 -21.72 18.39
CA HIS C 212 12.16 -22.93 18.28
C HIS C 212 11.58 -23.01 16.88
N LYS C 213 11.36 -24.25 16.43
CA LYS C 213 10.80 -24.49 15.10
C LYS C 213 9.90 -25.71 15.08
N PRO C 214 8.82 -25.75 15.87
CA PRO C 214 7.97 -26.94 15.90
C PRO C 214 6.93 -26.93 14.78
N SER C 215 6.21 -28.04 14.68
CA SER C 215 5.08 -28.18 13.79
C SER C 215 3.98 -28.97 14.49
N ARG C 216 2.75 -28.51 14.36
CA ARG C 216 1.61 -29.13 15.01
C ARG C 216 0.46 -29.26 14.02
N LEU C 217 -0.33 -30.32 14.20
CA LEU C 217 -1.54 -30.53 13.40
C LEU C 217 -2.73 -30.02 14.20
N ILE C 218 -3.50 -29.11 13.61
CA ILE C 218 -4.65 -28.49 14.24
C ILE C 218 -5.91 -29.16 13.68
N GLN C 219 -6.66 -29.82 14.54
CA GLN C 219 -7.91 -30.42 14.14
C GLN C 219 -9.00 -29.36 14.06
N PRO C 220 -10.08 -29.60 13.31
CA PRO C 220 -11.15 -28.60 13.24
C PRO C 220 -11.86 -28.48 14.58
N PRO C 221 -12.46 -27.32 14.87
CA PRO C 221 -13.13 -27.16 16.17
C PRO C 221 -14.39 -28.00 16.24
N GLY C 222 -14.53 -28.78 17.31
CA GLY C 222 -15.69 -29.64 17.49
C GLY C 222 -15.54 -30.99 16.83
N GLU C 229 -19.70 -30.81 5.52
CA GLU C 229 -19.36 -30.26 6.81
C GLU C 229 -18.48 -29.02 6.66
N GLY C 230 -17.54 -29.08 5.72
CA GLY C 230 -16.62 -27.99 5.47
C GLY C 230 -15.45 -27.91 6.41
N GLN C 231 -15.34 -28.83 7.38
CA GLN C 231 -14.24 -28.80 8.34
C GLN C 231 -12.94 -29.16 7.67
N ARG C 232 -11.88 -28.44 8.02
CA ARG C 232 -10.56 -28.59 7.41
C ARG C 232 -9.49 -28.57 8.48
N GLN C 233 -8.56 -29.52 8.40
CA GLN C 233 -7.40 -29.52 9.27
C GLN C 233 -6.35 -28.55 8.76
N GLU C 234 -5.43 -28.18 9.64
CA GLU C 234 -4.30 -27.32 9.33
C GLU C 234 -3.03 -27.94 9.87
N VAL C 235 -1.93 -27.74 9.15
CA VAL C 235 -0.59 -28.06 9.63
C VAL C 235 0.16 -26.74 9.73
N ILE C 236 0.44 -26.32 10.95
CA ILE C 236 1.05 -25.02 11.23
C ILE C 236 2.50 -25.24 11.60
N PHE C 237 3.40 -24.55 10.91
CA PHE C 237 4.82 -24.54 11.20
C PHE C 237 5.15 -23.23 11.89
N TYR C 238 5.59 -23.30 13.13
CA TYR C 238 5.87 -22.14 13.96
C TYR C 238 7.35 -21.82 13.89
N LEU C 239 7.69 -20.55 13.75
CA LEU C 239 9.06 -20.06 13.78
C LEU C 239 9.15 -18.99 14.85
N ILE C 240 9.72 -19.35 16.00
CA ILE C 240 9.97 -18.41 17.07
C ILE C 240 11.39 -17.89 16.90
N ILE C 241 11.52 -16.62 16.53
CA ILE C 241 12.78 -16.01 16.13
C ILE C 241 13.07 -14.83 17.04
N ARG C 242 14.33 -14.67 17.41
CA ARG C 242 14.79 -13.60 18.28
C ARG C 242 15.65 -12.63 17.48
N ARG C 243 15.35 -11.34 17.59
CA ARG C 243 16.13 -10.34 16.91
C ARG C 243 17.49 -10.18 17.58
N LYS C 244 18.49 -9.78 16.78
CA LYS C 244 19.84 -9.52 17.27
C LYS C 244 20.10 -8.01 17.19
N PRO C 245 20.02 -7.27 18.32
CA PRO C 245 19.84 -5.81 18.23
C PRO C 245 21.12 -4.98 18.17
N LEU C 246 22.25 -5.57 17.79
CA LEU C 246 23.53 -4.86 17.81
C LEU C 246 23.48 -3.56 17.01
N PHE C 247 22.76 -3.56 15.88
CA PHE C 247 22.66 -2.36 15.06
C PHE C 247 22.00 -1.23 15.84
N TYR C 248 20.91 -1.53 16.55
CA TYR C 248 20.20 -0.50 17.30
C TYR C 248 20.99 -0.08 18.53
N LEU C 249 21.74 -1.01 19.14
CA LEU C 249 22.60 -0.64 20.26
C LEU C 249 23.67 0.35 19.81
N VAL C 250 24.30 0.10 18.65
CA VAL C 250 25.36 0.96 18.18
C VAL C 250 24.81 2.32 17.73
N ASN C 251 23.69 2.31 17.00
CA ASN C 251 23.24 3.48 16.28
C ASN C 251 22.25 4.35 17.03
N VAL C 252 21.59 3.83 18.07
CA VAL C 252 20.52 4.54 18.76
C VAL C 252 20.81 4.62 20.26
N ILE C 253 21.02 3.47 20.89
CA ILE C 253 21.09 3.43 22.35
C ILE C 253 22.33 4.15 22.86
N ALA C 254 23.49 3.86 22.28
CA ALA C 254 24.72 4.50 22.75
C ALA C 254 24.73 6.00 22.51
N PRO C 255 24.37 6.52 21.33
CA PRO C 255 24.23 7.97 21.20
C PRO C 255 23.24 8.59 22.17
N CYS C 256 22.13 7.91 22.44
CA CYS C 256 21.18 8.43 23.42
C CYS C 256 21.80 8.50 24.81
N ILE C 257 22.59 7.49 25.18
CA ILE C 257 23.26 7.50 26.48
C ILE C 257 24.24 8.67 26.55
N LEU C 258 25.01 8.88 25.48
CA LEU C 258 25.97 9.97 25.47
C LEU C 258 25.26 11.32 25.58
N ILE C 259 24.16 11.51 24.84
CA ILE C 259 23.42 12.76 24.91
C ILE C 259 22.84 12.95 26.30
N THR C 260 22.42 11.86 26.95
CA THR C 260 21.89 11.96 28.30
C THR C 260 22.98 12.38 29.28
N LEU C 261 24.19 11.85 29.10
CA LEU C 261 25.31 12.30 29.95
C LEU C 261 25.59 13.78 29.74
N LEU C 262 25.51 14.26 28.50
CA LEU C 262 25.70 15.68 28.26
C LEU C 262 24.60 16.52 28.91
N ALA C 263 23.36 16.02 28.86
CA ALA C 263 22.26 16.73 29.52
C ALA C 263 22.48 16.78 31.02
N ILE C 264 23.05 15.73 31.60
CA ILE C 264 23.40 15.75 33.02
C ILE C 264 24.48 16.80 33.27
N PHE C 265 25.54 16.79 32.47
CA PHE C 265 26.73 17.67 32.67
C PHE C 265 26.40 19.12 32.38
N VAL C 266 25.25 19.41 31.75
CA VAL C 266 24.84 20.81 31.59
C VAL C 266 24.79 21.50 32.95
N PHE C 267 24.33 20.81 33.99
CA PHE C 267 24.15 21.43 35.29
C PHE C 267 25.47 21.77 35.97
N TYR C 268 26.59 21.23 35.50
CA TYR C 268 27.90 21.63 36.01
C TYR C 268 28.48 22.83 35.27
N LEU C 269 27.88 23.24 34.18
CA LEU C 269 28.37 24.38 33.41
C LEU C 269 28.05 25.68 34.17
N PRO C 270 29.01 26.60 34.33
CA PRO C 270 28.73 27.80 35.12
C PRO C 270 27.74 28.69 34.38
N PRO C 271 26.85 29.39 35.11
CA PRO C 271 25.94 30.31 34.42
C PRO C 271 26.65 31.45 33.72
N ASP C 272 27.79 31.90 34.24
CA ASP C 272 28.49 33.04 33.66
C ASP C 272 29.06 32.74 32.28
N ALA C 273 29.18 31.46 31.91
CA ALA C 273 29.68 31.11 30.58
C ALA C 273 28.68 31.43 29.48
N GLY C 274 27.39 31.44 29.79
CA GLY C 274 26.39 31.68 28.76
C GLY C 274 26.35 30.62 27.69
N GLU C 275 26.36 29.34 28.09
CA GLU C 275 26.40 28.23 27.16
C GLU C 275 25.48 27.08 27.53
N LYS C 276 24.64 27.22 28.58
CA LYS C 276 23.77 26.13 28.99
C LYS C 276 22.69 25.85 27.93
N MET C 277 21.99 26.90 27.50
CA MET C 277 20.88 26.72 26.55
C MET C 277 21.37 26.11 25.25
N GLY C 278 22.51 26.57 24.74
CA GLY C 278 23.00 26.04 23.49
C GLY C 278 23.26 24.55 23.56
N LEU C 279 23.95 24.11 24.61
CA LEU C 279 24.24 22.68 24.77
C LEU C 279 22.97 21.87 24.93
N SER C 280 22.07 22.32 25.81
CA SER C 280 20.85 21.55 26.07
C SER C 280 19.98 21.45 24.82
N ILE C 281 19.80 22.55 24.11
CA ILE C 281 18.89 22.55 22.99
C ILE C 281 19.51 21.85 21.78
N PHE C 282 20.84 21.88 21.64
CA PHE C 282 21.45 21.08 20.57
C PHE C 282 21.40 19.60 20.88
N ALA C 283 21.45 19.24 22.17
CA ALA C 283 21.18 17.85 22.54
C ALA C 283 19.77 17.45 22.14
N LEU C 284 18.80 18.33 22.38
CA LEU C 284 17.43 18.06 21.95
C LEU C 284 17.33 17.93 20.43
N LEU C 285 18.07 18.77 19.70
CA LEU C 285 18.07 18.70 18.25
C LEU C 285 18.67 17.38 17.75
N THR C 286 19.74 16.92 18.40
CA THR C 286 20.30 15.61 18.05
C THR C 286 19.30 14.50 18.34
N LEU C 287 18.55 14.61 19.43
CA LEU C 287 17.52 13.63 19.73
C LEU C 287 16.44 13.63 18.65
N THR C 288 16.08 14.82 18.15
CA THR C 288 15.14 14.89 17.04
C THR C 288 15.69 14.21 15.80
N VAL C 289 16.99 14.38 15.54
CA VAL C 289 17.62 13.72 14.40
C VAL C 289 17.53 12.20 14.56
N PHE C 290 17.73 11.70 15.77
CA PHE C 290 17.64 10.26 15.97
C PHE C 290 16.19 9.78 15.90
N LEU C 291 15.23 10.62 16.25
CA LEU C 291 13.83 10.28 15.99
C LEU C 291 13.58 10.14 14.50
N LEU C 292 14.15 11.04 13.70
CA LEU C 292 14.06 10.90 12.25
C LEU C 292 14.72 9.61 11.79
N LEU C 293 15.82 9.22 12.43
CA LEU C 293 16.47 7.96 12.11
C LEU C 293 15.54 6.78 12.38
N LEU C 294 14.84 6.80 13.51
CA LEU C 294 14.03 5.65 13.90
C LEU C 294 12.72 5.53 13.13
N ALA C 295 12.27 6.60 12.46
CA ALA C 295 10.96 6.58 11.82
C ALA C 295 10.91 5.55 10.68
N ASP C 296 12.04 5.26 10.06
CA ASP C 296 12.09 4.32 8.96
C ASP C 296 12.11 2.86 9.41
N LYS C 297 12.39 2.61 10.70
CA LYS C 297 12.67 1.26 11.19
C LYS C 297 11.58 0.70 12.11
N VAL C 298 10.95 1.54 12.92
CA VAL C 298 10.01 1.05 13.94
C VAL C 298 8.72 0.60 13.27
N PRO C 299 7.93 -0.30 13.87
CA PRO C 299 6.65 -0.68 13.27
C PRO C 299 5.63 0.44 13.36
N GLU C 300 4.59 0.31 12.54
CA GLU C 300 3.55 1.33 12.42
C GLU C 300 2.29 1.01 13.22
N THR C 301 2.26 -0.09 13.96
CA THR C 301 1.05 -0.48 14.66
C THR C 301 0.88 0.34 15.94
N SER C 302 -0.34 0.30 16.48
CA SER C 302 -0.74 1.12 17.63
C SER C 302 -1.25 0.28 18.81
N LEU C 303 -1.01 -1.03 18.81
CA LEU C 303 -1.41 -1.85 19.96
C LEU C 303 -0.49 -1.65 21.16
N SER C 304 0.73 -1.17 20.94
CA SER C 304 1.66 -0.91 22.02
C SER C 304 2.77 -0.01 21.50
N VAL C 305 3.63 0.42 22.40
CA VAL C 305 4.74 1.33 22.09
C VAL C 305 6.04 0.53 22.21
N PRO C 306 6.96 0.61 21.23
CA PRO C 306 8.26 -0.03 21.41
C PRO C 306 9.02 0.58 22.59
N ILE C 307 9.78 -0.28 23.27
CA ILE C 307 10.54 0.17 24.43
C ILE C 307 11.64 1.13 24.02
N ILE C 308 12.17 0.99 22.80
CA ILE C 308 13.15 1.95 22.31
C ILE C 308 12.50 3.32 22.11
N ILE C 309 11.24 3.33 21.66
CA ILE C 309 10.52 4.59 21.55
C ILE C 309 10.28 5.18 22.94
N LYS C 310 9.96 4.32 23.91
CA LYS C 310 9.81 4.80 25.28
C LYS C 310 11.09 5.42 25.79
N TYR C 311 12.24 4.80 25.50
CA TYR C 311 13.52 5.36 25.91
C TYR C 311 13.78 6.68 25.21
N LEU C 312 13.43 6.79 23.93
CA LEU C 312 13.64 8.04 23.20
C LEU C 312 12.80 9.17 23.78
N MET C 313 11.52 8.92 24.04
CA MET C 313 10.68 9.96 24.63
C MET C 313 11.08 10.27 26.07
N PHE C 314 11.57 9.28 26.80
CA PHE C 314 12.09 9.53 28.14
C PHE C 314 13.30 10.46 28.09
N THR C 315 14.20 10.23 27.13
CA THR C 315 15.35 11.11 26.97
C THR C 315 14.91 12.50 26.52
N MET C 316 13.89 12.58 25.65
CA MET C 316 13.38 13.87 25.22
C MET C 316 12.82 14.66 26.40
N VAL C 317 12.03 13.99 27.25
CA VAL C 317 11.48 14.67 28.42
C VAL C 317 12.59 15.07 29.38
N LEU C 318 13.64 14.24 29.48
CA LEU C 318 14.77 14.59 30.33
C LEU C 318 15.46 15.86 29.84
N VAL C 319 15.74 15.93 28.55
CA VAL C 319 16.42 17.12 28.01
C VAL C 319 15.51 18.34 28.11
N THR C 320 14.20 18.16 27.92
CA THR C 320 13.28 19.28 28.08
C THR C 320 13.29 19.80 29.51
N PHE C 321 13.26 18.88 30.49
CA PHE C 321 13.32 19.30 31.88
C PHE C 321 14.66 19.94 32.20
N SER C 322 15.74 19.45 31.62
CA SER C 322 17.04 20.08 31.82
C SER C 322 17.05 21.51 31.27
N VAL C 323 16.42 21.71 30.11
CA VAL C 323 16.31 23.05 29.55
C VAL C 323 15.51 23.95 30.49
N ILE C 324 14.38 23.44 31.00
CA ILE C 324 13.52 24.25 31.87
C ILE C 324 14.26 24.62 33.15
N LEU C 325 14.93 23.65 33.75
CA LEU C 325 15.64 23.90 35.00
C LEU C 325 16.88 24.77 34.81
N SER C 326 17.55 24.67 33.65
CA SER C 326 18.67 25.58 33.38
C SER C 326 18.16 27.00 33.15
N VAL C 327 16.98 27.14 32.55
CA VAL C 327 16.36 28.46 32.45
C VAL C 327 16.07 29.02 33.84
N VAL C 328 15.58 28.17 34.74
CA VAL C 328 15.31 28.61 36.11
C VAL C 328 16.61 29.04 36.79
N VAL C 329 17.68 28.26 36.60
CA VAL C 329 18.96 28.57 37.22
C VAL C 329 19.50 29.89 36.67
N LEU C 330 19.37 30.11 35.37
CA LEU C 330 19.83 31.36 34.78
C LEU C 330 19.00 32.54 35.27
N ASN C 331 17.69 32.34 35.45
CA ASN C 331 16.85 33.39 35.98
C ASN C 331 17.26 33.76 37.40
N LEU C 332 17.57 32.77 38.23
CA LEU C 332 18.05 33.06 39.57
C LEU C 332 19.41 33.76 39.54
N HIS C 333 20.30 33.30 38.65
CA HIS C 333 21.65 33.84 38.60
C HIS C 333 21.65 35.30 38.15
N HIS C 334 20.94 35.61 37.07
CA HIS C 334 20.94 36.94 36.48
C HIS C 334 19.90 37.86 37.10
N ARG C 335 19.38 37.52 38.28
CA ARG C 335 18.34 38.33 38.89
C ARG C 335 18.91 39.68 39.32
N SER C 336 18.19 40.74 39.01
CA SER C 336 18.61 42.08 39.40
C SER C 336 18.40 42.25 40.90
N PRO C 337 19.47 42.48 41.69
CA PRO C 337 19.33 42.57 43.15
C PRO C 337 18.42 43.74 43.57
N HIS C 338 18.45 44.84 42.81
CA HIS C 338 17.70 46.07 43.17
C HIS C 338 16.20 45.92 42.91
N THR C 339 15.78 45.08 41.97
CA THR C 339 14.35 44.93 41.59
C THR C 339 13.75 43.71 42.27
N HIS C 340 14.56 42.88 42.95
CA HIS C 340 14.08 41.62 43.59
C HIS C 340 14.57 41.55 45.05
N GLN C 341 13.67 41.50 46.04
CA GLN C 341 14.09 41.33 47.43
C GLN C 341 14.04 39.85 47.76
N MET C 342 15.16 39.31 48.20
CA MET C 342 15.22 37.88 48.49
C MET C 342 14.38 37.58 49.73
N PRO C 343 13.40 36.67 49.67
CA PRO C 343 12.65 36.35 50.89
C PRO C 343 13.53 35.70 51.94
N LEU C 344 13.15 35.88 53.20
CA LEU C 344 13.93 35.34 54.31
C LEU C 344 13.99 33.83 54.25
N TRP C 345 12.88 33.19 53.88
CA TRP C 345 12.87 31.73 53.82
C TRP C 345 13.77 31.22 52.70
N VAL C 346 13.85 31.94 51.58
CA VAL C 346 14.80 31.56 50.53
C VAL C 346 16.22 31.62 51.07
N ARG C 347 16.55 32.70 51.79
CA ARG C 347 17.85 32.82 52.42
C ARG C 347 18.14 31.63 53.33
N GLN C 348 17.20 31.30 54.21
CA GLN C 348 17.36 30.17 55.12
C GLN C 348 17.65 28.88 54.35
N ILE C 349 16.70 28.48 53.48
CA ILE C 349 16.76 27.16 52.86
C ILE C 349 18.00 27.05 51.97
N PHE C 350 18.30 28.10 51.20
CA PHE C 350 19.31 27.99 50.15
C PHE C 350 20.65 28.62 50.51
N ILE C 351 20.86 29.08 51.75
CA ILE C 351 22.18 29.53 52.18
C ILE C 351 22.60 28.84 53.47
N HIS C 352 21.63 28.41 54.30
CA HIS C 352 21.93 27.88 55.62
C HIS C 352 21.66 26.39 55.74
N LYS C 353 20.59 25.87 55.15
CA LYS C 353 20.23 24.46 55.29
C LYS C 353 20.85 23.60 54.19
N LEU C 354 20.52 23.89 52.94
CA LEU C 354 20.93 23.02 51.84
C LEU C 354 22.44 22.92 51.62
N PRO C 355 23.22 24.02 51.64
CA PRO C 355 24.65 23.90 51.27
C PRO C 355 25.45 22.91 52.10
N LEU C 356 25.16 22.79 53.41
CA LEU C 356 25.85 21.77 54.20
C LEU C 356 25.51 20.38 53.70
N TYR C 357 24.24 20.15 53.35
CA TYR C 357 23.79 18.83 52.90
C TYR C 357 24.32 18.50 51.52
N LEU C 358 24.56 19.51 50.69
CA LEU C 358 25.13 19.33 49.35
C LEU C 358 26.65 19.44 49.31
N ARG C 359 27.30 19.61 50.45
CA ARG C 359 28.76 19.76 50.53
C ARG C 359 29.22 20.95 49.68
N LEU C 360 28.52 22.07 49.84
CA LEU C 360 28.84 23.34 49.18
C LEU C 360 29.25 24.32 50.27
N LYS C 361 30.56 24.56 50.40
CA LYS C 361 31.10 25.40 51.46
C LYS C 361 31.35 26.80 50.89
N ARG C 362 30.53 27.75 51.29
CA ARG C 362 30.75 29.15 50.95
C ARG C 362 31.82 29.73 51.87
N PRO C 363 32.92 30.28 51.34
CA PRO C 363 33.87 30.95 52.25
C PRO C 363 33.28 32.24 52.79
N LYS C 364 32.96 32.23 54.08
CA LYS C 364 32.28 33.36 54.73
C LYS C 364 30.96 33.66 54.03
N LEU C 430 36.66 78.43 52.26
CA LEU C 430 37.40 77.29 51.70
C LEU C 430 36.50 76.47 50.77
N PRO C 431 36.00 77.09 49.71
CA PRO C 431 35.08 76.37 48.81
C PRO C 431 35.70 75.15 48.14
N GLU C 432 36.97 75.22 47.76
CA GLU C 432 37.59 74.10 47.06
C GLU C 432 37.70 72.88 47.98
N LEU C 433 38.07 73.10 49.24
CA LEU C 433 38.14 71.99 50.18
C LEU C 433 36.77 71.40 50.45
N ARG C 434 35.74 72.25 50.51
CA ARG C 434 34.38 71.75 50.68
C ARG C 434 33.97 70.89 49.50
N GLU C 435 34.26 71.33 48.28
CA GLU C 435 33.94 70.54 47.11
C GLU C 435 34.74 69.23 47.10
N VAL C 436 36.00 69.27 47.54
CA VAL C 436 36.81 68.06 47.60
C VAL C 436 36.21 67.05 48.57
N VAL C 437 35.82 67.52 49.75
CA VAL C 437 35.23 66.63 50.75
C VAL C 437 33.92 66.06 50.22
N SER C 438 33.10 66.90 49.58
CA SER C 438 31.82 66.43 49.05
C SER C 438 32.04 65.38 47.96
N SER C 439 33.01 65.61 47.07
CA SER C 439 33.28 64.65 46.00
C SER C 439 33.80 63.33 46.57
N ILE C 440 34.71 63.39 47.54
CA ILE C 440 35.26 62.17 48.11
C ILE C 440 34.17 61.39 48.84
N SER C 441 33.31 62.09 49.59
CA SER C 441 32.20 61.41 50.26
C SER C 441 31.24 60.81 49.24
N TYR C 442 30.98 61.52 48.15
CA TYR C 442 30.09 60.99 47.12
C TYR C 442 30.66 59.72 46.50
N ILE C 443 31.95 59.73 46.19
CA ILE C 443 32.57 58.55 45.59
C ILE C 443 32.55 57.38 46.57
N ALA C 444 32.85 57.64 47.84
CA ALA C 444 32.82 56.58 48.83
C ALA C 444 31.43 56.01 49.00
N ARG C 445 30.40 56.87 49.02
CA ARG C 445 29.04 56.39 49.17
C ARG C 445 28.63 55.57 47.95
N GLN C 446 29.03 56.01 46.76
CA GLN C 446 28.72 55.25 45.55
C GLN C 446 29.39 53.88 45.59
N LEU C 447 30.64 53.82 46.03
CA LEU C 447 31.32 52.53 46.12
C LEU C 447 30.69 51.63 47.19
N GLN C 448 30.25 52.20 48.31
CA GLN C 448 29.58 51.40 49.33
C GLN C 448 28.27 50.84 48.79
N GLU C 449 27.50 51.66 48.07
CA GLU C 449 26.27 51.18 47.44
C GLU C 449 26.56 50.08 46.44
N GLN C 450 27.64 50.24 45.66
CA GLN C 450 28.04 49.20 44.71
C GLN C 450 28.42 47.92 45.45
N GLU C 451 29.09 48.05 46.59
CA GLU C 451 29.47 46.88 47.37
C GLU C 451 28.24 46.14 47.89
N ASP C 452 27.24 46.88 48.38
CA ASP C 452 26.01 46.24 48.85
C ASP C 452 25.28 45.55 47.71
N HIS C 453 25.22 46.23 46.55
CA HIS C 453 24.61 45.63 45.36
C HIS C 453 25.32 44.35 44.96
N ASP C 454 26.65 44.36 44.98
CA ASP C 454 27.43 43.18 44.64
C ASP C 454 27.20 42.06 45.65
N ALA C 455 27.06 42.41 46.93
CA ALA C 455 26.80 41.39 47.94
C ALA C 455 25.46 40.71 47.69
N LEU C 456 24.41 41.50 47.40
CA LEU C 456 23.12 40.89 47.12
C LEU C 456 23.17 40.06 45.84
N LYS C 457 23.88 40.55 44.82
CA LYS C 457 24.03 39.77 43.60
C LYS C 457 24.75 38.46 43.85
N GLU C 458 25.78 38.48 44.72
CA GLU C 458 26.49 37.26 45.07
C GLU C 458 25.57 36.29 45.82
N ASP C 459 24.70 36.82 46.68
CA ASP C 459 23.74 35.95 47.35
C ASP C 459 22.80 35.28 46.36
N TRP C 460 22.31 36.05 45.37
CA TRP C 460 21.46 35.46 44.34
C TRP C 460 22.21 34.41 43.54
N GLN C 461 23.48 34.69 43.20
CA GLN C 461 24.27 33.74 42.43
C GLN C 461 24.55 32.47 43.23
N PHE C 462 24.78 32.60 44.53
CA PHE C 462 25.00 31.42 45.36
C PHE C 462 23.73 30.59 45.47
N VAL C 463 22.57 31.25 45.57
CA VAL C 463 21.31 30.51 45.57
C VAL C 463 21.15 29.76 44.25
N ALA C 464 21.47 30.42 43.13
CA ALA C 464 21.40 29.75 41.84
C ALA C 464 22.34 28.56 41.77
N MET C 465 23.55 28.70 42.33
CA MET C 465 24.51 27.59 42.32
C MET C 465 24.00 26.41 43.15
N VAL C 466 23.44 26.70 44.32
CA VAL C 466 22.91 25.63 45.17
C VAL C 466 21.75 24.92 44.47
N VAL C 467 20.86 25.70 43.85
CA VAL C 467 19.75 25.11 43.12
C VAL C 467 20.26 24.28 41.96
N ASP C 468 21.33 24.75 41.30
CA ASP C 468 21.90 24.02 40.18
C ASP C 468 22.49 22.69 40.63
N ARG C 469 23.18 22.67 41.77
CA ARG C 469 23.74 21.42 42.27
C ARG C 469 22.63 20.46 42.69
N LEU C 470 21.58 20.97 43.34
CA LEU C 470 20.45 20.13 43.70
C LEU C 470 19.82 19.50 42.46
N PHE C 471 19.61 20.31 41.42
CA PHE C 471 19.07 19.76 40.17
C PHE C 471 20.03 18.78 39.53
N LEU C 472 21.34 19.01 39.64
CA LEU C 472 22.31 18.06 39.08
C LEU C 472 22.14 16.69 39.74
N TRP C 473 22.09 16.67 41.07
CA TRP C 473 21.95 15.39 41.76
C TRP C 473 20.60 14.74 41.48
N THR C 474 19.53 15.54 41.45
CA THR C 474 18.21 15.00 41.13
C THR C 474 18.18 14.41 39.73
N PHE C 475 18.80 15.10 38.76
CA PHE C 475 18.87 14.58 37.41
C PHE C 475 19.67 13.29 37.35
N ILE C 476 20.77 13.20 38.10
CA ILE C 476 21.55 11.96 38.13
C ILE C 476 20.70 10.81 38.65
N ILE C 477 19.98 11.05 39.75
CA ILE C 477 19.16 9.98 40.34
C ILE C 477 18.06 9.55 39.37
N PHE C 478 17.34 10.53 38.79
CA PHE C 478 16.22 10.19 37.91
C PHE C 478 16.71 9.48 36.66
N THR C 479 17.81 9.97 36.07
CA THR C 479 18.39 9.33 34.90
C THR C 479 18.80 7.90 35.21
N SER C 480 19.50 7.69 36.32
CA SER C 480 19.94 6.34 36.67
C SER C 480 18.76 5.41 36.88
N VAL C 481 17.73 5.88 37.59
CA VAL C 481 16.58 5.03 37.88
C VAL C 481 15.85 4.67 36.60
N GLY C 482 15.55 5.66 35.76
CA GLY C 482 14.82 5.39 34.53
C GLY C 482 15.59 4.52 33.57
N THR C 483 16.88 4.82 33.37
CA THR C 483 17.70 4.02 32.46
C THR C 483 17.82 2.59 32.97
N LEU C 484 18.03 2.40 34.27
CA LEU C 484 18.13 1.06 34.83
C LEU C 484 16.83 0.30 34.65
N VAL C 485 15.70 0.97 34.89
CA VAL C 485 14.40 0.30 34.76
C VAL C 485 14.18 -0.16 33.32
N ILE C 486 14.42 0.73 32.36
CA ILE C 486 14.20 0.38 30.96
C ILE C 486 15.18 -0.71 30.52
N PHE C 487 16.44 -0.60 30.93
CA PHE C 487 17.45 -1.56 30.51
C PHE C 487 17.18 -2.94 31.09
N LEU C 488 16.73 -3.01 32.35
CA LEU C 488 16.41 -4.30 32.95
C LEU C 488 15.13 -4.87 32.36
N ASP C 489 14.18 -4.01 31.99
CA ASP C 489 12.97 -4.50 31.32
C ASP C 489 13.31 -5.12 29.98
N ALA C 490 14.22 -4.49 29.23
CA ALA C 490 14.60 -5.03 27.93
C ALA C 490 15.49 -6.27 28.07
N THR C 491 16.35 -6.29 29.09
CA THR C 491 17.35 -7.35 29.22
C THR C 491 16.72 -8.66 29.68
N TYR C 492 15.79 -8.59 30.65
CA TYR C 492 15.15 -9.77 31.20
C TYR C 492 13.92 -10.20 30.40
N HIS C 493 13.78 -9.74 29.16
CA HIS C 493 12.73 -10.20 28.25
C HIS C 493 13.35 -11.27 27.35
N LEU C 494 13.50 -12.47 27.90
CA LEU C 494 14.09 -13.59 27.17
C LEU C 494 13.01 -14.32 26.38
N PRO C 495 13.39 -15.06 25.34
CA PRO C 495 12.40 -15.86 24.62
C PRO C 495 11.95 -17.04 25.47
N PRO C 496 10.80 -17.64 25.16
CA PRO C 496 10.26 -18.69 26.03
C PRO C 496 11.10 -19.96 25.94
N PRO C 497 11.34 -20.67 27.05
CA PRO C 497 12.01 -21.97 26.92
C PRO C 497 11.16 -23.02 26.22
N ASP C 498 9.83 -22.86 26.22
CA ASP C 498 8.89 -23.82 25.69
C ASP C 498 8.10 -23.17 24.56
N PRO C 499 8.02 -23.77 23.35
CA PRO C 499 7.25 -23.11 22.28
C PRO C 499 5.78 -22.94 22.57
N PHE C 500 5.19 -23.77 23.43
CA PHE C 500 3.75 -23.77 23.70
C PHE C 500 3.52 -23.70 25.20
N PRO C 501 3.73 -22.55 25.81
CA PRO C 501 3.50 -22.43 27.25
C PRO C 501 2.02 -22.58 27.59
N SER C 502 1.74 -23.08 28.80
CA SER C 502 0.35 -23.27 29.29
C SER C 502 -0.15 -21.93 29.87
N ARG C 503 -1.41 -21.56 29.59
CA ARG C 503 -2.00 -20.28 30.04
C ARG C 503 -3.42 -20.53 30.56
N LEU D 22 9.75 -25.82 -46.26
CA LEU D 22 11.03 -26.41 -46.77
C LEU D 22 10.84 -27.78 -47.38
N ASN D 23 11.84 -28.19 -48.16
CA ASN D 23 12.01 -29.60 -48.54
C ASN D 23 12.88 -30.27 -47.48
N GLU D 24 14.11 -29.79 -47.31
CA GLU D 24 15.15 -30.52 -46.59
C GLU D 24 14.99 -30.44 -45.07
N GLU D 25 14.97 -29.24 -44.50
CA GLU D 25 14.76 -29.12 -43.05
C GLU D 25 13.39 -29.64 -42.65
N GLU D 26 12.39 -29.45 -43.51
CA GLU D 26 11.05 -29.94 -43.21
C GLU D 26 11.03 -31.47 -43.16
N ARG D 27 11.69 -32.11 -44.11
CA ARG D 27 11.70 -33.60 -44.20
C ARG D 27 12.61 -34.15 -43.11
N LEU D 28 13.60 -33.39 -42.64
CA LEU D 28 14.44 -33.82 -41.53
C LEU D 28 13.70 -33.75 -40.20
N ILE D 29 12.95 -32.67 -39.97
CA ILE D 29 12.19 -32.56 -38.74
C ILE D 29 11.07 -33.60 -38.71
N ARG D 30 10.45 -33.87 -39.86
CA ARG D 30 9.48 -34.94 -39.93
C ARG D 30 10.11 -36.28 -39.56
N HIS D 31 11.31 -36.53 -40.08
CA HIS D 31 11.99 -37.79 -39.81
C HIS D 31 12.33 -37.92 -38.33
N LEU D 32 12.81 -36.86 -37.71
CA LEU D 32 13.26 -36.96 -36.32
C LEU D 32 12.08 -37.02 -35.35
N PHE D 33 11.12 -36.12 -35.50
CA PHE D 33 10.09 -35.93 -34.48
C PHE D 33 8.79 -36.65 -34.77
N GLN D 34 8.38 -36.73 -36.03
CA GLN D 34 7.09 -37.36 -36.37
C GLN D 34 7.24 -38.84 -36.69
N GLU D 35 8.21 -39.19 -37.53
CA GLU D 35 8.35 -40.58 -37.95
C GLU D 35 8.81 -41.47 -36.80
N LYS D 36 9.85 -41.06 -36.08
CA LYS D 36 10.44 -41.89 -35.05
C LYS D 36 9.78 -41.73 -33.68
N GLY D 37 8.78 -40.86 -33.56
CA GLY D 37 8.04 -40.75 -32.32
C GLY D 37 8.87 -40.24 -31.15
N TYR D 38 9.56 -39.13 -31.35
CA TYR D 38 10.32 -38.50 -30.27
C TYR D 38 9.39 -38.14 -29.12
N ASN D 39 9.82 -38.46 -27.90
CA ASN D 39 9.11 -38.12 -26.67
C ASN D 39 10.04 -37.29 -25.80
N LYS D 40 9.72 -36.01 -25.64
CA LYS D 40 10.59 -35.10 -24.90
C LYS D 40 10.52 -35.31 -23.39
N GLU D 41 9.57 -36.10 -22.90
CA GLU D 41 9.51 -36.39 -21.47
C GLU D 41 10.54 -37.42 -21.05
N LEU D 42 10.94 -38.31 -21.95
CA LEU D 42 11.89 -39.36 -21.62
C LEU D 42 13.32 -38.88 -21.82
N ARG D 43 14.20 -39.29 -20.92
CA ARG D 43 15.59 -38.88 -21.01
C ARG D 43 16.26 -39.56 -22.20
N PRO D 44 17.33 -38.97 -22.76
CA PRO D 44 18.07 -39.67 -23.83
C PRO D 44 19.03 -40.73 -23.30
N VAL D 45 18.48 -41.88 -22.91
CA VAL D 45 19.26 -42.98 -22.37
C VAL D 45 18.64 -44.29 -22.84
N ALA D 46 19.50 -45.25 -23.20
CA ALA D 46 19.01 -46.56 -23.60
C ALA D 46 18.33 -47.28 -22.46
N HIS D 47 18.91 -47.22 -21.26
CA HIS D 47 18.36 -47.83 -20.06
C HIS D 47 18.21 -46.77 -18.98
N LYS D 48 17.26 -47.00 -18.08
CA LYS D 48 16.96 -46.02 -17.04
C LYS D 48 18.14 -45.82 -16.10
N GLU D 49 18.99 -46.83 -15.94
CA GLU D 49 20.12 -46.72 -15.01
C GLU D 49 21.17 -45.73 -15.46
N GLU D 50 21.25 -45.44 -16.77
CA GLU D 50 22.25 -44.51 -17.25
C GLU D 50 21.94 -43.09 -16.81
N SER D 51 22.98 -42.25 -16.81
CA SER D 51 22.88 -40.85 -16.44
C SER D 51 23.30 -39.98 -17.63
N VAL D 52 22.52 -38.94 -17.88
CA VAL D 52 22.80 -38.00 -18.96
C VAL D 52 23.83 -36.99 -18.48
N ASP D 53 24.94 -36.88 -19.19
CA ASP D 53 25.98 -35.94 -18.84
C ASP D 53 25.63 -34.57 -19.42
N VAL D 54 25.51 -33.57 -18.54
CA VAL D 54 25.19 -32.20 -18.92
C VAL D 54 26.36 -31.32 -18.53
N ALA D 55 27.03 -30.74 -19.52
CA ALA D 55 28.16 -29.85 -19.29
C ALA D 55 27.66 -28.42 -19.24
N LEU D 56 28.04 -27.70 -18.19
CA LEU D 56 27.57 -26.35 -17.92
C LEU D 56 28.72 -25.36 -17.90
N ALA D 57 28.52 -24.21 -18.54
CA ALA D 57 29.40 -23.06 -18.40
C ALA D 57 28.54 -21.82 -18.27
N LEU D 58 29.09 -20.81 -17.62
CA LEU D 58 28.39 -19.56 -17.34
C LEU D 58 29.21 -18.40 -17.83
N THR D 59 28.60 -17.54 -18.65
CA THR D 59 29.21 -16.31 -19.13
C THR D 59 28.49 -15.14 -18.47
N LEU D 60 29.27 -14.25 -17.86
CA LEU D 60 28.72 -13.08 -17.18
C LEU D 60 28.63 -11.92 -18.16
N SER D 61 27.40 -11.60 -18.58
CA SER D 61 27.22 -10.44 -19.46
C SER D 61 27.55 -9.15 -18.73
N ASN D 62 26.98 -8.94 -17.54
CA ASN D 62 27.28 -7.76 -16.76
C ASN D 62 26.82 -7.99 -15.32
N LEU D 63 27.53 -7.39 -14.39
CA LEU D 63 27.17 -7.43 -12.97
C LEU D 63 26.32 -6.20 -12.67
N ILE D 64 25.01 -6.41 -12.51
CA ILE D 64 24.09 -5.28 -12.42
C ILE D 64 24.27 -4.53 -11.11
N SER D 65 24.05 -5.21 -9.98
CA SER D 65 24.15 -4.54 -8.69
C SER D 65 24.27 -5.58 -7.59
N LEU D 66 24.71 -5.12 -6.43
CA LEU D 66 24.67 -5.87 -5.19
C LEU D 66 24.02 -4.97 -4.14
N LYS D 67 22.75 -5.26 -3.81
CA LYS D 67 22.02 -4.45 -2.84
C LYS D 67 22.36 -4.93 -1.43
N GLU D 68 23.10 -4.10 -0.70
CA GLU D 68 23.56 -4.50 0.63
C GLU D 68 22.39 -4.68 1.59
N VAL D 69 21.41 -3.77 1.56
CA VAL D 69 20.29 -3.85 2.50
C VAL D 69 19.47 -5.11 2.24
N GLU D 70 19.18 -5.38 0.96
CA GLU D 70 18.42 -6.57 0.60
C GLU D 70 19.27 -7.83 0.53
N GLU D 71 20.60 -7.71 0.54
CA GLU D 71 21.51 -8.84 0.44
C GLU D 71 21.22 -9.65 -0.83
N THR D 72 21.14 -8.94 -1.95
CA THR D 72 20.78 -9.52 -3.25
C THR D 72 21.81 -9.14 -4.29
N LEU D 73 22.27 -10.13 -5.04
CA LEU D 73 23.14 -9.93 -6.19
C LEU D 73 22.32 -10.14 -7.46
N THR D 74 22.30 -9.11 -8.31
CA THR D 74 21.62 -9.16 -9.60
C THR D 74 22.67 -9.28 -10.70
N THR D 75 22.53 -10.32 -11.53
CA THR D 75 23.50 -10.63 -12.57
C THR D 75 22.79 -10.94 -13.88
N ASN D 76 23.47 -10.61 -14.98
CA ASN D 76 23.06 -10.99 -16.33
C ASN D 76 24.04 -12.04 -16.80
N VAL D 77 23.56 -13.29 -16.89
CA VAL D 77 24.41 -14.44 -17.19
C VAL D 77 23.86 -15.18 -18.39
N TRP D 78 24.75 -15.72 -19.21
CA TRP D 78 24.40 -16.63 -20.30
C TRP D 78 24.90 -18.02 -19.92
N ILE D 79 24.00 -18.98 -19.85
CA ILE D 79 24.30 -20.32 -19.34
C ILE D 79 24.44 -21.24 -20.54
N GLU D 80 25.64 -21.77 -20.75
CA GLU D 80 25.89 -22.68 -21.86
C GLU D 80 25.65 -24.11 -21.41
N HIS D 81 24.57 -24.71 -21.93
CA HIS D 81 24.25 -26.10 -21.67
C HIS D 81 24.80 -26.96 -22.81
N GLY D 82 25.22 -28.17 -22.46
CA GLY D 82 25.65 -29.12 -23.47
C GLY D 82 25.35 -30.55 -23.08
N TRP D 83 24.62 -31.27 -23.92
CA TRP D 83 24.31 -32.66 -23.66
C TRP D 83 24.05 -33.36 -24.97
N THR D 84 24.13 -34.69 -24.94
CA THR D 84 23.98 -35.53 -26.12
C THR D 84 22.60 -36.18 -26.13
N ASP D 85 21.97 -36.17 -27.30
CA ASP D 85 20.67 -36.81 -27.53
C ASP D 85 20.79 -37.64 -28.80
N ASN D 86 20.99 -38.94 -28.63
CA ASN D 86 21.23 -39.82 -29.77
C ASN D 86 19.99 -40.02 -30.62
N ARG D 87 18.80 -39.71 -30.09
CA ARG D 87 17.60 -39.77 -30.90
C ARG D 87 17.55 -38.69 -31.96
N LEU D 88 18.29 -37.60 -31.76
CA LEU D 88 18.34 -36.48 -32.70
C LEU D 88 19.58 -36.53 -33.59
N LYS D 89 20.01 -37.73 -33.97
CA LYS D 89 21.13 -37.93 -34.88
C LYS D 89 20.60 -38.17 -36.29
N TRP D 90 21.33 -37.66 -37.29
CA TRP D 90 20.98 -37.90 -38.67
C TRP D 90 22.25 -37.88 -39.51
N ASN D 91 22.18 -38.51 -40.68
CA ASN D 91 23.28 -38.46 -41.64
C ASN D 91 23.14 -37.18 -42.45
N ALA D 92 24.13 -36.28 -42.35
CA ALA D 92 24.10 -34.96 -43.02
C ALA D 92 23.93 -35.14 -44.53
N GLU D 93 24.66 -36.05 -45.17
CA GLU D 93 24.59 -36.19 -46.62
C GLU D 93 23.20 -36.64 -47.09
N GLU D 94 22.49 -37.42 -46.25
CA GLU D 94 21.16 -37.88 -46.62
C GLU D 94 20.18 -36.72 -46.72
N PHE D 95 20.34 -35.70 -45.86
CA PHE D 95 19.39 -34.60 -45.72
C PHE D 95 19.98 -33.29 -46.21
N GLY D 96 20.67 -33.32 -47.36
CA GLY D 96 21.17 -32.09 -48.01
C GLY D 96 22.30 -31.40 -47.28
N ASN D 97 23.24 -32.13 -46.68
CA ASN D 97 24.46 -31.56 -46.03
C ASN D 97 24.07 -30.68 -44.84
N ILE D 98 22.89 -30.84 -44.27
CA ILE D 98 22.48 -30.10 -43.04
C ILE D 98 23.36 -30.60 -41.90
N SER D 99 24.13 -29.73 -41.23
CA SER D 99 24.95 -30.09 -40.08
C SER D 99 24.40 -29.59 -38.76
N VAL D 100 23.41 -28.68 -38.77
CA VAL D 100 22.89 -28.09 -37.55
C VAL D 100 21.43 -27.72 -37.78
N LEU D 101 20.67 -27.71 -36.70
CA LEU D 101 19.26 -27.30 -36.71
C LEU D 101 18.98 -26.44 -35.50
N ARG D 102 18.13 -25.42 -35.69
CA ARG D 102 17.59 -24.62 -34.60
C ARG D 102 16.16 -25.06 -34.36
N LEU D 103 15.87 -25.44 -33.11
CA LEU D 103 14.55 -25.93 -32.73
C LEU D 103 14.09 -25.22 -31.46
N PRO D 104 12.78 -25.11 -31.22
CA PRO D 104 12.34 -24.53 -29.96
C PRO D 104 12.73 -25.40 -28.80
N PRO D 105 13.00 -24.81 -27.61
CA PRO D 105 13.36 -25.64 -26.47
C PRO D 105 12.22 -26.51 -25.96
N ASP D 106 10.97 -26.10 -26.16
CA ASP D 106 9.83 -26.91 -25.72
C ASP D 106 9.62 -28.14 -26.59
N MET D 107 10.33 -28.27 -27.71
CA MET D 107 10.17 -29.41 -28.60
C MET D 107 11.08 -30.59 -28.26
N VAL D 108 12.03 -30.42 -27.34
CA VAL D 108 13.02 -31.45 -27.02
C VAL D 108 13.11 -31.61 -25.51
N TRP D 109 13.72 -32.71 -25.10
CA TRP D 109 14.00 -32.93 -23.68
C TRP D 109 15.01 -31.92 -23.18
N LEU D 110 14.72 -31.32 -22.04
CA LEU D 110 15.57 -30.30 -21.42
C LEU D 110 16.12 -30.82 -20.09
N PRO D 111 17.43 -30.63 -19.80
CA PRO D 111 17.92 -30.88 -18.44
C PRO D 111 17.66 -29.69 -17.55
N GLU D 112 16.50 -29.66 -16.90
CA GLU D 112 16.02 -28.41 -16.28
C GLU D 112 16.95 -28.03 -15.14
N ILE D 113 17.88 -27.12 -15.43
CA ILE D 113 18.76 -26.51 -14.43
C ILE D 113 18.09 -25.24 -13.92
N VAL D 114 18.17 -25.02 -12.61
CA VAL D 114 17.62 -23.83 -11.98
C VAL D 114 18.66 -23.27 -11.01
N LEU D 115 18.49 -22.00 -10.66
CA LEU D 115 19.32 -21.36 -9.65
C LEU D 115 18.72 -21.70 -8.28
N GLU D 116 19.41 -22.57 -7.54
CA GLU D 116 18.91 -22.98 -6.23
C GLU D 116 18.86 -21.81 -5.26
N ASN D 117 19.89 -20.97 -5.25
CA ASN D 117 20.06 -19.93 -4.24
C ASN D 117 19.45 -18.60 -4.65
N ASN D 118 18.40 -18.61 -5.44
CA ASN D 118 17.65 -17.38 -5.71
C ASN D 118 16.94 -16.93 -4.44
N ASN D 119 16.43 -15.70 -4.47
CA ASN D 119 15.70 -15.12 -3.34
C ASN D 119 14.46 -14.36 -3.78
N ASP D 120 13.92 -14.65 -4.98
CA ASP D 120 12.73 -13.99 -5.48
C ASP D 120 11.77 -14.92 -6.19
N GLY D 121 12.03 -16.23 -6.25
CA GLY D 121 11.17 -17.16 -6.92
C GLY D 121 11.48 -17.39 -8.39
N SER D 122 12.40 -16.63 -8.97
CA SER D 122 12.81 -16.81 -10.36
C SER D 122 13.86 -17.91 -10.42
N PHE D 123 13.39 -19.15 -10.43
CA PHE D 123 14.28 -20.30 -10.49
C PHE D 123 14.85 -20.53 -11.88
N GLN D 124 14.10 -20.19 -12.92
CA GLN D 124 14.40 -20.61 -14.29
C GLN D 124 15.08 -19.50 -15.09
N ILE D 125 15.64 -19.91 -16.23
CA ILE D 125 16.19 -18.96 -17.18
C ILE D 125 15.10 -18.01 -17.67
N SER D 126 15.54 -16.83 -18.13
CA SER D 126 14.60 -15.79 -18.53
C SER D 126 14.03 -16.05 -19.92
N TYR D 127 14.89 -16.10 -20.93
CA TYR D 127 14.48 -16.23 -22.33
C TYR D 127 14.79 -17.64 -22.81
N SER D 128 13.75 -18.37 -23.20
CA SER D 128 13.90 -19.75 -23.68
C SER D 128 14.24 -19.72 -25.16
N CYS D 129 15.53 -19.57 -25.45
CA CYS D 129 15.99 -19.47 -26.82
C CYS D 129 15.96 -20.84 -27.50
N ASN D 130 16.20 -20.84 -28.80
CA ASN D 130 16.24 -22.09 -29.56
C ASN D 130 17.43 -22.94 -29.13
N VAL D 131 17.21 -24.26 -29.15
CA VAL D 131 18.30 -25.21 -28.99
C VAL D 131 18.96 -25.44 -30.35
N LEU D 132 20.27 -25.61 -30.33
CA LEU D 132 21.04 -25.97 -31.53
C LEU D 132 21.35 -27.46 -31.44
N VAL D 133 20.93 -28.21 -32.46
CA VAL D 133 21.10 -29.66 -32.53
C VAL D 133 21.96 -29.96 -33.74
N TYR D 134 23.08 -30.65 -33.51
CA TYR D 134 24.01 -31.02 -34.56
C TYR D 134 23.76 -32.46 -35.01
N HIS D 135 24.27 -32.78 -36.21
CA HIS D 135 23.96 -34.07 -36.81
C HIS D 135 24.52 -35.25 -36.02
N TYR D 136 25.50 -35.02 -35.15
CA TYR D 136 26.09 -36.06 -34.32
C TYR D 136 25.47 -36.11 -32.92
N GLY D 137 24.29 -35.52 -32.73
CA GLY D 137 23.51 -35.71 -31.53
C GLY D 137 23.73 -34.67 -30.44
N PHE D 138 24.74 -33.82 -30.54
CA PHE D 138 25.02 -32.85 -29.50
C PHE D 138 23.98 -31.75 -29.51
N VAL D 139 23.39 -31.48 -28.36
CA VAL D 139 22.38 -30.45 -28.20
C VAL D 139 23.01 -29.28 -27.47
N TYR D 140 23.11 -28.14 -28.16
CA TYR D 140 23.66 -26.91 -27.62
C TYR D 140 22.51 -25.96 -27.30
N TRP D 141 22.66 -25.24 -26.19
CA TRP D 141 21.60 -24.35 -25.73
C TRP D 141 22.22 -23.29 -24.83
N LEU D 142 22.01 -22.01 -25.17
CA LEU D 142 22.62 -20.89 -24.47
C LEU D 142 21.56 -19.87 -24.09
N PRO D 143 20.66 -20.21 -23.16
CA PRO D 143 19.64 -19.27 -22.74
C PRO D 143 20.21 -18.17 -21.87
N PRO D 144 19.87 -16.90 -22.11
CA PRO D 144 20.28 -15.85 -21.17
C PRO D 144 19.28 -15.72 -20.03
N ALA D 145 19.77 -15.20 -18.91
CA ALA D 145 18.97 -15.11 -17.70
C ALA D 145 19.35 -13.88 -16.89
N ILE D 146 18.36 -13.30 -16.23
CA ILE D 146 18.55 -12.33 -15.17
C ILE D 146 18.20 -13.03 -13.86
N PHE D 147 19.17 -13.12 -12.96
CA PHE D 147 19.00 -13.81 -11.68
C PHE D 147 19.16 -12.83 -10.54
N ARG D 148 18.52 -13.15 -9.42
CA ARG D 148 18.66 -12.41 -8.17
C ARG D 148 18.94 -13.45 -7.08
N SER D 149 20.20 -13.55 -6.69
CA SER D 149 20.67 -14.56 -5.75
C SER D 149 20.89 -13.95 -4.38
N SER D 150 20.87 -14.80 -3.35
CA SER D 150 21.12 -14.38 -1.99
C SER D 150 22.61 -14.33 -1.73
N CYS D 151 23.14 -13.13 -1.46
CA CYS D 151 24.54 -12.93 -1.12
C CYS D 151 24.60 -12.30 0.26
N PRO D 152 24.82 -13.10 1.31
CA PRO D 152 25.04 -12.50 2.63
C PRO D 152 26.24 -11.55 2.62
N ILE D 153 26.09 -10.43 3.30
CA ILE D 153 27.03 -9.32 3.24
C ILE D 153 27.84 -9.28 4.52
N SER D 154 29.16 -9.23 4.37
CA SER D 154 30.08 -9.03 5.49
C SER D 154 30.40 -7.53 5.55
N VAL D 155 29.86 -6.85 6.55
CA VAL D 155 29.98 -5.40 6.64
C VAL D 155 31.21 -4.98 7.43
N THR D 156 32.08 -5.95 7.76
CA THR D 156 33.11 -5.72 8.78
C THR D 156 34.05 -4.58 8.39
N TYR D 157 34.49 -4.53 7.14
CA TYR D 157 35.44 -3.54 6.65
C TYR D 157 34.81 -2.57 5.67
N PHE D 158 33.49 -2.42 5.69
CA PHE D 158 32.82 -1.49 4.80
C PHE D 158 33.28 -0.06 5.10
N PRO D 159 33.59 0.76 4.09
CA PRO D 159 33.48 0.58 2.63
C PRO D 159 34.69 -0.07 1.97
N PHE D 160 35.66 -0.57 2.74
CA PHE D 160 36.82 -1.29 2.20
C PHE D 160 36.59 -2.78 2.18
N ASP D 161 35.35 -3.22 2.02
CA ASP D 161 34.96 -4.62 2.13
C ASP D 161 34.99 -5.30 0.77
N TRP D 162 35.08 -6.63 0.83
CA TRP D 162 34.92 -7.49 -0.33
C TRP D 162 33.91 -8.56 0.01
N GLN D 163 33.16 -9.02 -1.00
CA GLN D 163 32.07 -9.99 -0.83
C GLN D 163 32.43 -11.29 -1.53
N ASN D 164 31.74 -12.38 -1.22
CA ASN D 164 32.00 -13.71 -1.80
C ASN D 164 30.64 -14.28 -2.21
N CYS D 165 30.00 -13.70 -3.22
CA CYS D 165 28.66 -14.13 -3.69
C CYS D 165 28.82 -15.45 -4.44
N SER D 166 27.72 -16.14 -4.74
CA SER D 166 27.74 -17.41 -5.46
C SER D 166 26.46 -17.58 -6.25
N LEU D 167 26.54 -18.39 -7.30
CA LEU D 167 25.41 -18.76 -8.14
C LEU D 167 25.36 -20.28 -8.18
N LYS D 168 24.53 -20.88 -7.32
CA LYS D 168 24.43 -22.33 -7.22
C LYS D 168 23.38 -22.83 -8.22
N PHE D 169 23.75 -23.77 -9.09
CA PHE D 169 22.84 -24.31 -10.14
C PHE D 169 22.64 -25.80 -9.89
N SER D 170 21.44 -26.32 -10.09
CA SER D 170 21.13 -27.76 -9.88
C SER D 170 19.71 -28.04 -10.38
N SER D 171 19.39 -29.28 -10.74
CA SER D 171 18.05 -29.69 -11.22
C SER D 171 17.19 -30.11 -10.03
N LEU D 172 15.99 -29.56 -9.89
CA LEU D 172 15.03 -29.96 -8.82
C LEU D 172 14.12 -31.03 -9.41
N LYS D 173 14.23 -31.32 -10.70
CA LYS D 173 13.38 -32.32 -11.41
C LYS D 173 14.17 -33.62 -11.62
N TYR D 174 15.50 -33.57 -11.55
CA TYR D 174 16.38 -34.76 -11.74
C TYR D 174 17.44 -34.78 -10.63
N THR D 175 17.91 -35.96 -10.25
CA THR D 175 18.93 -36.14 -9.18
C THR D 175 20.23 -36.59 -9.85
N ALA D 176 21.22 -37.07 -9.09
CA ALA D 176 22.52 -37.54 -9.63
C ALA D 176 22.31 -38.86 -10.36
N LYS D 177 21.23 -39.58 -10.07
CA LYS D 177 20.93 -40.85 -10.71
C LYS D 177 20.45 -40.67 -12.14
N GLU D 178 19.80 -39.53 -12.44
CA GLU D 178 19.22 -39.28 -13.75
C GLU D 178 20.08 -38.42 -14.65
N ILE D 179 20.75 -37.40 -14.12
CA ILE D 179 21.64 -36.54 -14.90
C ILE D 179 22.93 -36.35 -14.13
N THR D 180 24.04 -36.22 -14.86
CA THR D 180 25.36 -35.97 -14.27
C THR D 180 25.79 -34.57 -14.68
N LEU D 181 26.05 -33.72 -13.68
CA LEU D 181 26.49 -32.36 -13.92
C LEU D 181 28.02 -32.33 -14.02
N SER D 182 28.53 -31.61 -15.02
CA SER D 182 29.96 -31.47 -15.24
C SER D 182 30.23 -30.07 -15.79
N LEU D 183 31.50 -29.70 -15.78
CA LEU D 183 31.91 -28.40 -16.31
C LEU D 183 32.24 -28.52 -17.79
N LYS D 184 32.13 -27.38 -18.48
CA LYS D 184 32.43 -27.33 -19.91
C LYS D 184 33.91 -27.62 -20.14
N GLN D 185 34.19 -28.36 -21.22
CA GLN D 185 35.54 -28.71 -21.62
C GLN D 185 35.90 -27.96 -22.89
N ASP D 186 36.99 -27.20 -22.83
CA ASP D 186 37.52 -26.46 -23.96
C ASP D 186 38.80 -27.14 -24.45
N ALA D 187 39.35 -26.62 -25.55
CA ALA D 187 40.51 -27.21 -26.21
C ALA D 187 41.54 -26.14 -26.52
N LYS D 188 42.81 -26.55 -26.51
CA LYS D 188 43.91 -25.65 -26.86
C LYS D 188 45.10 -26.51 -27.27
N GLU D 189 45.51 -26.38 -28.53
CA GLU D 189 46.57 -27.20 -29.10
C GLU D 189 46.28 -28.69 -28.93
N ASN D 190 45.03 -29.08 -29.21
CA ASN D 190 44.60 -30.47 -29.15
C ASN D 190 44.75 -31.06 -27.75
N ARG D 191 44.57 -30.22 -26.72
CA ARG D 191 44.60 -30.65 -25.33
C ARG D 191 43.33 -30.15 -24.65
N THR D 192 42.59 -31.06 -24.02
CA THR D 192 41.33 -30.73 -23.37
C THR D 192 41.57 -30.33 -21.92
N TYR D 193 40.89 -29.27 -21.49
CA TYR D 193 40.90 -28.82 -20.11
C TYR D 193 39.50 -28.34 -19.75
N PRO D 194 39.13 -28.36 -18.47
CA PRO D 194 37.81 -27.87 -18.09
C PRO D 194 37.78 -26.37 -17.92
N VAL D 195 36.59 -25.80 -18.14
CA VAL D 195 36.37 -24.37 -17.92
C VAL D 195 35.91 -24.24 -16.47
N GLU D 196 36.85 -23.87 -15.60
CA GLU D 196 36.61 -23.77 -14.15
C GLU D 196 36.52 -22.32 -13.71
N TRP D 197 35.90 -21.47 -14.52
CA TRP D 197 35.78 -20.06 -14.19
C TRP D 197 34.57 -19.50 -14.92
N ILE D 198 34.12 -18.34 -14.48
CA ILE D 198 33.08 -17.61 -15.19
C ILE D 198 33.69 -16.95 -16.41
N ILE D 199 33.08 -17.16 -17.58
CA ILE D 199 33.60 -16.61 -18.82
C ILE D 199 33.23 -15.14 -18.90
N ILE D 200 34.21 -14.30 -19.24
CA ILE D 200 33.99 -12.87 -19.43
C ILE D 200 34.66 -12.48 -20.73
N ASP D 201 33.88 -11.90 -21.65
CA ASP D 201 34.44 -11.37 -22.89
C ASP D 201 35.07 -10.02 -22.61
N PRO D 202 36.37 -9.81 -22.86
CA PRO D 202 36.96 -8.49 -22.56
C PRO D 202 36.36 -7.35 -23.35
N GLU D 203 35.79 -7.62 -24.54
CA GLU D 203 35.25 -6.54 -25.36
C GLU D 203 33.82 -6.19 -24.95
N GLY D 204 32.96 -7.19 -24.77
CA GLY D 204 31.56 -6.94 -24.47
C GLY D 204 31.24 -6.70 -23.01
N PHE D 205 32.18 -6.93 -22.10
CA PHE D 205 31.92 -6.81 -20.68
C PHE D 205 32.24 -5.40 -20.20
N THR D 206 31.26 -4.73 -19.62
CA THR D 206 31.44 -3.43 -18.99
C THR D 206 31.52 -3.63 -17.49
N GLU D 207 32.61 -3.15 -16.89
CA GLU D 207 32.83 -3.35 -15.46
C GLU D 207 31.78 -2.58 -14.65
N ASN D 208 31.41 -3.16 -13.51
CA ASN D 208 30.49 -2.48 -12.60
C ASN D 208 31.14 -1.22 -12.06
N GLY D 209 30.31 -0.19 -11.83
CA GLY D 209 30.83 1.07 -11.34
C GLY D 209 31.26 1.07 -9.89
N GLU D 210 31.04 -0.02 -9.17
CA GLU D 210 31.37 -0.11 -7.75
C GLU D 210 32.11 -1.39 -7.37
N TRP D 211 32.00 -2.47 -8.15
CA TRP D 211 32.52 -3.77 -7.79
C TRP D 211 33.49 -4.26 -8.85
N GLU D 212 34.67 -4.70 -8.41
CA GLU D 212 35.70 -5.26 -9.28
C GLU D 212 35.83 -6.75 -8.98
N ILE D 213 35.82 -7.56 -10.03
CA ILE D 213 35.90 -9.01 -9.88
C ILE D 213 37.36 -9.40 -9.70
N VAL D 214 37.67 -10.07 -8.59
CA VAL D 214 39.02 -10.50 -8.27
C VAL D 214 39.18 -11.96 -8.66
N HIS D 215 38.29 -12.80 -8.17
CA HIS D 215 38.25 -14.22 -8.49
C HIS D 215 36.85 -14.58 -8.96
N ARG D 216 36.77 -15.60 -9.81
CA ARG D 216 35.49 -16.06 -10.35
C ARG D 216 35.59 -17.55 -10.68
N PRO D 217 35.76 -18.39 -9.67
CA PRO D 217 35.92 -19.83 -9.92
C PRO D 217 34.59 -20.51 -10.20
N ALA D 218 34.71 -21.75 -10.69
CA ALA D 218 33.57 -22.65 -10.88
C ALA D 218 33.96 -24.00 -10.34
N ARG D 219 33.01 -24.66 -9.65
CA ARG D 219 33.26 -25.92 -8.97
C ARG D 219 32.08 -26.84 -9.17
N VAL D 220 32.34 -28.14 -9.12
CA VAL D 220 31.30 -29.17 -9.07
C VAL D 220 31.29 -29.71 -7.66
N ASN D 221 30.27 -29.35 -6.89
CA ASN D 221 30.16 -29.73 -5.50
C ASN D 221 29.30 -30.97 -5.37
N VAL D 222 29.80 -31.96 -4.64
CA VAL D 222 29.09 -33.21 -4.39
C VAL D 222 29.02 -33.40 -2.89
N ASP D 223 27.84 -33.78 -2.39
CA ASP D 223 27.63 -34.07 -0.98
C ASP D 223 27.56 -35.58 -0.81
N PRO D 224 28.61 -36.25 -0.34
CA PRO D 224 28.50 -37.71 -0.16
C PRO D 224 27.49 -38.12 0.90
N ARG D 225 27.11 -37.22 1.81
CA ARG D 225 26.18 -37.59 2.87
C ARG D 225 24.78 -37.80 2.32
N ALA D 226 24.33 -36.92 1.42
CA ALA D 226 22.99 -37.02 0.89
C ALA D 226 22.88 -38.23 -0.04
N PRO D 227 21.68 -38.79 -0.21
CA PRO D 227 21.54 -39.94 -1.10
C PRO D 227 21.61 -39.55 -2.57
N LEU D 228 21.87 -40.55 -3.41
CA LEU D 228 22.01 -40.30 -4.84
C LEU D 228 20.70 -39.83 -5.46
N ASP D 229 19.57 -40.14 -4.82
CA ASP D 229 18.23 -39.75 -5.31
C ASP D 229 17.79 -38.46 -4.62
N SER D 230 18.73 -37.60 -4.21
CA SER D 230 18.44 -36.28 -3.60
C SER D 230 18.86 -35.19 -4.59
N PRO D 231 18.10 -34.09 -4.75
CA PRO D 231 18.51 -32.99 -5.63
C PRO D 231 19.69 -32.23 -5.04
N SER D 232 20.07 -32.50 -3.80
CA SER D 232 21.21 -31.83 -3.10
C SER D 232 22.48 -32.69 -3.21
N ARG D 233 22.43 -33.80 -3.95
CA ARG D 233 23.58 -34.72 -4.13
C ARG D 233 24.63 -34.08 -5.03
N GLN D 234 24.21 -33.31 -6.06
CA GLN D 234 25.15 -32.69 -7.03
C GLN D 234 24.74 -31.24 -7.30
N ASP D 235 25.71 -30.38 -7.62
CA ASP D 235 25.41 -28.98 -7.99
C ASP D 235 26.67 -28.36 -8.59
N ILE D 236 26.55 -27.29 -9.37
CA ILE D 236 27.66 -26.50 -9.88
C ILE D 236 27.47 -25.08 -9.36
N THR D 237 28.46 -24.58 -8.65
CA THR D 237 28.41 -23.26 -8.04
C THR D 237 29.45 -22.36 -8.68
N PHE D 238 29.00 -21.22 -9.20
CA PHE D 238 29.87 -20.20 -9.78
C PHE D 238 29.99 -19.06 -8.77
N TYR D 239 31.21 -18.83 -8.29
CA TYR D 239 31.47 -17.86 -7.24
C TYR D 239 31.98 -16.57 -7.86
N LEU D 240 31.82 -15.47 -7.12
CA LEU D 240 32.24 -14.15 -7.57
C LEU D 240 32.83 -13.40 -6.37
N ILE D 241 34.16 -13.43 -6.26
CA ILE D 241 34.86 -12.68 -5.22
C ILE D 241 35.04 -11.26 -5.76
N ILE D 242 34.22 -10.33 -5.25
CA ILE D 242 34.15 -8.97 -5.76
C ILE D 242 34.69 -8.02 -4.70
N ARG D 243 35.50 -7.07 -5.13
CA ARG D 243 36.11 -6.05 -4.28
C ARG D 243 35.43 -4.72 -4.56
N ARG D 244 34.96 -4.06 -3.50
CA ARG D 244 34.32 -2.77 -3.67
C ARG D 244 35.34 -1.70 -4.05
N LYS D 245 34.95 -0.83 -4.97
CA LYS D 245 35.74 0.32 -5.35
C LYS D 245 35.35 1.49 -4.45
N PRO D 246 36.13 1.84 -3.41
CA PRO D 246 35.61 2.71 -2.35
C PRO D 246 35.76 4.20 -2.61
N LEU D 247 36.02 4.60 -3.86
CA LEU D 247 36.28 6.01 -4.15
C LEU D 247 35.09 6.89 -3.78
N PHE D 248 33.88 6.45 -4.14
CA PHE D 248 32.68 7.23 -3.85
C PHE D 248 32.47 7.37 -2.35
N TYR D 249 32.48 6.25 -1.63
CA TYR D 249 32.28 6.32 -0.18
C TYR D 249 33.36 7.15 0.48
N ILE D 250 34.61 6.99 0.02
CA ILE D 250 35.72 7.81 0.54
C ILE D 250 35.38 9.29 0.40
N ILE D 251 35.20 9.76 -0.83
CA ILE D 251 35.07 11.19 -1.09
C ILE D 251 33.84 11.77 -0.40
N ASN D 252 32.67 11.13 -0.53
CA ASN D 252 31.46 11.76 -0.01
C ASN D 252 31.13 11.45 1.45
N ILE D 253 31.80 10.50 2.11
CA ILE D 253 31.53 10.19 3.53
C ILE D 253 32.79 10.35 4.38
N LEU D 254 33.87 9.64 4.04
CA LEU D 254 34.95 9.47 5.00
C LEU D 254 35.69 10.77 5.24
N VAL D 255 36.08 11.46 4.16
CA VAL D 255 36.85 12.70 4.32
C VAL D 255 36.04 13.77 5.04
N PRO D 256 34.80 14.07 4.66
CA PRO D 256 34.00 15.01 5.47
C PRO D 256 33.82 14.54 6.91
N CYS D 257 33.49 13.27 7.11
CA CYS D 257 33.24 12.77 8.45
C CYS D 257 34.52 12.76 9.28
N VAL D 258 35.63 12.35 8.69
CA VAL D 258 36.89 12.32 9.44
C VAL D 258 37.35 13.73 9.78
N LEU D 259 37.21 14.67 8.83
CA LEU D 259 37.59 16.04 9.13
C LEU D 259 36.71 16.64 10.22
N ILE D 260 35.40 16.37 10.17
CA ILE D 260 34.50 16.89 11.19
C ILE D 260 34.78 16.22 12.54
N SER D 261 35.27 14.97 12.54
CA SER D 261 35.61 14.31 13.79
C SER D 261 36.88 14.89 14.40
N PHE D 262 37.93 15.03 13.60
CA PHE D 262 39.15 15.68 14.08
C PHE D 262 38.92 17.15 14.40
N MET D 263 37.81 17.72 13.93
CA MET D 263 37.45 19.11 14.21
C MET D 263 37.39 19.40 15.70
N VAL D 264 36.93 18.44 16.50
CA VAL D 264 36.63 18.69 17.90
C VAL D 264 37.88 19.05 18.71
N ASN D 265 39.07 18.75 18.21
CA ASN D 265 40.29 19.06 18.94
C ASN D 265 40.65 20.54 18.88
N LEU D 266 39.97 21.33 18.03
CA LEU D 266 40.23 22.76 18.00
C LEU D 266 39.68 23.48 19.22
N VAL D 267 38.75 22.87 19.94
CA VAL D 267 38.15 23.54 21.10
C VAL D 267 39.18 23.75 22.20
N PHE D 268 40.19 22.89 22.26
CA PHE D 268 41.22 23.05 23.29
C PHE D 268 42.06 24.30 23.05
N TYR D 269 42.25 24.69 21.80
CA TYR D 269 42.97 25.91 21.46
C TYR D 269 42.10 27.16 21.54
N LEU D 270 40.77 27.01 21.62
CA LEU D 270 39.90 28.17 21.76
C LEU D 270 39.97 28.70 23.20
N PRO D 271 39.97 30.02 23.41
CA PRO D 271 39.94 30.51 24.78
C PRO D 271 38.57 30.34 25.41
N ALA D 272 38.56 30.22 26.74
CA ALA D 272 37.30 30.09 27.47
C ALA D 272 36.51 31.39 27.52
N ASP D 273 37.14 32.53 27.21
CA ASP D 273 36.43 33.80 27.18
C ASP D 273 35.65 34.00 25.88
N SER D 274 35.93 33.20 24.84
CA SER D 274 35.18 33.30 23.61
C SER D 274 33.74 32.88 23.78
N GLY D 275 33.48 31.90 24.65
CA GLY D 275 32.14 31.40 24.87
C GLY D 275 31.54 30.71 23.67
N GLU D 276 32.37 29.99 22.90
CA GLU D 276 31.93 29.28 21.70
C GLU D 276 32.49 27.87 21.66
N LYS D 277 32.72 27.27 22.82
CA LYS D 277 33.41 25.99 22.92
C LYS D 277 32.44 24.80 22.91
N THR D 278 31.52 24.78 23.88
CA THR D 278 30.52 23.71 23.93
C THR D 278 29.64 23.72 22.70
N SER D 279 29.39 24.90 22.14
CA SER D 279 28.61 24.96 20.90
C SER D 279 29.33 24.25 19.76
N VAL D 280 30.64 24.48 19.63
CA VAL D 280 31.41 23.81 18.57
C VAL D 280 31.40 22.31 18.79
N ALA D 281 31.62 21.88 20.04
CA ALA D 281 31.71 20.44 20.30
C ALA D 281 30.37 19.74 20.07
N ILE D 282 29.28 20.32 20.57
CA ILE D 282 27.97 19.69 20.38
C ILE D 282 27.55 19.77 18.92
N SER D 283 28.00 20.79 18.18
CA SER D 283 27.71 20.82 16.75
C SER D 283 28.45 19.73 16.00
N VAL D 284 29.69 19.43 16.41
CA VAL D 284 30.40 18.30 15.82
C VAL D 284 29.66 17.01 16.13
N LEU D 285 29.13 16.89 17.35
CA LEU D 285 28.31 15.72 17.69
C LEU D 285 27.08 15.63 16.81
N LEU D 286 26.43 16.76 16.55
CA LEU D 286 25.24 16.79 15.69
C LEU D 286 25.59 16.37 14.27
N ALA D 287 26.72 16.85 13.75
CA ALA D 287 27.15 16.46 12.42
C ALA D 287 27.43 14.96 12.36
N GLN D 288 28.06 14.41 13.41
CA GLN D 288 28.29 12.97 13.45
C GLN D 288 26.97 12.21 13.48
N SER D 289 25.98 12.74 14.20
CA SER D 289 24.66 12.11 14.21
C SER D 289 24.03 12.13 12.83
N VAL D 290 24.18 13.24 12.10
CA VAL D 290 23.66 13.32 10.74
C VAL D 290 24.32 12.28 9.85
N PHE D 291 25.64 12.12 9.98
CA PHE D 291 26.33 11.10 9.21
C PHE D 291 25.84 9.70 9.57
N LEU D 292 25.64 9.45 10.87
CA LEU D 292 25.11 8.16 11.30
C LEU D 292 23.74 7.90 10.69
N LEU D 293 22.89 8.93 10.63
CA LEU D 293 21.61 8.81 9.95
C LEU D 293 21.81 8.47 8.47
N LEU D 294 22.81 9.08 7.83
CA LEU D 294 23.04 8.83 6.42
C LEU D 294 23.43 7.38 6.15
N ILE D 295 24.32 6.82 6.98
CA ILE D 295 24.75 5.44 6.75
C ILE D 295 23.70 4.44 7.23
N SER D 296 22.82 4.85 8.16
CA SER D 296 21.82 3.90 8.67
C SER D 296 20.90 3.37 7.59
N LYS D 297 20.72 4.11 6.49
CA LYS D 297 19.83 3.68 5.40
C LYS D 297 20.56 2.93 4.30
N ARG D 298 21.88 2.72 4.41
CA ARG D 298 22.68 2.17 3.32
C ARG D 298 23.19 0.76 3.57
N LEU D 299 23.02 0.22 4.78
CA LEU D 299 23.49 -1.11 5.14
C LEU D 299 22.39 -1.87 5.86
N PRO D 300 22.44 -3.20 5.86
CA PRO D 300 21.43 -3.96 6.62
C PRO D 300 21.73 -3.94 8.11
N ALA D 301 20.69 -4.17 8.90
CA ALA D 301 20.80 -4.16 10.35
C ALA D 301 21.26 -5.51 10.88
N THR D 302 22.42 -5.97 10.40
CA THR D 302 22.97 -7.25 10.84
C THR D 302 23.83 -7.06 12.09
N SER D 303 23.87 -8.11 12.91
CA SER D 303 24.66 -8.13 14.14
C SER D 303 25.96 -8.92 14.00
N MET D 304 26.32 -9.34 12.79
CA MET D 304 27.53 -10.14 12.61
C MET D 304 28.77 -9.33 13.00
N ALA D 305 28.78 -8.04 12.72
CA ALA D 305 29.85 -7.16 13.17
C ALA D 305 29.39 -5.73 13.03
N ILE D 306 30.13 -4.83 13.69
CA ILE D 306 29.93 -3.40 13.54
C ILE D 306 30.71 -3.00 12.29
N PRO D 307 30.17 -2.17 11.39
CA PRO D 307 30.98 -1.76 10.24
C PRO D 307 32.16 -0.90 10.65
N LEU D 308 33.19 -0.88 9.80
CA LEU D 308 34.37 -0.07 10.06
C LEU D 308 33.99 1.41 10.19
N ILE D 309 33.16 1.90 9.28
CA ILE D 309 32.70 3.28 9.38
C ILE D 309 31.85 3.46 10.63
N GLY D 310 31.04 2.44 10.96
CA GLY D 310 30.28 2.50 12.20
C GLY D 310 31.16 2.51 13.42
N LYS D 311 32.23 1.69 13.40
CA LYS D 311 33.20 1.70 14.49
C LYS D 311 33.81 3.08 14.66
N PHE D 312 34.25 3.69 13.56
CA PHE D 312 34.86 5.01 13.65
C PHE D 312 33.85 6.05 14.13
N LEU D 313 32.60 5.95 13.66
CA LEU D 313 31.59 6.91 14.08
C LEU D 313 31.30 6.79 15.58
N LEU D 314 31.20 5.56 16.09
CA LEU D 314 30.98 5.38 17.53
C LEU D 314 32.19 5.90 18.33
N PHE D 315 33.40 5.60 17.86
CA PHE D 315 34.59 6.08 18.55
C PHE D 315 34.64 7.60 18.57
N GLY D 316 34.35 8.23 17.42
CA GLY D 316 34.34 9.69 17.37
C GLY D 316 33.25 10.30 18.21
N MET D 317 32.08 9.68 18.27
CA MET D 317 31.01 10.21 19.09
C MET D 317 31.36 10.13 20.57
N VAL D 318 31.95 9.01 21.00
CA VAL D 318 32.38 8.90 22.39
C VAL D 318 33.47 9.93 22.70
N LEU D 319 34.41 10.12 21.78
CA LEU D 319 35.47 11.09 22.00
C LEU D 319 34.92 12.51 22.06
N VAL D 320 33.93 12.82 21.22
CA VAL D 320 33.33 14.16 21.23
C VAL D 320 32.55 14.37 22.52
N THR D 321 31.87 13.33 23.01
CA THR D 321 31.20 13.43 24.31
C THR D 321 32.20 13.72 25.42
N MET D 322 33.33 13.00 25.41
CA MET D 322 34.37 13.25 26.40
C MET D 322 34.91 14.66 26.28
N VAL D 323 35.04 15.16 25.04
CA VAL D 323 35.55 16.51 24.84
C VAL D 323 34.56 17.54 25.35
N VAL D 324 33.26 17.29 25.17
CA VAL D 324 32.25 18.21 25.71
C VAL D 324 32.33 18.23 27.24
N VAL D 325 32.50 17.07 27.85
CA VAL D 325 32.63 17.02 29.31
C VAL D 325 33.87 17.78 29.75
N ILE D 326 34.98 17.60 29.02
CA ILE D 326 36.22 18.31 29.35
C ILE D 326 36.03 19.82 29.21
N CYS D 327 35.31 20.25 28.16
CA CYS D 327 35.06 21.67 27.97
C CYS D 327 34.19 22.23 29.09
N VAL D 328 33.21 21.46 29.54
CA VAL D 328 32.38 21.88 30.67
C VAL D 328 33.24 22.05 31.91
N ILE D 329 34.13 21.10 32.17
CA ILE D 329 34.99 21.18 33.35
C ILE D 329 35.94 22.38 33.23
N VAL D 330 36.49 22.61 32.03
CA VAL D 330 37.42 23.71 31.83
C VAL D 330 36.72 25.05 32.05
N LEU D 331 35.50 25.19 31.53
CA LEU D 331 34.75 26.43 31.74
C LEU D 331 34.41 26.61 33.22
N ASN D 332 34.02 25.52 33.89
CA ASN D 332 33.73 25.60 35.31
C ASN D 332 34.95 26.07 36.10
N ILE D 333 36.14 25.58 35.72
CA ILE D 333 37.36 26.03 36.38
C ILE D 333 37.65 27.49 36.04
N HIS D 334 37.41 27.87 34.79
CA HIS D 334 37.74 29.22 34.34
C HIS D 334 36.91 30.26 35.08
N PHE D 335 35.64 29.95 35.37
CA PHE D 335 34.71 30.92 35.95
C PHE D 335 34.60 30.83 37.47
N ARG D 336 35.64 30.35 38.15
CA ARG D 336 35.66 30.35 39.61
C ARG D 336 36.20 31.66 40.14
N THR D 337 35.73 32.03 41.34
CA THR D 337 36.11 33.28 41.98
C THR D 337 36.32 33.06 43.48
N PRO D 338 36.91 34.02 44.20
CA PRO D 338 37.01 33.88 45.67
C PRO D 338 35.67 33.70 46.36
N SER D 339 34.60 34.28 45.80
CA SER D 339 33.28 34.19 46.43
C SER D 339 32.62 32.83 46.24
N THR D 340 33.22 31.94 45.45
CA THR D 340 32.63 30.64 45.14
C THR D 340 33.56 29.49 45.52
N HIS D 341 34.86 29.65 45.27
CA HIS D 341 35.82 28.58 45.44
C HIS D 341 37.09 29.13 46.07
N VAL D 342 37.83 28.24 46.72
CA VAL D 342 39.10 28.56 47.37
C VAL D 342 40.23 27.97 46.52
N LEU D 343 41.18 28.81 46.14
CA LEU D 343 42.31 28.40 45.33
C LEU D 343 43.49 28.08 46.25
N SER D 344 43.68 26.80 46.54
CA SER D 344 44.75 26.39 47.44
C SER D 344 46.11 26.55 46.76
N GLU D 345 47.16 26.52 47.59
CA GLU D 345 48.51 26.73 47.05
C GLU D 345 49.02 25.53 46.29
N GLY D 346 48.52 24.33 46.61
CA GLY D 346 48.93 23.16 45.85
C GLY D 346 48.50 23.22 44.40
N VAL D 347 47.25 23.64 44.16
CA VAL D 347 46.77 23.78 42.78
C VAL D 347 47.54 24.87 42.06
N LYS D 348 47.84 25.97 42.77
CA LYS D 348 48.64 27.04 42.16
C LYS D 348 50.02 26.54 41.77
N LYS D 349 50.66 25.76 42.63
CA LYS D 349 51.97 25.22 42.29
C LYS D 349 51.88 24.28 41.09
N LEU D 350 50.90 23.36 41.11
CA LEU D 350 50.83 22.33 40.08
C LEU D 350 50.48 22.92 38.72
N PHE D 351 49.45 23.76 38.67
CA PHE D 351 48.85 24.18 37.40
C PHE D 351 49.35 25.52 36.89
N LEU D 352 50.32 26.16 37.57
CA LEU D 352 50.88 27.42 37.12
C LEU D 352 52.40 27.41 36.99
N GLU D 353 53.09 26.47 37.65
CA GLU D 353 54.55 26.43 37.64
C GLU D 353 55.10 25.15 37.02
N THR D 354 54.65 23.98 37.49
CA THR D 354 55.26 22.73 37.03
C THR D 354 54.73 22.32 35.66
N LEU D 355 53.42 22.24 35.52
CA LEU D 355 52.85 21.79 34.24
C LEU D 355 53.13 22.74 33.08
N PRO D 356 53.02 24.08 33.22
CA PRO D 356 53.33 24.93 32.06
C PRO D 356 54.76 24.79 31.54
N GLU D 357 55.75 24.71 32.42
CA GLU D 357 57.12 24.52 31.95
C GLU D 357 57.38 23.09 31.51
N LEU D 358 56.66 22.12 32.07
CA LEU D 358 56.77 20.74 31.59
C LEU D 358 56.25 20.63 30.16
N LEU D 359 55.15 21.31 29.85
CA LEU D 359 54.51 21.24 28.54
C LEU D 359 55.02 22.27 27.56
N HIS D 360 56.05 23.05 27.93
CA HIS D 360 56.63 24.04 27.03
C HIS D 360 55.63 25.12 26.63
N MET D 361 54.77 25.50 27.58
CA MET D 361 53.86 26.61 27.36
C MET D 361 54.61 27.94 27.47
N SER D 362 54.06 28.96 26.82
CA SER D 362 54.68 30.28 26.87
C SER D 362 54.61 30.84 28.28
N ARG D 363 55.77 31.27 28.79
CA ARG D 363 55.83 31.78 30.15
C ARG D 363 55.30 33.22 30.21
N PRO D 364 54.75 33.65 31.35
CA PRO D 364 54.41 35.07 31.49
C PRO D 364 55.66 35.92 31.61
N ALA D 365 55.55 37.16 31.15
CA ALA D 365 56.65 38.13 31.22
C ALA D 365 57.88 37.62 30.48
N GLN D 429 43.78 71.53 66.12
CA GLN D 429 43.80 70.50 65.09
C GLN D 429 42.42 70.35 64.45
N GLU D 430 41.72 71.49 64.29
CA GLU D 430 40.41 71.46 63.66
C GLU D 430 40.50 71.10 62.18
N LEU D 431 41.63 71.42 61.53
CA LEU D 431 41.79 71.09 60.12
C LEU D 431 41.77 69.58 59.91
N PHE D 432 42.47 68.84 60.77
CA PHE D 432 42.49 67.39 60.64
C PHE D 432 41.10 66.80 60.87
N ASN D 433 40.36 67.35 61.83
CA ASN D 433 38.99 66.87 62.06
C ASN D 433 38.10 67.16 60.87
N GLU D 434 38.28 68.32 60.23
CA GLU D 434 37.49 68.66 59.05
C GLU D 434 37.84 67.78 57.87
N LEU D 435 39.11 67.40 57.72
CA LEU D 435 39.55 66.53 56.64
C LEU D 435 39.37 65.06 56.94
N LYS D 436 39.02 64.70 58.17
CA LYS D 436 38.88 63.29 58.53
C LYS D 436 37.89 62.51 57.68
N PRO D 437 36.68 63.00 57.38
CA PRO D 437 35.81 62.21 56.48
C PRO D 437 36.39 62.04 55.09
N ALA D 438 37.14 63.02 54.60
CA ALA D 438 37.82 62.86 53.32
C ALA D 438 38.88 61.77 53.40
N VAL D 439 39.62 61.71 54.51
CA VAL D 439 40.63 60.68 54.68
C VAL D 439 39.98 59.30 54.77
N ASP D 440 38.84 59.22 55.48
CA ASP D 440 38.12 57.97 55.57
C ASP D 440 37.64 57.52 54.20
N GLY D 441 37.11 58.45 53.40
CA GLY D 441 36.71 58.11 52.05
C GLY D 441 37.88 57.66 51.20
N ALA D 442 39.03 58.33 51.33
CA ALA D 442 40.22 57.95 50.58
C ALA D 442 40.65 56.52 50.92
N ASN D 443 40.69 56.20 52.22
CA ASN D 443 41.05 54.85 52.63
C ASN D 443 40.01 53.85 52.15
N PHE D 444 38.74 54.25 52.11
CA PHE D 444 37.70 53.32 51.67
C PHE D 444 37.85 53.00 50.18
N ILE D 445 38.11 54.00 49.34
CA ILE D 445 38.35 53.69 47.93
C ILE D 445 39.61 52.86 47.78
N VAL D 446 40.66 53.16 48.54
CA VAL D 446 41.89 52.38 48.43
C VAL D 446 41.62 50.93 48.74
N ASN D 447 40.91 50.65 49.83
CA ASN D 447 40.58 49.29 50.18
C ASN D 447 39.69 48.62 49.13
N HIS D 448 38.71 49.38 48.60
CA HIS D 448 37.81 48.81 47.61
C HIS D 448 38.54 48.38 46.35
N MET D 449 39.39 49.26 45.82
CA MET D 449 40.12 48.90 44.60
C MET D 449 41.17 47.84 44.87
N ARG D 450 41.78 47.82 46.06
CA ARG D 450 42.72 46.75 46.36
C ARG D 450 42.01 45.40 46.41
N ASP D 451 40.82 45.35 47.04
CA ASP D 451 40.05 44.12 47.05
C ASP D 451 39.64 43.71 45.66
N GLN D 452 39.24 44.68 44.82
CA GLN D 452 38.89 44.38 43.44
C GLN D 452 40.09 43.79 42.69
N ASN D 453 41.28 44.37 42.91
CA ASN D 453 42.47 43.86 42.23
C ASN D 453 42.81 42.45 42.69
N ASN D 454 42.71 42.17 43.98
CA ASN D 454 42.99 40.81 44.45
C ASN D 454 41.98 39.82 43.88
N TYR D 455 40.71 40.24 43.81
CA TYR D 455 39.67 39.42 43.19
C TYR D 455 40.02 39.11 41.74
N ASN D 456 40.43 40.14 40.99
CA ASN D 456 40.73 39.96 39.58
C ASN D 456 41.95 39.07 39.37
N GLU D 457 42.99 39.25 40.19
CA GLU D 457 44.16 38.36 40.11
C GLU D 457 43.81 36.91 40.43
N GLU D 458 42.94 36.67 41.41
CA GLU D 458 42.51 35.29 41.64
C GLU D 458 41.77 34.75 40.42
N LYS D 459 40.94 35.59 39.80
CA LYS D 459 40.23 35.14 38.60
C LYS D 459 41.21 34.81 37.47
N ASP D 460 42.25 35.61 37.30
CA ASP D 460 43.24 35.30 36.27
C ASP D 460 44.03 34.04 36.60
N SER D 461 44.28 33.78 37.90
CA SER D 461 44.91 32.53 38.27
C SER D 461 44.03 31.34 37.89
N TRP D 462 42.73 31.45 38.12
CA TRP D 462 41.81 30.39 37.70
C TRP D 462 41.82 30.23 36.19
N ASN D 463 41.90 31.35 35.46
CA ASN D 463 41.97 31.27 34.00
C ASN D 463 43.23 30.56 33.54
N ARG D 464 44.36 30.84 34.19
CA ARG D 464 45.61 30.15 33.84
C ARG D 464 45.53 28.67 34.14
N VAL D 465 44.89 28.30 35.25
CA VAL D 465 44.69 26.88 35.56
C VAL D 465 43.86 26.23 34.47
N ALA D 466 42.81 26.92 34.01
CA ALA D 466 41.97 26.40 32.94
C ALA D 466 42.77 26.22 31.66
N ARG D 467 43.63 27.18 31.33
CA ARG D 467 44.45 27.06 30.12
C ARG D 467 45.40 25.87 30.22
N THR D 468 46.02 25.66 31.38
CA THR D 468 46.91 24.52 31.55
C THR D 468 46.15 23.21 31.39
N VAL D 469 44.96 23.13 31.98
CA VAL D 469 44.15 21.92 31.84
C VAL D 469 43.78 21.70 30.38
N ASP D 470 43.47 22.79 29.67
CA ASP D 470 43.09 22.75 28.24
C ASP D 470 44.26 22.21 27.41
N ARG D 471 45.48 22.65 27.68
CA ARG D 471 46.66 22.19 26.94
C ARG D 471 46.95 20.72 27.22
N LEU D 472 46.87 20.31 28.49
CA LEU D 472 47.07 18.91 28.82
C LEU D 472 46.04 18.04 28.14
N CYS D 473 44.77 18.47 28.15
CA CYS D 473 43.73 17.69 27.50
C CYS D 473 43.94 17.62 25.99
N LEU D 474 44.45 18.69 25.38
CA LEU D 474 44.79 18.65 23.96
C LEU D 474 45.83 17.56 23.70
N PHE D 475 46.94 17.61 24.42
CA PHE D 475 48.02 16.65 24.19
C PHE D 475 47.64 15.23 24.60
N VAL D 476 46.59 15.05 25.40
CA VAL D 476 46.15 13.70 25.76
C VAL D 476 45.08 13.19 24.79
N VAL D 477 44.26 14.08 24.24
CA VAL D 477 43.09 13.64 23.47
C VAL D 477 43.41 13.55 21.99
N THR D 478 44.15 14.51 21.43
CA THR D 478 44.42 14.47 19.99
C THR D 478 45.21 13.24 19.57
N PRO D 479 46.29 12.83 20.26
CA PRO D 479 46.95 11.57 19.86
C PRO D 479 46.04 10.36 19.96
N VAL D 480 45.14 10.32 20.95
CA VAL D 480 44.22 9.20 21.07
C VAL D 480 43.30 9.15 19.85
N MET D 481 42.76 10.30 19.46
CA MET D 481 41.88 10.36 18.29
C MET D 481 42.63 9.91 17.04
N VAL D 482 43.85 10.43 16.84
CA VAL D 482 44.60 10.11 15.63
C VAL D 482 44.94 8.63 15.58
N VAL D 483 45.39 8.08 16.72
CA VAL D 483 45.81 6.67 16.73
C VAL D 483 44.61 5.75 16.56
N GLY D 484 43.49 6.06 17.23
CA GLY D 484 42.31 5.23 17.06
C GLY D 484 41.78 5.26 15.63
N THR D 485 41.74 6.45 15.03
CA THR D 485 41.29 6.55 13.64
C THR D 485 42.22 5.79 12.71
N ALA D 486 43.54 5.92 12.94
CA ALA D 486 44.51 5.21 12.09
C ALA D 486 44.34 3.70 12.22
N TRP D 487 44.18 3.20 13.44
CA TRP D 487 44.00 1.77 13.62
C TRP D 487 42.73 1.29 12.92
N ILE D 488 41.63 2.02 13.12
CA ILE D 488 40.35 1.61 12.54
C ILE D 488 40.43 1.58 11.03
N PHE D 489 41.04 2.59 10.42
CA PHE D 489 41.05 2.67 8.96
C PHE D 489 42.12 1.77 8.33
N LEU D 490 43.27 1.57 8.98
CA LEU D 490 44.25 0.62 8.47
C LEU D 490 43.74 -0.81 8.60
N GLN D 491 42.80 -1.07 9.52
CA GLN D 491 42.20 -2.39 9.56
C GLN D 491 41.52 -2.74 8.24
N GLY D 492 40.94 -1.74 7.58
CA GLY D 492 40.21 -1.96 6.34
C GLY D 492 41.01 -1.68 5.09
N VAL D 493 41.99 -0.78 5.17
CA VAL D 493 42.79 -0.45 3.99
C VAL D 493 43.63 -1.64 3.57
N TYR D 494 44.16 -2.40 4.54
CA TYR D 494 44.90 -3.63 4.27
C TYR D 494 44.00 -4.85 4.30
N ASN D 495 42.70 -4.70 4.00
CA ASN D 495 41.78 -5.81 3.85
C ASN D 495 41.65 -6.11 2.35
N GLN D 496 42.18 -7.26 1.94
CA GLN D 496 42.16 -7.71 0.56
C GLN D 496 41.66 -9.15 0.54
N PRO D 497 40.97 -9.58 -0.52
CA PRO D 497 40.64 -11.01 -0.62
C PRO D 497 41.90 -11.84 -0.75
N PRO D 498 41.87 -13.11 -0.35
CA PRO D 498 43.10 -13.91 -0.37
C PRO D 498 43.58 -14.16 -1.79
N PRO D 499 44.88 -14.46 -1.98
CA PRO D 499 45.35 -14.70 -3.35
C PRO D 499 44.66 -15.86 -4.03
N GLN D 500 44.26 -16.89 -3.29
CA GLN D 500 43.55 -18.05 -3.81
C GLN D 500 42.05 -17.93 -3.49
N PRO D 501 41.15 -18.27 -4.41
CA PRO D 501 39.71 -18.12 -4.09
C PRO D 501 39.25 -18.97 -2.93
N PHE D 502 39.74 -20.20 -2.80
CA PHE D 502 39.36 -21.12 -1.73
C PHE D 502 40.55 -21.33 -0.80
N PRO D 503 40.47 -20.99 0.49
CA PRO D 503 41.57 -21.36 1.40
C PRO D 503 41.75 -22.86 1.47
N GLY D 504 43.01 -23.29 1.50
CA GLY D 504 43.36 -24.68 1.48
C GLY D 504 43.59 -25.27 0.10
N ASP D 505 43.08 -24.61 -0.95
CA ASP D 505 43.29 -25.04 -2.33
C ASP D 505 44.26 -24.05 -2.97
N PRO D 506 45.49 -24.44 -3.34
CA PRO D 506 46.40 -23.48 -3.96
C PRO D 506 46.04 -23.10 -5.39
N TYR D 507 45.12 -23.83 -6.03
CA TYR D 507 44.75 -23.52 -7.40
C TYR D 507 44.05 -22.17 -7.49
N SER D 508 44.36 -21.41 -8.54
CA SER D 508 43.84 -20.07 -8.70
C SER D 508 42.52 -20.00 -9.43
N TYR D 509 42.14 -21.07 -10.16
CA TYR D 509 40.92 -21.07 -10.98
C TYR D 509 40.92 -19.91 -11.96
N ASN D 510 42.07 -19.67 -12.59
CA ASN D 510 42.27 -18.60 -13.55
C ASN D 510 42.34 -19.18 -14.96
N VAL D 511 42.16 -18.30 -15.94
CA VAL D 511 42.18 -18.75 -17.33
C VAL D 511 43.60 -19.17 -17.73
N GLN D 512 44.62 -18.47 -17.22
CA GLN D 512 45.99 -18.79 -17.59
C GLN D 512 46.40 -20.17 -17.09
N ASP D 513 46.06 -20.50 -15.85
CA ASP D 513 46.51 -21.75 -15.22
C ASP D 513 45.52 -22.87 -15.53
N LYS D 514 45.55 -23.30 -16.78
CA LYS D 514 44.68 -24.39 -17.21
C LYS D 514 45.19 -25.71 -16.66
N ARG D 515 44.27 -26.56 -16.20
CA ARG D 515 44.58 -27.89 -15.68
C ARG D 515 44.30 -28.89 -16.78
N PHE D 516 45.27 -29.05 -17.67
CA PHE D 516 45.12 -29.97 -18.79
C PHE D 516 45.04 -31.41 -18.30
N ILE D 517 44.20 -32.20 -18.95
CA ILE D 517 44.05 -33.60 -18.58
C ILE D 517 45.25 -34.39 -19.12
N LYS E 21 -34.00 -28.03 -23.92
CA LYS E 21 -32.90 -27.30 -24.62
C LYS E 21 -32.93 -25.80 -24.33
N ASN E 22 -31.78 -25.29 -23.89
CA ASN E 22 -31.60 -23.84 -23.77
C ASN E 22 -31.51 -23.22 -25.16
N GLU E 23 -32.30 -22.16 -25.38
CA GLU E 23 -32.26 -21.49 -26.68
C GLU E 23 -30.97 -20.71 -26.87
N GLU E 24 -30.34 -20.29 -25.76
CA GLU E 24 -29.05 -19.61 -25.86
C GLU E 24 -28.01 -20.53 -26.51
N LEU E 25 -28.00 -21.81 -26.14
CA LEU E 25 -27.06 -22.75 -26.73
C LEU E 25 -27.30 -22.93 -28.21
N ARG E 26 -28.58 -23.04 -28.62
CA ARG E 26 -28.88 -23.18 -30.03
C ARG E 26 -28.47 -21.94 -30.81
N LEU E 27 -28.73 -20.75 -30.26
CA LEU E 27 -28.30 -19.53 -30.92
C LEU E 27 -26.77 -19.46 -31.02
N TYR E 28 -26.08 -19.84 -29.95
CA TYR E 28 -24.62 -19.84 -29.98
C TYR E 28 -24.08 -20.78 -31.04
N HIS E 29 -24.65 -21.99 -31.15
CA HIS E 29 -24.18 -22.91 -32.17
C HIS E 29 -24.51 -22.39 -33.57
N HIS E 30 -25.67 -21.77 -33.74
CA HIS E 30 -26.03 -21.24 -35.05
C HIS E 30 -25.07 -20.14 -35.49
N LEU E 31 -24.73 -19.23 -34.57
CA LEU E 31 -23.88 -18.10 -34.95
C LEU E 31 -22.41 -18.49 -35.11
N PHE E 32 -21.89 -19.35 -34.24
CA PHE E 32 -20.46 -19.54 -34.09
C PHE E 32 -19.91 -20.84 -34.66
N ASN E 33 -20.75 -21.71 -35.23
CA ASN E 33 -20.22 -22.94 -35.83
C ASN E 33 -19.35 -22.62 -37.04
N ASN E 34 -19.74 -21.64 -37.84
CA ASN E 34 -18.98 -21.17 -39.00
C ASN E 34 -18.70 -19.69 -38.78
N TYR E 35 -17.60 -19.40 -38.08
CA TYR E 35 -17.27 -18.02 -37.74
C TYR E 35 -15.77 -17.94 -37.49
N ASP E 36 -15.15 -16.89 -38.02
CA ASP E 36 -13.71 -16.65 -37.89
C ASP E 36 -13.48 -15.35 -37.12
N PRO E 37 -13.01 -15.38 -35.86
CA PRO E 37 -12.74 -14.11 -35.18
C PRO E 37 -11.53 -13.37 -35.71
N GLY E 38 -10.71 -13.99 -36.57
CA GLY E 38 -9.56 -13.30 -37.14
C GLY E 38 -9.88 -12.42 -38.32
N SER E 39 -11.04 -12.61 -38.95
CA SER E 39 -11.43 -11.85 -40.13
C SER E 39 -12.33 -10.68 -39.71
N ARG E 40 -12.12 -9.53 -40.34
CA ARG E 40 -12.95 -8.38 -40.03
C ARG E 40 -14.38 -8.62 -40.50
N PRO E 41 -15.38 -8.01 -39.84
CA PRO E 41 -16.77 -8.19 -40.32
C PRO E 41 -17.11 -7.24 -41.46
N VAL E 42 -16.53 -7.50 -42.63
CA VAL E 42 -16.77 -6.72 -43.84
C VAL E 42 -17.02 -7.68 -45.00
N ARG E 43 -18.01 -7.35 -45.82
CA ARG E 43 -18.33 -8.20 -46.96
C ARG E 43 -17.26 -8.11 -48.05
N GLU E 44 -16.56 -6.97 -48.15
CA GLU E 44 -15.47 -6.76 -49.09
C GLU E 44 -14.23 -6.29 -48.34
N PRO E 45 -13.03 -6.57 -48.84
CA PRO E 45 -11.82 -6.13 -48.12
C PRO E 45 -11.70 -4.62 -47.98
N GLU E 46 -12.19 -3.85 -48.95
CA GLU E 46 -11.99 -2.40 -48.92
C GLU E 46 -13.08 -1.67 -48.14
N ASP E 47 -14.08 -2.38 -47.63
CA ASP E 47 -15.03 -1.76 -46.72
C ASP E 47 -14.39 -1.49 -45.37
N THR E 48 -14.93 -0.50 -44.66
CA THR E 48 -14.40 -0.06 -43.38
C THR E 48 -15.35 -0.45 -42.26
N VAL E 49 -14.77 -0.85 -41.12
CA VAL E 49 -15.51 -1.19 -39.93
C VAL E 49 -15.55 0.05 -39.04
N THR E 50 -16.76 0.49 -38.68
CA THR E 50 -16.95 1.67 -37.85
C THR E 50 -17.10 1.24 -36.40
N ILE E 51 -16.33 1.87 -35.51
CA ILE E 51 -16.32 1.57 -34.09
C ILE E 51 -16.83 2.80 -33.36
N SER E 52 -17.88 2.63 -32.56
CA SER E 52 -18.40 3.70 -31.72
C SER E 52 -17.73 3.63 -30.36
N LEU E 53 -16.95 4.66 -30.03
CA LEU E 53 -16.09 4.65 -28.86
C LEU E 53 -16.64 5.59 -27.79
N LYS E 54 -16.74 5.08 -26.57
CA LYS E 54 -17.00 5.89 -25.39
C LYS E 54 -16.01 5.47 -24.31
N VAL E 55 -15.51 6.45 -23.57
CA VAL E 55 -14.55 6.22 -22.48
C VAL E 55 -15.14 6.83 -21.22
N THR E 56 -15.40 5.98 -20.23
CA THR E 56 -15.96 6.39 -18.95
C THR E 56 -14.88 6.28 -17.88
N LEU E 57 -14.63 7.38 -17.18
CA LEU E 57 -13.63 7.42 -16.13
C LEU E 57 -14.30 7.22 -14.78
N THR E 58 -13.85 6.21 -14.05
CA THR E 58 -14.40 5.88 -12.73
C THR E 58 -13.62 6.55 -11.60
N ASN E 59 -12.29 6.45 -11.62
CA ASN E 59 -11.44 7.03 -10.60
C ASN E 59 -10.14 7.52 -11.22
N LEU E 60 -9.67 8.67 -10.75
CA LEU E 60 -8.33 9.18 -11.06
C LEU E 60 -7.46 8.90 -9.85
N ILE E 61 -6.61 7.87 -9.95
CA ILE E 61 -5.90 7.38 -8.77
C ILE E 61 -4.78 8.33 -8.37
N SER E 62 -3.83 8.57 -9.28
CA SER E 62 -2.70 9.41 -8.92
C SER E 62 -2.02 9.93 -10.19
N LEU E 63 -1.24 10.99 -10.00
CA LEU E 63 -0.33 11.51 -11.01
C LEU E 63 1.07 11.56 -10.39
N ASN E 64 1.93 10.65 -10.79
CA ASN E 64 3.28 10.54 -10.21
C ASN E 64 4.18 11.56 -10.90
N GLU E 65 4.55 12.61 -10.17
CA GLU E 65 5.42 13.63 -10.74
C GLU E 65 6.81 13.08 -11.07
N LYS E 66 7.35 12.24 -10.18
CA LYS E 66 8.71 11.73 -10.40
C LYS E 66 8.77 10.85 -11.63
N GLU E 67 7.84 9.92 -11.77
CA GLU E 67 7.78 9.04 -12.94
C GLU E 67 7.00 9.65 -14.10
N GLU E 68 6.29 10.76 -13.89
CA GLU E 68 5.47 11.39 -14.92
C GLU E 68 4.45 10.40 -15.48
N THR E 69 3.68 9.80 -14.58
CA THR E 69 2.71 8.76 -14.91
C THR E 69 1.36 9.15 -14.33
N LEU E 70 0.30 8.94 -15.10
CA LEU E 70 -1.07 9.14 -14.65
C LEU E 70 -1.77 7.79 -14.58
N THR E 71 -2.25 7.43 -13.39
CA THR E 71 -2.98 6.18 -13.17
C THR E 71 -4.46 6.50 -13.09
N THR E 72 -5.26 5.80 -13.90
CA THR E 72 -6.69 6.03 -13.97
C THR E 72 -7.41 4.69 -14.06
N SER E 73 -8.65 4.68 -13.58
CA SER E 73 -9.55 3.53 -13.69
C SER E 73 -10.68 3.91 -14.64
N VAL E 74 -10.79 3.20 -15.75
CA VAL E 74 -11.75 3.50 -16.80
C VAL E 74 -12.37 2.19 -17.29
N TRP E 75 -13.51 2.32 -17.98
CA TRP E 75 -14.04 1.24 -18.80
C TRP E 75 -14.46 1.82 -20.14
N ILE E 76 -14.10 1.12 -21.21
CA ILE E 76 -14.27 1.60 -22.58
C ILE E 76 -15.56 1.06 -23.14
N GLY E 77 -16.40 1.95 -23.66
CA GLY E 77 -17.59 1.55 -24.39
C GLY E 77 -17.30 1.38 -25.87
N ILE E 78 -17.34 0.14 -26.35
CA ILE E 78 -17.02 -0.18 -27.74
C ILE E 78 -18.25 -0.82 -28.37
N ASP E 79 -18.69 -0.28 -29.50
CA ASP E 79 -19.85 -0.79 -30.23
C ASP E 79 -19.53 -0.84 -31.72
N TRP E 80 -19.99 -1.89 -32.38
CA TRP E 80 -19.81 -2.03 -33.82
C TRP E 80 -20.80 -3.08 -34.33
N GLN E 81 -20.88 -3.16 -35.66
CA GLN E 81 -21.78 -4.07 -36.34
C GLN E 81 -21.02 -5.27 -36.87
N ASP E 82 -21.63 -6.45 -36.76
CA ASP E 82 -21.06 -7.70 -37.27
C ASP E 82 -22.20 -8.47 -37.94
N TYR E 83 -22.22 -8.45 -39.27
CA TYR E 83 -23.31 -9.09 -40.00
C TYR E 83 -23.32 -10.59 -39.79
N ARG E 84 -22.17 -11.19 -39.47
CA ARG E 84 -22.12 -12.63 -39.24
C ARG E 84 -22.87 -13.02 -37.96
N LEU E 85 -22.93 -12.13 -36.97
CA LEU E 85 -23.56 -12.41 -35.66
C LEU E 85 -24.93 -11.72 -35.61
N ASN E 86 -25.66 -11.72 -36.73
CA ASN E 86 -26.98 -11.07 -36.84
C ASN E 86 -28.06 -12.14 -36.70
N TYR E 87 -29.04 -11.95 -35.82
CA TYR E 87 -30.12 -12.94 -35.57
C TYR E 87 -31.43 -12.21 -35.23
N SER E 88 -32.56 -12.91 -35.31
CA SER E 88 -33.87 -12.38 -34.98
C SER E 88 -34.37 -13.02 -33.69
N LYS E 89 -34.92 -12.18 -32.80
CA LYS E 89 -35.41 -12.70 -31.53
C LYS E 89 -36.59 -13.65 -31.72
N ASP E 90 -37.37 -13.47 -32.79
CA ASP E 90 -38.53 -14.31 -33.01
C ASP E 90 -38.14 -15.76 -33.31
N ASP E 91 -37.03 -15.95 -34.04
CA ASP E 91 -36.59 -17.29 -34.41
C ASP E 91 -36.00 -18.04 -33.22
N PHE E 92 -35.48 -17.32 -32.21
CA PHE E 92 -34.76 -17.92 -31.09
C PHE E 92 -35.44 -17.59 -29.78
N GLY E 93 -36.76 -17.79 -29.72
CA GLY E 93 -37.47 -17.73 -28.47
C GLY E 93 -37.49 -16.38 -27.78
N GLY E 94 -37.27 -15.30 -28.52
CA GLY E 94 -37.33 -13.96 -27.95
C GLY E 94 -36.06 -13.48 -27.29
N ILE E 95 -34.91 -14.06 -27.63
CA ILE E 95 -33.65 -13.62 -27.05
C ILE E 95 -33.21 -12.33 -27.72
N GLU E 96 -33.01 -11.28 -26.92
CA GLU E 96 -32.55 -9.98 -27.40
C GLU E 96 -31.08 -9.72 -27.13
N THR E 97 -30.45 -10.52 -26.27
CA THR E 97 -29.04 -10.33 -25.93
C THR E 97 -28.41 -11.69 -25.69
N LEU E 98 -27.14 -11.81 -26.04
CA LEU E 98 -26.34 -13.01 -25.78
C LEU E 98 -24.97 -12.58 -25.29
N ARG E 99 -24.55 -13.16 -24.16
CA ARG E 99 -23.24 -12.90 -23.59
C ARG E 99 -22.30 -14.06 -23.94
N VAL E 100 -21.19 -13.74 -24.58
CA VAL E 100 -20.17 -14.73 -24.93
C VAL E 100 -18.80 -14.18 -24.59
N PRO E 101 -17.81 -15.05 -24.38
CA PRO E 101 -16.45 -14.56 -24.14
C PRO E 101 -15.94 -13.73 -25.31
N SER E 102 -15.19 -12.68 -25.00
CA SER E 102 -14.67 -11.80 -26.05
C SER E 102 -13.65 -12.50 -26.93
N GLU E 103 -13.04 -13.58 -26.48
CA GLU E 103 -12.05 -14.29 -27.29
C GLU E 103 -12.67 -15.00 -28.48
N LEU E 104 -13.99 -15.22 -28.50
CA LEU E 104 -14.64 -15.92 -29.58
C LEU E 104 -15.05 -15.01 -30.74
N VAL E 105 -15.04 -13.70 -30.56
CA VAL E 105 -15.52 -12.76 -31.56
C VAL E 105 -14.36 -11.90 -32.02
N TRP E 106 -14.51 -11.34 -33.22
CA TRP E 106 -13.56 -10.35 -33.71
C TRP E 106 -13.64 -9.10 -32.84
N LEU E 107 -12.48 -8.51 -32.57
CA LEU E 107 -12.37 -7.28 -31.79
C LEU E 107 -11.50 -6.29 -32.55
N PRO E 108 -11.73 -4.98 -32.39
CA PRO E 108 -10.87 -4.00 -33.06
C PRO E 108 -9.51 -3.81 -32.42
N GLU E 109 -9.26 -4.41 -31.25
CA GLU E 109 -7.97 -4.34 -30.56
C GLU E 109 -7.58 -2.89 -30.26
N ILE E 110 -8.40 -2.24 -29.44
CA ILE E 110 -8.12 -0.88 -28.99
C ILE E 110 -7.09 -0.93 -27.88
N VAL E 111 -6.05 -0.12 -27.99
CA VAL E 111 -4.96 -0.07 -27.03
C VAL E 111 -4.68 1.39 -26.67
N LEU E 112 -4.07 1.58 -25.50
CA LEU E 112 -3.58 2.89 -25.10
C LEU E 112 -2.17 3.03 -25.63
N GLU E 113 -1.99 3.89 -26.64
CA GLU E 113 -0.69 4.01 -27.29
C GLU E 113 0.33 4.66 -26.37
N ASN E 114 -0.09 5.63 -25.56
CA ASN E 114 0.81 6.40 -24.72
C ASN E 114 0.92 5.84 -23.30
N ASN E 115 0.79 4.53 -23.14
CA ASN E 115 1.07 3.89 -21.86
C ASN E 115 2.57 3.92 -21.58
N ILE E 116 2.91 4.11 -20.31
CA ILE E 116 4.31 4.20 -19.88
C ILE E 116 4.84 2.89 -19.32
N ASP E 117 3.98 1.99 -18.82
CA ASP E 117 4.40 0.76 -18.20
C ASP E 117 4.38 -0.44 -19.14
N GLY E 118 4.08 -0.24 -20.41
CA GLY E 118 4.03 -1.32 -21.37
C GLY E 118 2.73 -2.09 -21.41
N GLN E 119 1.72 -1.68 -20.63
CA GLN E 119 0.42 -2.35 -20.61
C GLN E 119 -0.48 -1.66 -21.63
N PHE E 120 -0.74 -2.34 -22.74
CA PHE E 120 -1.55 -1.79 -23.82
C PHE E 120 -3.03 -2.14 -23.69
N GLY E 121 -3.33 -3.38 -23.33
CA GLY E 121 -4.70 -3.88 -23.37
C GLY E 121 -5.49 -3.54 -22.11
N VAL E 122 -6.72 -4.07 -22.08
CA VAL E 122 -7.64 -3.84 -20.98
C VAL E 122 -7.29 -4.75 -19.81
N ALA E 123 -7.84 -4.46 -18.63
CA ALA E 123 -7.49 -5.19 -17.42
C ALA E 123 -8.28 -6.49 -17.30
N TYR E 124 -9.54 -6.49 -17.72
CA TYR E 124 -10.43 -7.64 -17.58
C TYR E 124 -11.17 -7.85 -18.89
N ASP E 125 -10.97 -9.00 -19.52
CA ASP E 125 -11.63 -9.33 -20.79
C ASP E 125 -13.04 -9.78 -20.47
N ALA E 126 -13.96 -8.81 -20.40
CA ALA E 126 -15.35 -9.08 -20.10
C ALA E 126 -16.05 -9.68 -21.32
N ASN E 127 -17.22 -10.25 -21.09
CA ASN E 127 -18.03 -10.78 -22.17
C ASN E 127 -18.49 -9.67 -23.10
N VAL E 128 -18.66 -10.01 -24.37
CA VAL E 128 -19.30 -9.13 -25.33
C VAL E 128 -20.79 -9.41 -25.31
N LEU E 129 -21.60 -8.37 -25.47
CA LEU E 129 -23.04 -8.49 -25.57
C LEU E 129 -23.42 -8.43 -27.06
N VAL E 130 -23.96 -9.53 -27.56
CA VAL E 130 -24.35 -9.65 -28.96
C VAL E 130 -25.85 -9.43 -29.03
N TYR E 131 -26.26 -8.26 -29.51
CA TYR E 131 -27.67 -7.94 -29.67
C TYR E 131 -28.16 -8.39 -31.04
N GLU E 132 -29.49 -8.47 -31.17
CA GLU E 132 -30.07 -8.77 -32.47
C GLU E 132 -29.78 -7.64 -33.45
N GLY E 133 -29.67 -7.99 -34.73
CA GLY E 133 -29.31 -7.04 -35.76
C GLY E 133 -27.84 -6.90 -36.00
N GLY E 134 -27.02 -7.81 -35.47
CA GLY E 134 -25.58 -7.76 -35.67
C GLY E 134 -24.83 -6.80 -34.78
N SER E 135 -25.50 -6.14 -33.84
CA SER E 135 -24.86 -5.17 -32.98
C SER E 135 -24.10 -5.88 -31.87
N VAL E 136 -22.81 -5.55 -31.73
CA VAL E 136 -21.92 -6.15 -30.74
C VAL E 136 -21.44 -5.05 -29.81
N THR E 137 -21.58 -5.28 -28.50
CA THR E 137 -21.18 -4.33 -27.47
C THR E 137 -20.14 -4.99 -26.58
N TRP E 138 -19.05 -4.28 -26.31
CA TRP E 138 -18.00 -4.73 -25.41
C TRP E 138 -17.67 -3.59 -24.46
N LEU E 139 -17.70 -3.87 -23.16
CA LEU E 139 -17.55 -2.84 -22.13
C LEU E 139 -16.50 -3.26 -21.10
N PRO E 140 -15.25 -3.46 -21.51
CA PRO E 140 -14.25 -3.97 -20.58
C PRO E 140 -13.71 -2.87 -19.67
N PRO E 141 -13.44 -3.16 -18.40
CA PRO E 141 -12.73 -2.18 -17.57
C PRO E 141 -11.23 -2.28 -17.73
N ALA E 142 -10.55 -1.20 -17.36
CA ALA E 142 -9.11 -1.09 -17.57
C ALA E 142 -8.47 -0.19 -16.53
N ILE E 143 -7.24 -0.53 -16.18
CA ILE E 143 -6.34 0.33 -15.41
C ILE E 143 -5.21 0.72 -16.34
N TYR E 144 -5.04 2.03 -16.53
CA TYR E 144 -4.05 2.56 -17.47
C TYR E 144 -3.06 3.44 -16.74
N ARG E 145 -1.78 3.27 -17.07
CA ARG E 145 -0.70 4.12 -16.59
C ARG E 145 -0.10 4.81 -17.81
N SER E 146 -0.44 6.09 -17.99
CA SER E 146 -0.16 6.82 -19.21
C SER E 146 0.90 7.88 -18.96
N VAL E 147 1.59 8.26 -20.04
CA VAL E 147 2.59 9.31 -19.97
C VAL E 147 1.89 10.66 -19.83
N CYS E 148 2.37 11.47 -18.89
CA CYS E 148 1.90 12.85 -18.74
C CYS E 148 3.10 13.71 -18.38
N ALA E 149 3.63 14.43 -19.37
CA ALA E 149 4.72 15.37 -19.12
C ALA E 149 4.24 16.47 -18.19
N VAL E 150 4.83 16.54 -17.01
CA VAL E 150 4.40 17.45 -15.96
C VAL E 150 5.03 18.82 -16.24
N GLU E 151 4.19 19.83 -16.42
CA GLU E 151 4.66 21.20 -16.57
C GLU E 151 4.97 21.75 -15.17
N VAL E 152 6.26 21.86 -14.85
CA VAL E 152 6.68 22.10 -13.48
C VAL E 152 6.70 23.57 -13.08
N THR E 153 6.42 24.49 -14.02
CA THR E 153 6.79 25.89 -13.84
C THR E 153 6.11 26.52 -12.63
N TYR E 154 4.82 26.25 -12.45
CA TYR E 154 4.02 26.85 -11.38
C TYR E 154 3.67 25.85 -10.28
N PHE E 155 4.43 24.77 -10.16
CA PHE E 155 4.18 23.78 -9.12
C PHE E 155 4.36 24.43 -7.74
N PRO E 156 3.45 24.20 -6.78
CA PRO E 156 2.26 23.34 -6.77
C PRO E 156 0.97 24.02 -7.26
N PHE E 157 1.02 25.28 -7.65
CA PHE E 157 -0.16 25.99 -8.17
C PHE E 157 -0.29 25.79 -9.67
N ASP E 158 -0.27 24.53 -10.11
CA ASP E 158 -0.14 24.19 -11.52
C ASP E 158 -1.31 23.32 -11.96
N TRP E 159 -1.61 23.38 -13.25
CA TRP E 159 -2.55 22.50 -13.91
C TRP E 159 -1.82 21.73 -15.00
N GLN E 160 -2.32 20.52 -15.28
CA GLN E 160 -1.68 19.60 -16.24
C GLN E 160 -2.62 19.33 -17.41
N ASN E 161 -2.10 18.82 -18.52
CA ASN E 161 -2.90 18.48 -19.73
C ASN E 161 -2.53 17.05 -20.10
N CYS E 162 -2.95 16.06 -19.32
CA CYS E 162 -2.62 14.64 -19.54
C CYS E 162 -3.47 14.11 -20.71
N SER E 163 -2.92 13.29 -21.59
CA SER E 163 -3.59 12.77 -22.77
C SER E 163 -3.78 11.26 -22.67
N LEU E 164 -4.91 10.78 -23.17
CA LEU E 164 -5.19 9.36 -23.33
C LEU E 164 -5.46 9.10 -24.80
N ILE E 165 -4.50 8.46 -25.48
CA ILE E 165 -4.56 8.24 -26.92
C ILE E 165 -4.93 6.79 -27.16
N PHE E 166 -6.05 6.57 -27.85
CA PHE E 166 -6.58 5.25 -28.15
C PHE E 166 -6.53 5.00 -29.65
N ARG E 167 -6.12 3.80 -30.04
CA ARG E 167 -6.06 3.44 -31.44
C ARG E 167 -6.11 1.93 -31.57
N SER E 168 -6.35 1.47 -32.80
CA SER E 168 -6.26 0.05 -33.12
C SER E 168 -4.80 -0.32 -33.36
N GLN E 169 -4.32 -1.30 -32.60
CA GLN E 169 -2.93 -1.72 -32.73
C GLN E 169 -2.65 -2.46 -34.04
N THR E 170 -3.69 -2.94 -34.73
CA THR E 170 -3.55 -3.77 -35.91
C THR E 170 -4.01 -3.09 -37.19
N TYR E 171 -5.19 -2.48 -37.18
CA TYR E 171 -5.87 -2.03 -38.39
C TYR E 171 -5.64 -0.55 -38.61
N ASN E 172 -5.49 -0.15 -39.88
CA ASN E 172 -5.32 1.23 -40.24
C ASN E 172 -6.69 1.90 -40.42
N ALA E 173 -6.67 3.19 -40.77
CA ALA E 173 -7.92 3.95 -40.85
C ALA E 173 -8.85 3.43 -41.94
N GLU E 174 -8.29 2.93 -43.04
CA GLU E 174 -9.13 2.39 -44.10
C GLU E 174 -9.77 1.08 -43.68
N GLU E 175 -9.15 0.34 -42.74
CA GLU E 175 -9.67 -0.93 -42.27
C GLU E 175 -10.64 -0.76 -41.11
N VAL E 176 -10.28 0.03 -40.10
CA VAL E 176 -11.11 0.30 -38.94
C VAL E 176 -11.04 1.78 -38.65
N GLU E 177 -12.20 2.41 -38.47
CA GLU E 177 -12.31 3.83 -38.12
C GLU E 177 -13.14 3.99 -36.86
N PHE E 178 -13.04 5.15 -36.25
CA PHE E 178 -13.69 5.46 -34.98
C PHE E 178 -14.72 6.55 -35.15
N THR E 179 -15.79 6.44 -34.38
CA THR E 179 -16.77 7.51 -34.20
C THR E 179 -17.10 7.60 -32.72
N PHE E 180 -17.54 8.78 -32.29
CA PHE E 180 -17.93 8.97 -30.90
C PHE E 180 -19.33 8.42 -30.67
N ALA E 181 -19.58 7.97 -29.45
CA ALA E 181 -20.88 7.43 -29.09
C ALA E 181 -21.89 8.55 -28.89
N VAL E 182 -23.17 8.17 -28.89
CA VAL E 182 -24.28 9.10 -28.69
C VAL E 182 -25.09 8.63 -27.49
N ASP E 183 -25.52 9.60 -26.67
CA ASP E 183 -26.38 9.31 -25.54
C ASP E 183 -27.81 9.09 -26.01
N ASN E 184 -28.73 8.88 -25.06
CA ASN E 184 -30.12 8.66 -25.42
C ASN E 184 -30.74 9.90 -26.05
N ASP E 185 -30.24 11.08 -25.71
CA ASP E 185 -30.75 12.31 -26.31
C ASP E 185 -30.32 12.49 -27.76
N GLY E 186 -29.28 11.79 -28.20
CA GLY E 186 -28.81 11.85 -29.57
C GLY E 186 -27.58 12.71 -29.78
N LYS E 187 -27.18 13.51 -28.80
CA LYS E 187 -25.97 14.30 -28.94
C LYS E 187 -24.74 13.40 -28.89
N THR E 188 -23.66 13.87 -29.52
CA THR E 188 -22.42 13.10 -29.55
C THR E 188 -21.65 13.27 -28.25
N ILE E 189 -21.17 12.16 -27.70
CA ILE E 189 -20.39 12.18 -26.45
C ILE E 189 -18.92 12.31 -26.87
N ASN E 190 -18.51 13.56 -27.10
CA ASN E 190 -17.12 13.86 -27.48
C ASN E 190 -16.29 14.28 -26.27
N LYS E 191 -16.31 13.47 -25.22
CA LYS E 191 -15.60 13.78 -23.98
C LYS E 191 -15.51 12.52 -23.15
N ILE E 192 -14.83 12.62 -22.00
CA ILE E 192 -14.79 11.55 -21.02
C ILE E 192 -16.08 11.58 -20.21
N ASP E 193 -16.77 10.45 -20.15
CA ASP E 193 -18.00 10.35 -19.39
C ASP E 193 -17.68 10.07 -17.92
N ILE E 194 -18.33 10.82 -17.03
CA ILE E 194 -18.17 10.63 -15.58
C ILE E 194 -19.54 10.56 -14.95
N ASP E 195 -19.79 9.49 -14.21
CA ASP E 195 -21.03 9.36 -13.44
C ASP E 195 -20.88 10.17 -12.15
N THR E 196 -21.68 11.22 -12.03
CA THR E 196 -21.51 12.16 -10.91
C THR E 196 -21.79 11.48 -9.58
N GLU E 197 -22.82 10.62 -9.52
CA GLU E 197 -23.20 10.02 -8.26
C GLU E 197 -22.13 9.05 -7.74
N ALA E 198 -21.45 8.36 -8.65
CA ALA E 198 -20.43 7.38 -8.27
C ALA E 198 -19.02 7.96 -8.23
N TYR E 199 -18.78 9.19 -8.69
CA TYR E 199 -17.40 9.75 -8.78
C TYR E 199 -16.93 10.33 -7.46
N THR E 200 -15.75 9.93 -6.96
CA THR E 200 -15.12 10.51 -5.73
C THR E 200 -13.89 11.26 -6.20
N GLU E 201 -13.90 12.59 -6.12
CA GLU E 201 -12.78 13.43 -6.62
C GLU E 201 -11.46 13.02 -5.98
N ASN E 202 -10.37 13.04 -6.73
CA ASN E 202 -9.04 12.78 -6.22
C ASN E 202 -8.68 13.80 -5.14
N GLY E 203 -7.91 13.35 -4.15
CA GLY E 203 -7.59 14.22 -3.04
C GLY E 203 -6.69 15.38 -3.41
N GLU E 204 -5.94 15.25 -4.51
CA GLU E 204 -4.98 16.26 -4.94
C GLU E 204 -5.33 16.92 -6.26
N TRP E 205 -6.18 16.30 -7.09
CA TRP E 205 -6.42 16.74 -8.45
C TRP E 205 -7.91 16.89 -8.69
N ALA E 206 -8.29 17.97 -9.37
CA ALA E 206 -9.66 18.22 -9.77
C ALA E 206 -9.72 18.24 -11.30
N ILE E 207 -10.61 17.45 -11.87
CA ILE E 207 -10.76 17.36 -13.32
C ILE E 207 -11.68 18.50 -13.76
N ASP E 208 -11.17 19.40 -14.59
CA ASP E 208 -11.92 20.55 -15.07
C ASP E 208 -12.54 20.29 -16.43
N PHE E 209 -11.76 19.83 -17.40
CA PHE E 209 -12.21 19.59 -18.76
C PHE E 209 -11.71 18.24 -19.23
N CYS E 210 -12.38 17.69 -20.23
CA CYS E 210 -11.97 16.41 -20.80
C CYS E 210 -12.49 16.26 -22.22
N PRO E 211 -12.11 17.13 -23.16
CA PRO E 211 -12.57 17.00 -24.54
C PRO E 211 -11.98 15.78 -25.23
N GLY E 212 -12.69 15.30 -26.24
CA GLY E 212 -12.23 14.22 -27.08
C GLY E 212 -12.21 14.64 -28.53
N VAL E 213 -11.20 14.17 -29.25
CA VAL E 213 -11.01 14.49 -30.67
C VAL E 213 -10.57 13.25 -31.40
N ILE E 214 -11.13 13.03 -32.59
CA ILE E 214 -10.73 11.96 -33.48
C ILE E 214 -9.82 12.55 -34.54
N ARG E 215 -8.56 12.14 -34.54
CA ARG E 215 -7.56 12.66 -35.46
C ARG E 215 -7.34 11.69 -36.61
N ARG E 216 -6.97 12.25 -37.76
CA ARG E 216 -6.60 11.46 -38.93
C ARG E 216 -5.36 12.07 -39.56
N HIS E 217 -4.39 11.24 -39.88
CA HIS E 217 -3.12 11.70 -40.42
C HIS E 217 -2.53 10.60 -41.28
N HIS E 218 -1.43 10.92 -41.98
CA HIS E 218 -0.77 10.01 -42.92
C HIS E 218 -1.71 9.55 -44.04
N GLY E 219 -2.76 10.33 -44.32
CA GLY E 219 -3.74 9.98 -45.32
C GLY E 219 -3.41 10.41 -46.73
N GLY E 220 -2.28 11.10 -46.94
CA GLY E 220 -1.91 11.52 -48.27
C GLY E 220 -1.40 10.37 -49.12
N ALA E 221 -1.40 10.59 -50.44
CA ALA E 221 -0.89 9.58 -51.36
C ALA E 221 0.58 9.32 -51.12
N THR E 222 1.37 10.37 -50.88
CA THR E 222 2.77 10.18 -50.55
C THR E 222 2.92 9.44 -49.22
N ASP E 223 2.08 9.78 -48.25
CA ASP E 223 2.17 9.12 -46.94
C ASP E 223 1.80 7.65 -47.04
N GLY E 224 0.83 7.30 -47.89
CA GLY E 224 0.38 5.93 -48.04
C GLY E 224 -0.87 5.67 -47.24
N PRO E 225 -0.95 4.54 -46.51
CA PRO E 225 -2.19 4.24 -45.78
C PRO E 225 -2.43 5.23 -44.64
N GLY E 226 -3.68 5.68 -44.53
CA GLY E 226 -4.03 6.61 -43.48
C GLY E 226 -4.07 5.95 -42.11
N GLU E 227 -3.96 6.79 -41.09
CA GLU E 227 -4.00 6.36 -39.70
C GLU E 227 -4.93 7.28 -38.92
N THR E 228 -5.49 6.74 -37.84
CA THR E 228 -6.42 7.49 -37.00
C THR E 228 -6.25 7.06 -35.55
N ASP E 229 -6.66 7.95 -34.66
CA ASP E 229 -6.68 7.64 -33.24
C ASP E 229 -7.66 8.60 -32.56
N VAL E 230 -7.96 8.32 -31.30
CA VAL E 230 -8.82 9.16 -30.47
C VAL E 230 -7.98 9.63 -29.29
N ILE E 231 -8.00 10.94 -29.04
CA ILE E 231 -7.20 11.56 -27.98
C ILE E 231 -8.16 12.27 -27.03
N TYR E 232 -8.06 11.94 -25.74
CA TYR E 232 -8.81 12.59 -24.68
C TYR E 232 -7.83 13.39 -23.82
N SER E 233 -8.11 14.67 -23.63
CA SER E 233 -7.20 15.60 -22.96
C SER E 233 -7.77 15.94 -21.60
N LEU E 234 -7.33 15.22 -20.57
CA LEU E 234 -7.75 15.51 -19.20
C LEU E 234 -7.03 16.76 -18.72
N ILE E 235 -7.77 17.84 -18.53
CA ILE E 235 -7.26 19.06 -17.91
C ILE E 235 -7.53 18.93 -16.43
N ILE E 236 -6.47 18.82 -15.63
CA ILE E 236 -6.55 18.59 -14.20
C ILE E 236 -5.86 19.73 -13.46
N ARG E 237 -6.46 20.14 -12.35
CA ARG E 237 -5.97 21.23 -11.53
C ARG E 237 -5.54 20.69 -10.18
N ARG E 238 -4.33 21.04 -9.74
CA ARG E 238 -3.86 20.61 -8.43
C ARG E 238 -4.48 21.45 -7.33
N LYS E 239 -4.81 20.80 -6.22
CA LYS E 239 -5.28 21.49 -5.03
C LYS E 239 -4.08 21.69 -4.11
N PRO E 240 -3.59 22.93 -3.91
CA PRO E 240 -2.28 23.10 -3.27
C PRO E 240 -2.31 23.15 -1.75
N LEU E 241 -3.39 22.66 -1.15
CA LEU E 241 -3.58 22.84 0.30
C LEU E 241 -2.47 22.18 1.10
N PHE E 242 -2.08 20.96 0.74
CA PHE E 242 -1.05 20.27 1.51
C PHE E 242 0.27 21.03 1.47
N TYR E 243 0.67 21.48 0.29
CA TYR E 243 1.92 22.22 0.18
C TYR E 243 1.82 23.59 0.85
N VAL E 244 0.62 24.19 0.85
CA VAL E 244 0.46 25.49 1.49
C VAL E 244 0.60 25.37 3.00
N ILE E 245 -0.07 24.39 3.60
CA ILE E 245 -0.02 24.24 5.05
C ILE E 245 1.35 23.74 5.50
N ASN E 246 1.91 22.76 4.79
CA ASN E 246 3.08 22.04 5.31
C ASN E 246 4.42 22.67 4.94
N ILE E 247 4.51 23.36 3.80
CA ILE E 247 5.79 23.79 3.27
C ILE E 247 5.83 25.31 3.11
N ILE E 248 4.88 25.87 2.36
CA ILE E 248 5.02 27.25 1.91
C ILE E 248 4.91 28.22 3.09
N VAL E 249 3.91 28.05 3.94
CA VAL E 249 3.66 29.00 5.03
C VAL E 249 4.80 28.96 6.04
N PRO E 250 5.21 27.78 6.54
CA PRO E 250 6.39 27.77 7.43
C PRO E 250 7.64 28.32 6.80
N CYS E 251 7.88 28.02 5.52
CA CYS E 251 9.06 28.53 4.85
C CYS E 251 9.02 30.05 4.74
N VAL E 252 7.85 30.60 4.44
CA VAL E 252 7.69 32.05 4.34
C VAL E 252 7.94 32.71 5.68
N LEU E 253 7.39 32.12 6.75
CA LEU E 253 7.61 32.71 8.08
C LEU E 253 9.08 32.64 8.48
N ILE E 254 9.72 31.51 8.23
CA ILE E 254 11.14 31.37 8.59
C ILE E 254 11.99 32.32 7.76
N SER E 255 11.62 32.55 6.49
CA SER E 255 12.36 33.49 5.66
C SER E 255 12.08 34.94 6.05
N GLY E 256 10.92 35.20 6.65
CA GLY E 256 10.67 36.52 7.20
C GLY E 256 11.38 36.77 8.51
N LEU E 257 11.78 35.71 9.21
CA LEU E 257 12.47 35.89 10.49
C LEU E 257 13.77 36.66 10.35
N VAL E 258 14.47 36.53 9.22
CA VAL E 258 15.75 37.23 9.06
C VAL E 258 15.59 38.73 9.13
N LEU E 259 14.40 39.26 8.81
CA LEU E 259 14.18 40.69 8.96
C LEU E 259 14.26 41.13 10.41
N LEU E 260 13.98 40.23 11.35
CA LEU E 260 14.09 40.56 12.76
C LEU E 260 15.53 40.82 13.18
N ALA E 261 16.51 40.30 12.42
CA ALA E 261 17.92 40.52 12.76
C ALA E 261 18.29 41.99 12.72
N TYR E 262 17.58 42.81 11.94
CA TYR E 262 17.88 44.23 11.86
C TYR E 262 17.56 44.96 13.15
N PHE E 263 16.70 44.41 14.01
CA PHE E 263 16.30 45.07 15.25
C PHE E 263 17.12 44.62 16.46
N LEU E 264 17.97 43.61 16.32
CA LEU E 264 18.77 43.15 17.43
C LEU E 264 20.03 44.02 17.57
N PRO E 265 20.56 44.16 18.79
CA PRO E 265 21.73 45.03 18.96
C PRO E 265 22.97 44.43 18.32
N ALA E 266 23.90 45.31 17.95
CA ALA E 266 25.20 44.92 17.41
C ALA E 266 26.23 44.73 18.51
N GLN E 267 25.97 43.76 19.40
CA GLN E 267 26.86 43.47 20.52
C GLN E 267 27.03 41.97 20.66
N ALA E 268 27.69 41.53 21.74
CA ALA E 268 27.92 40.10 21.95
C ALA E 268 26.61 39.35 22.15
N GLY E 269 25.70 39.91 22.95
CA GLY E 269 24.44 39.27 23.25
C GLY E 269 23.33 39.53 22.25
N GLY E 270 23.61 40.24 21.16
CA GLY E 270 22.58 40.52 20.18
C GLY E 270 22.10 39.29 19.45
N GLN E 271 23.02 38.39 19.09
CA GLN E 271 22.69 37.16 18.37
C GLN E 271 22.08 37.46 17.01
N LYS E 272 22.67 38.45 16.31
CA LYS E 272 22.20 38.86 14.98
C LYS E 272 22.59 37.75 14.00
N CYS E 273 23.88 37.38 13.97
CA CYS E 273 24.39 36.32 13.07
C CYS E 273 23.81 34.98 13.49
N THR E 274 23.39 34.84 14.75
CA THR E 274 22.72 33.61 15.23
C THR E 274 21.43 33.49 14.43
N VAL E 275 20.55 34.48 14.51
CA VAL E 275 19.22 34.41 13.84
C VAL E 275 19.39 34.25 12.33
N SER E 276 20.39 34.87 11.69
CA SER E 276 20.46 34.85 10.22
C SER E 276 20.94 33.50 9.70
N ILE E 277 22.06 33.00 10.24
CA ILE E 277 22.62 31.77 9.72
C ILE E 277 21.76 30.56 10.10
N ASN E 278 21.07 30.61 11.23
CA ASN E 278 20.18 29.51 11.57
C ASN E 278 18.93 29.51 10.69
N VAL E 279 18.46 30.69 10.27
CA VAL E 279 17.40 30.72 9.28
C VAL E 279 17.88 30.10 7.97
N LEU E 280 19.15 30.36 7.61
CA LEU E 280 19.71 29.69 6.43
C LEU E 280 19.74 28.18 6.60
N LEU E 281 20.10 27.70 7.79
CA LEU E 281 20.12 26.26 8.05
C LEU E 281 18.72 25.66 7.94
N ALA E 282 17.72 26.35 8.47
CA ALA E 282 16.34 25.89 8.33
C ALA E 282 15.91 25.88 6.87
N GLN E 283 16.38 26.85 6.09
CA GLN E 283 16.08 26.86 4.66
C GLN E 283 16.73 25.67 3.96
N THR E 284 17.92 25.28 4.40
CA THR E 284 18.55 24.07 3.84
C THR E 284 17.75 22.82 4.19
N VAL E 285 17.26 22.74 5.43
CA VAL E 285 16.40 21.62 5.81
C VAL E 285 15.16 21.59 4.94
N PHE E 286 14.58 22.76 4.66
CA PHE E 286 13.43 22.82 3.78
C PHE E 286 13.79 22.44 2.35
N LEU E 287 15.02 22.73 1.91
CA LEU E 287 15.47 22.26 0.61
C LEU E 287 15.48 20.75 0.55
N PHE E 288 15.99 20.11 1.61
CA PHE E 288 15.97 18.64 1.66
C PHE E 288 14.53 18.14 1.65
N LEU E 289 13.64 18.81 2.39
CA LEU E 289 12.23 18.42 2.41
C LEU E 289 11.60 18.53 1.02
N ILE E 290 11.88 19.63 0.32
CA ILE E 290 11.23 19.91 -0.94
C ILE E 290 11.78 19.01 -2.05
N ALA E 291 13.04 18.57 -1.91
CA ALA E 291 13.63 17.70 -2.94
C ALA E 291 12.91 16.36 -3.06
N GLN E 292 12.16 15.94 -2.04
CA GLN E 292 11.45 14.66 -2.08
C GLN E 292 10.13 14.72 -2.84
N LYS E 293 9.60 15.91 -3.11
CA LYS E 293 8.27 16.09 -3.69
C LYS E 293 8.29 16.62 -5.11
N ILE E 294 9.24 17.49 -5.45
CA ILE E 294 9.24 18.18 -6.74
C ILE E 294 9.59 17.22 -7.86
N PRO E 295 9.21 17.49 -9.11
CA PRO E 295 9.71 16.67 -10.22
C PRO E 295 11.19 16.92 -10.46
N GLU E 296 11.80 16.02 -11.22
CA GLU E 296 13.25 16.02 -11.46
C GLU E 296 13.55 16.30 -12.93
N THR E 297 12.81 17.22 -13.53
CA THR E 297 13.03 17.67 -14.89
C THR E 297 13.74 19.02 -14.90
N SER E 298 14.25 19.40 -16.07
CA SER E 298 15.07 20.59 -16.23
C SER E 298 14.56 21.50 -17.35
N LEU E 299 13.30 21.36 -17.77
CA LEU E 299 12.75 22.27 -18.76
C LEU E 299 12.43 23.63 -18.17
N SER E 300 12.12 23.68 -16.88
CA SER E 300 11.86 24.95 -16.20
C SER E 300 12.03 24.73 -14.70
N VAL E 301 12.15 25.83 -13.97
CA VAL E 301 12.36 25.81 -12.53
C VAL E 301 11.00 25.88 -11.84
N PRO E 302 10.68 25.01 -10.88
CA PRO E 302 9.38 25.13 -10.21
C PRO E 302 9.28 26.38 -9.34
N LEU E 303 8.05 26.80 -9.09
CA LEU E 303 7.81 27.96 -8.26
C LEU E 303 8.32 27.73 -6.84
N LEU E 304 8.14 26.52 -6.31
CA LEU E 304 8.63 26.21 -4.97
C LEU E 304 10.15 26.36 -4.91
N GLY E 305 10.85 25.77 -5.89
CA GLY E 305 12.30 25.89 -5.91
C GLY E 305 12.76 27.33 -6.13
N ARG E 306 12.08 28.06 -7.01
CA ARG E 306 12.47 29.44 -7.27
C ARG E 306 12.30 30.30 -6.03
N PHE E 307 11.17 30.18 -5.34
CA PHE E 307 10.96 30.95 -4.11
C PHE E 307 11.96 30.55 -3.05
N LEU E 308 12.24 29.25 -2.92
CA LEU E 308 13.20 28.80 -1.91
C LEU E 308 14.58 29.38 -2.18
N ILE E 309 15.05 29.30 -3.42
CA ILE E 309 16.38 29.82 -3.74
C ILE E 309 16.40 31.34 -3.58
N PHE E 310 15.29 32.00 -3.89
CA PHE E 310 15.23 33.45 -3.68
C PHE E 310 15.41 33.79 -2.21
N VAL E 311 14.73 33.06 -1.32
CA VAL E 311 14.87 33.39 0.09
C VAL E 311 16.24 32.99 0.62
N MET E 312 16.86 31.93 0.07
CA MET E 312 18.24 31.63 0.47
C MET E 312 19.18 32.75 0.05
N VAL E 313 19.03 33.28 -1.16
CA VAL E 313 19.89 34.37 -1.61
C VAL E 313 19.66 35.61 -0.75
N VAL E 314 18.40 35.88 -0.41
CA VAL E 314 18.10 37.05 0.43
C VAL E 314 18.70 36.87 1.82
N ALA E 315 18.63 35.64 2.36
CA ALA E 315 19.21 35.38 3.66
C ALA E 315 20.73 35.53 3.63
N THR E 316 21.38 35.08 2.55
CA THR E 316 22.81 35.26 2.42
C THR E 316 23.19 36.73 2.36
N LEU E 317 22.43 37.52 1.60
CA LEU E 317 22.68 38.96 1.53
C LEU E 317 22.50 39.60 2.90
N ILE E 318 21.46 39.20 3.63
CA ILE E 318 21.23 39.75 4.96
C ILE E 318 22.32 39.33 5.93
N VAL E 319 22.88 38.13 5.75
CA VAL E 319 23.99 37.70 6.60
C VAL E 319 25.22 38.57 6.34
N MET E 320 25.53 38.81 5.06
CA MET E 320 26.62 39.72 4.73
C MET E 320 26.38 41.10 5.34
N ASN E 321 25.13 41.56 5.27
CA ASN E 321 24.79 42.88 5.76
C ASN E 321 24.95 42.93 7.28
N CYS E 322 24.52 41.89 7.99
CA CYS E 322 24.68 41.84 9.44
C CYS E 322 26.15 41.77 9.82
N VAL E 323 26.96 41.05 9.05
CA VAL E 323 28.40 41.01 9.30
C VAL E 323 29.00 42.40 9.14
N ILE E 324 28.59 43.13 8.11
CA ILE E 324 29.10 44.47 7.89
C ILE E 324 28.67 45.40 9.03
N VAL E 325 27.41 45.29 9.45
CA VAL E 325 26.91 46.16 10.53
C VAL E 325 27.65 45.86 11.83
N LEU E 326 27.89 44.58 12.12
CA LEU E 326 28.65 44.21 13.30
C LEU E 326 30.08 44.74 13.22
N ASN E 327 30.69 44.65 12.04
CA ASN E 327 32.04 45.16 11.88
C ASN E 327 32.10 46.66 12.14
N VAL E 328 31.11 47.40 11.62
CA VAL E 328 31.09 48.85 11.81
C VAL E 328 30.81 49.19 13.26
N SER E 329 29.91 48.45 13.91
CA SER E 329 29.44 48.83 15.24
C SER E 329 30.53 48.72 16.30
N GLN E 330 31.30 47.62 16.29
CA GLN E 330 32.23 47.31 17.36
C GLN E 330 33.64 47.82 17.09
N ARG E 331 33.77 48.92 16.35
CA ARG E 331 35.07 49.55 16.16
C ARG E 331 35.40 50.43 17.36
N THR E 332 36.67 50.41 17.75
CA THR E 332 37.19 51.17 18.88
C THR E 332 38.39 52.00 18.39
N PRO E 333 38.62 53.19 18.94
CA PRO E 333 39.66 54.05 18.34
C PRO E 333 41.08 53.55 18.54
N THR E 334 41.29 52.46 19.30
CA THR E 334 42.62 51.87 19.41
C THR E 334 42.98 51.01 18.22
N THR E 335 42.05 50.78 17.27
CA THR E 335 42.31 49.90 16.13
C THR E 335 41.87 50.50 14.80
N HIS E 336 40.96 51.48 14.82
CA HIS E 336 40.39 52.05 13.60
C HIS E 336 40.36 53.57 13.68
N ALA E 337 40.42 54.20 12.51
CA ALA E 337 40.36 55.64 12.37
C ALA E 337 38.94 56.05 12.03
N MET E 338 38.44 57.07 12.74
CA MET E 338 37.07 57.55 12.53
C MET E 338 36.96 58.22 11.17
N SER E 339 36.34 57.53 10.22
CA SER E 339 36.23 58.07 8.87
C SER E 339 35.16 59.17 8.86
N PRO E 340 35.51 60.43 8.57
CA PRO E 340 34.48 61.48 8.61
C PRO E 340 33.52 61.44 7.44
N ARG E 341 33.91 60.84 6.30
CA ARG E 341 33.02 60.77 5.15
C ARG E 341 31.80 59.92 5.46
N LEU E 342 32.02 58.71 5.98
CA LEU E 342 30.91 57.82 6.30
C LEU E 342 30.04 58.39 7.41
N ARG E 343 30.68 59.00 8.42
CA ARG E 343 29.93 59.62 9.50
C ARG E 343 29.04 60.74 8.98
N HIS E 344 29.60 61.60 8.10
CA HIS E 344 28.80 62.67 7.52
C HIS E 344 27.65 62.12 6.69
N VAL E 345 27.92 61.05 5.94
CA VAL E 345 26.88 60.48 5.07
C VAL E 345 25.73 59.90 5.91
N LEU E 346 26.05 59.17 6.97
CA LEU E 346 25.04 58.39 7.68
C LEU E 346 24.42 59.15 8.85
N LEU E 347 25.23 59.77 9.69
CA LEU E 347 24.74 60.33 10.94
C LEU E 347 24.19 61.75 10.79
N GLU E 348 24.77 62.55 9.90
CA GLU E 348 24.40 63.96 9.74
C GLU E 348 23.57 64.21 8.50
N LEU E 349 23.98 63.67 7.34
CA LEU E 349 23.26 63.92 6.11
C LEU E 349 21.94 63.15 6.05
N LEU E 350 21.96 61.89 6.50
CA LEU E 350 20.78 61.04 6.34
C LEU E 350 19.57 61.52 7.11
N PRO E 351 19.66 61.90 8.40
CA PRO E 351 18.45 62.42 9.07
C PRO E 351 17.88 63.67 8.42
N ARG E 352 18.73 64.52 7.85
CA ARG E 352 18.23 65.66 7.08
C ARG E 352 17.57 65.20 5.79
N LEU E 353 18.07 64.11 5.19
CA LEU E 353 17.43 63.57 4.00
C LEU E 353 16.03 63.07 4.30
N LEU E 354 15.81 62.58 5.52
CA LEU E 354 14.48 62.16 5.94
C LEU E 354 13.51 63.34 5.94
N ALA E 417 56.53 70.09 49.33
CA ALA E 417 57.29 68.87 49.52
C ALA E 417 57.07 67.93 48.34
N PRO E 418 58.01 67.02 48.06
CA PRO E 418 57.82 66.11 46.92
C PRO E 418 56.63 65.19 47.05
N GLU E 419 56.18 64.90 48.29
CA GLU E 419 55.01 64.04 48.47
C GLU E 419 53.77 64.70 47.88
N VAL E 420 53.63 66.02 48.07
CA VAL E 420 52.49 66.73 47.50
C VAL E 420 52.54 66.68 45.99
N ARG E 421 53.74 66.85 45.42
CA ARG E 421 53.90 66.79 43.98
C ARG E 421 53.52 65.41 43.44
N CYS E 422 53.95 64.35 44.12
CA CYS E 422 53.61 63.00 43.70
C CYS E 422 52.11 62.76 43.78
N CYS E 423 51.47 63.24 44.86
CA CYS E 423 50.02 63.09 44.98
C CYS E 423 49.30 63.83 43.86
N VAL E 424 49.75 65.04 43.54
CA VAL E 424 49.12 65.82 42.47
C VAL E 424 49.30 65.11 41.13
N ASP E 425 50.50 64.55 40.90
CA ASP E 425 50.75 63.81 39.67
C ASP E 425 49.85 62.60 39.56
N ALA E 426 49.67 61.86 40.66
CA ALA E 426 48.80 60.69 40.64
C ALA E 426 47.36 61.09 40.35
N VAL E 427 46.88 62.15 41.01
CA VAL E 427 45.49 62.58 40.81
C VAL E 427 45.28 63.04 39.37
N ASN E 428 46.23 63.79 38.81
CA ASN E 428 46.11 64.20 37.42
C ASN E 428 46.18 63.00 36.48
N PHE E 429 46.97 61.98 36.82
CA PHE E 429 47.01 60.78 35.99
C PHE E 429 45.66 60.08 35.98
N VAL E 430 45.01 59.97 37.15
CA VAL E 430 43.70 59.34 37.21
C VAL E 430 42.69 60.16 36.40
N ALA E 431 42.75 61.49 36.53
CA ALA E 431 41.83 62.34 35.79
C ALA E 431 42.04 62.22 34.28
N GLU E 432 43.29 62.17 33.84
CA GLU E 432 43.58 62.03 32.42
C GLU E 432 43.10 60.68 31.90
N SER E 433 43.30 59.61 32.69
CA SER E 433 42.80 58.30 32.29
C SER E 433 41.28 58.30 32.17
N THR E 434 40.60 58.96 33.11
CA THR E 434 39.15 59.05 33.04
C THR E 434 38.70 59.81 31.79
N ARG E 435 39.39 60.92 31.48
CA ARG E 435 39.04 61.69 30.29
C ARG E 435 39.25 60.87 29.02
N ASP E 436 40.36 60.12 28.96
CA ASP E 436 40.63 59.29 27.79
C ASP E 436 39.57 58.20 27.65
N GLN E 437 39.17 57.61 28.77
CA GLN E 437 38.12 56.59 28.74
C GLN E 437 36.81 57.18 28.24
N GLU E 438 36.48 58.39 28.69
CA GLU E 438 35.25 59.03 28.22
C GLU E 438 35.30 59.33 26.73
N ALA E 439 36.45 59.82 26.25
CA ALA E 439 36.63 60.18 24.82
C ALA E 439 36.51 58.90 23.99
N THR E 440 37.16 57.82 24.42
CA THR E 440 37.14 56.52 23.71
C THR E 440 35.69 56.03 23.67
N GLY E 441 34.95 56.15 24.77
CA GLY E 441 33.56 55.66 24.86
C GLY E 441 32.60 56.55 24.08
N GLU E 442 32.97 57.80 23.83
CA GLU E 442 32.15 58.74 23.01
C GLU E 442 32.45 58.47 21.53
N GLU E 443 33.62 57.93 21.22
CA GLU E 443 33.96 57.56 19.82
C GLU E 443 33.27 56.23 19.51
N VAL E 444 33.14 55.33 20.47
CA VAL E 444 32.46 54.04 20.31
C VAL E 444 30.96 54.26 20.18
N SER E 445 30.41 55.24 20.90
CA SER E 445 29.00 55.59 20.79
C SER E 445 28.67 56.05 19.37
N ASP E 446 29.54 56.89 18.80
CA ASP E 446 29.35 57.31 17.43
C ASP E 446 29.37 56.11 16.48
N TRP E 447 30.27 55.17 16.71
CA TRP E 447 30.33 53.98 15.86
C TRP E 447 29.04 53.17 15.92
N VAL E 448 28.51 52.94 17.14
CA VAL E 448 27.29 52.12 17.22
C VAL E 448 26.11 52.88 16.62
N ARG E 449 26.08 54.21 16.73
CA ARG E 449 25.00 54.95 16.09
C ARG E 449 25.11 54.87 14.57
N MET E 450 26.33 54.87 14.03
CA MET E 450 26.50 54.63 12.60
C MET E 450 25.96 53.26 12.22
N GLY E 451 26.28 52.24 13.02
CA GLY E 451 25.76 50.92 12.75
C GLY E 451 24.24 50.86 12.84
N ASN E 452 23.67 51.61 13.78
CA ASN E 452 22.21 51.65 13.91
C ASN E 452 21.56 52.27 12.69
N ALA E 453 22.13 53.37 12.19
CA ALA E 453 21.59 54.00 10.98
C ALA E 453 21.68 53.06 9.78
N LEU E 454 22.82 52.38 9.64
CA LEU E 454 22.97 51.41 8.56
C LEU E 454 21.94 50.29 8.68
N ASP E 455 21.70 49.82 9.89
CA ASP E 455 20.75 48.71 10.13
C ASP E 455 19.33 49.19 9.85
N ASN E 456 19.02 50.45 10.12
CA ASN E 456 17.68 50.99 9.86
C ASN E 456 17.42 51.13 8.36
N ILE E 457 18.39 51.66 7.61
CA ILE E 457 18.20 51.76 6.16
C ILE E 457 18.09 50.37 5.53
N CYS E 458 18.98 49.47 5.94
CA CYS E 458 19.01 48.16 5.32
C CYS E 458 17.77 47.34 5.65
N PHE E 459 17.13 47.61 6.79
CA PHE E 459 15.88 46.90 7.09
C PHE E 459 14.82 47.20 6.04
N TRP E 460 14.65 48.48 5.71
CA TRP E 460 13.67 48.86 4.70
C TRP E 460 14.05 48.30 3.34
N ALA E 461 15.34 48.35 2.99
CA ALA E 461 15.78 47.78 1.72
C ALA E 461 15.46 46.29 1.63
N ALA E 462 15.79 45.55 2.69
CA ALA E 462 15.57 44.10 2.70
C ALA E 462 14.08 43.77 2.70
N LEU E 463 13.27 44.54 3.44
CA LEU E 463 11.84 44.32 3.44
C LEU E 463 11.25 44.53 2.06
N VAL E 464 11.66 45.60 1.38
CA VAL E 464 11.18 45.86 0.03
C VAL E 464 11.56 44.71 -0.89
N LEU E 465 12.82 44.26 -0.81
CA LEU E 465 13.28 43.18 -1.68
C LEU E 465 12.48 41.90 -1.43
N PHE E 466 12.34 41.50 -0.16
CA PHE E 466 11.64 40.27 0.19
C PHE E 466 10.19 40.32 -0.27
N SER E 467 9.49 41.42 0.07
CA SER E 467 8.08 41.53 -0.28
C SER E 467 7.89 41.53 -1.79
N VAL E 468 8.69 42.31 -2.52
CA VAL E 468 8.51 42.41 -3.96
C VAL E 468 8.79 41.07 -4.62
N GLY E 469 9.88 40.41 -4.23
CA GLY E 469 10.20 39.14 -4.86
C GLY E 469 9.18 38.06 -4.59
N SER E 470 8.74 37.93 -3.32
CA SER E 470 7.73 36.94 -2.99
C SER E 470 6.42 37.22 -3.71
N SER E 471 6.01 38.50 -3.73
CA SER E 471 4.77 38.86 -4.41
C SER E 471 4.84 38.57 -5.89
N LEU E 472 5.98 38.86 -6.53
CA LEU E 472 6.11 38.57 -7.96
C LEU E 472 6.05 37.08 -8.22
N ILE E 473 6.77 36.29 -7.41
CA ILE E 473 6.82 34.85 -7.63
C ILE E 473 5.44 34.23 -7.47
N PHE E 474 4.69 34.66 -6.46
CA PHE E 474 3.36 34.08 -6.24
C PHE E 474 2.31 34.65 -7.19
N LEU E 475 2.46 35.91 -7.62
CA LEU E 475 1.59 36.44 -8.66
C LEU E 475 1.76 35.69 -9.96
N GLY E 476 2.96 35.17 -10.21
CA GLY E 476 3.13 34.29 -11.36
C GLY E 476 2.19 33.10 -11.33
N ALA E 477 1.97 32.53 -10.15
CA ALA E 477 1.03 31.43 -10.02
C ALA E 477 -0.41 31.91 -10.05
N TYR E 478 -0.69 33.08 -9.46
CA TYR E 478 -2.07 33.54 -9.34
C TYR E 478 -2.69 33.79 -10.73
N PHE E 479 -1.88 34.16 -11.71
CA PHE E 479 -2.34 34.35 -13.08
C PHE E 479 -2.25 33.08 -13.92
N ASN E 480 -2.00 31.94 -13.29
CA ASN E 480 -1.91 30.65 -13.99
C ASN E 480 -3.16 29.82 -13.80
N ARG E 481 -4.32 30.46 -13.78
CA ARG E 481 -5.57 29.73 -13.71
C ARG E 481 -5.74 28.89 -14.98
N VAL E 482 -6.59 27.87 -14.88
CA VAL E 482 -6.88 27.06 -16.07
C VAL E 482 -7.56 27.95 -17.11
N PRO E 483 -7.13 27.98 -18.37
CA PRO E 483 -7.75 28.90 -19.34
C PRO E 483 -9.21 28.57 -19.58
N ASP E 484 -9.98 29.60 -19.91
CA ASP E 484 -11.40 29.44 -20.19
C ASP E 484 -11.57 28.81 -21.58
N LEU E 485 -11.60 27.49 -21.63
CA LEU E 485 -11.68 26.76 -22.88
C LEU E 485 -13.13 26.66 -23.35
N PRO E 486 -13.36 26.42 -24.66
CA PRO E 486 -14.74 26.32 -25.18
C PRO E 486 -15.30 24.90 -25.09
N TYR E 487 -15.28 24.32 -23.88
CA TYR E 487 -15.84 23.01 -23.63
C TYR E 487 -16.66 23.05 -22.35
N ALA E 488 -17.61 22.13 -22.25
CA ALA E 488 -18.40 21.99 -21.04
C ALA E 488 -17.53 21.42 -19.92
N PRO E 489 -17.91 21.63 -18.65
CA PRO E 489 -17.15 21.01 -17.56
C PRO E 489 -17.22 19.50 -17.65
N CYS E 490 -16.11 18.85 -17.25
CA CYS E 490 -16.07 17.39 -17.28
C CYS E 490 -17.10 16.78 -16.34
N ILE E 491 -17.35 17.42 -15.20
CA ILE E 491 -18.35 16.99 -14.23
C ILE E 491 -19.41 18.09 -14.13
N GLN E 492 -20.65 17.74 -14.46
CA GLN E 492 -21.72 18.72 -14.35
C GLN E 492 -21.98 19.03 -12.88
N PRO E 493 -22.35 20.28 -12.55
CA PRO E 493 -22.55 20.59 -11.12
C PRO E 493 -23.91 20.12 -10.60
N GLN F 32 -34.62 -38.36 -6.78
CA GLN F 32 -35.70 -37.50 -7.33
C GLN F 32 -36.05 -36.40 -6.34
N VAL F 33 -36.36 -35.21 -6.85
CA VAL F 33 -36.68 -34.07 -6.00
C VAL F 33 -38.06 -34.29 -5.38
N GLN F 34 -38.15 -34.10 -4.06
CA GLN F 34 -39.38 -34.27 -3.32
C GLN F 34 -39.63 -33.04 -2.47
N LEU F 35 -40.88 -32.60 -2.42
CA LEU F 35 -41.33 -31.52 -1.54
C LEU F 35 -42.23 -32.13 -0.47
N VAL F 36 -41.89 -31.88 0.79
CA VAL F 36 -42.62 -32.41 1.94
C VAL F 36 -43.15 -31.23 2.74
N GLN F 37 -44.46 -31.13 2.83
CA GLN F 37 -45.13 -30.08 3.58
C GLN F 37 -45.38 -30.54 5.02
N SER F 38 -45.79 -29.60 5.85
CA SER F 38 -46.06 -29.89 7.25
C SER F 38 -47.32 -30.75 7.36
N GLY F 39 -47.64 -31.13 8.60
CA GLY F 39 -48.80 -31.95 8.84
C GLY F 39 -50.09 -31.17 8.79
N ALA F 40 -51.20 -31.91 8.76
CA ALA F 40 -52.52 -31.28 8.79
C ALA F 40 -52.75 -30.60 10.13
N GLU F 41 -53.53 -29.52 10.10
CA GLU F 41 -53.78 -28.69 11.27
C GLU F 41 -55.28 -28.49 11.48
N MET F 42 -55.69 -28.47 12.74
CA MET F 42 -57.04 -28.13 13.16
C MET F 42 -56.99 -26.77 13.83
N LYS F 43 -57.76 -25.82 13.30
CA LYS F 43 -57.73 -24.44 13.75
C LYS F 43 -59.15 -23.93 13.95
N LYS F 44 -59.25 -22.76 14.60
CA LYS F 44 -60.50 -22.08 14.87
C LYS F 44 -60.48 -20.71 14.24
N PRO F 45 -61.64 -20.07 14.05
CA PRO F 45 -61.64 -18.71 13.48
C PRO F 45 -60.85 -17.73 14.34
N GLY F 46 -60.12 -16.84 13.66
CA GLY F 46 -59.29 -15.86 14.33
C GLY F 46 -57.87 -16.31 14.60
N SER F 47 -57.59 -17.61 14.54
CA SER F 47 -56.25 -18.12 14.80
C SER F 47 -55.39 -17.99 13.55
N SER F 48 -54.13 -18.43 13.67
CA SER F 48 -53.16 -18.41 12.58
C SER F 48 -52.60 -19.80 12.38
N VAL F 49 -52.36 -20.15 11.11
CA VAL F 49 -51.76 -21.42 10.73
C VAL F 49 -50.53 -21.14 9.91
N LYS F 50 -49.44 -21.86 10.21
CA LYS F 50 -48.19 -21.76 9.47
C LYS F 50 -47.88 -23.10 8.84
N VAL F 51 -47.84 -23.13 7.50
CA VAL F 51 -47.60 -24.34 6.73
C VAL F 51 -46.22 -24.22 6.10
N SER F 52 -45.42 -25.28 6.25
CA SER F 52 -44.08 -25.34 5.69
C SER F 52 -44.07 -26.16 4.41
N CYS F 53 -42.96 -26.08 3.68
CA CYS F 53 -42.78 -26.84 2.45
C CYS F 53 -41.29 -27.10 2.31
N LYS F 54 -40.85 -28.27 2.75
CA LYS F 54 -39.44 -28.63 2.80
C LYS F 54 -39.06 -29.44 1.58
N ALA F 55 -37.91 -29.11 1.00
CA ALA F 55 -37.44 -29.70 -0.25
C ALA F 55 -36.23 -30.60 0.00
N SER F 56 -36.17 -31.69 -0.75
CA SER F 56 -35.05 -32.61 -0.69
C SER F 56 -34.77 -33.13 -2.09
N GLY F 57 -33.53 -33.56 -2.32
CA GLY F 57 -33.11 -34.02 -3.62
C GLY F 57 -32.79 -32.93 -4.62
N GLY F 58 -32.86 -31.67 -4.21
CA GLY F 58 -32.57 -30.56 -5.11
C GLY F 58 -32.19 -29.35 -4.30
N SER F 59 -31.88 -28.27 -5.02
CA SER F 59 -31.47 -27.00 -4.42
C SER F 59 -32.44 -25.92 -4.88
N PHE F 60 -33.01 -25.19 -3.93
CA PHE F 60 -33.97 -24.13 -4.18
C PHE F 60 -33.48 -22.82 -3.58
N GLY F 61 -34.02 -21.72 -4.07
CA GLY F 61 -33.54 -20.40 -3.74
C GLY F 61 -34.54 -19.51 -3.02
N SER F 62 -34.31 -18.21 -3.09
CA SER F 62 -35.18 -17.23 -2.44
C SER F 62 -36.49 -17.00 -3.20
N TYR F 63 -36.53 -17.34 -4.48
CA TYR F 63 -37.69 -17.15 -5.34
C TYR F 63 -38.21 -18.51 -5.79
N GLY F 64 -39.16 -18.49 -6.73
CA GLY F 64 -39.76 -19.71 -7.22
C GLY F 64 -40.57 -20.44 -6.19
N ILE F 65 -41.41 -19.72 -5.44
CA ILE F 65 -42.32 -20.31 -4.46
C ILE F 65 -43.69 -19.71 -4.69
N ASP F 66 -44.71 -20.58 -4.80
CA ASP F 66 -46.10 -20.16 -4.93
C ASP F 66 -46.97 -21.11 -4.12
N TRP F 67 -47.99 -20.56 -3.47
CA TRP F 67 -48.92 -21.31 -2.65
C TRP F 67 -50.29 -21.30 -3.31
N VAL F 68 -50.88 -22.48 -3.45
CA VAL F 68 -52.15 -22.67 -4.14
C VAL F 68 -53.04 -23.53 -3.26
N ARG F 69 -54.24 -23.04 -2.94
CA ARG F 69 -55.21 -23.78 -2.15
C ARG F 69 -56.30 -24.34 -3.03
N GLN F 70 -56.99 -25.36 -2.52
CA GLN F 70 -58.11 -25.99 -3.21
C GLN F 70 -59.18 -26.30 -2.17
N ALA F 71 -60.26 -25.51 -2.17
CA ALA F 71 -61.35 -25.75 -1.25
C ALA F 71 -62.10 -27.00 -1.67
N PRO F 72 -62.84 -27.63 -0.75
CA PRO F 72 -63.64 -28.82 -1.14
C PRO F 72 -64.67 -28.48 -2.20
N GLY F 73 -64.67 -29.26 -3.27
CA GLY F 73 -65.61 -29.04 -4.36
C GLY F 73 -65.43 -27.71 -5.04
N GLN F 74 -64.18 -27.30 -5.27
CA GLN F 74 -63.87 -26.04 -5.94
C GLN F 74 -62.55 -26.18 -6.65
N GLY F 75 -62.24 -25.21 -7.50
CA GLY F 75 -61.03 -25.24 -8.29
C GLY F 75 -59.82 -24.71 -7.55
N LEU F 76 -58.68 -24.75 -8.25
CA LEU F 76 -57.45 -24.22 -7.71
C LEU F 76 -57.49 -22.69 -7.68
N GLU F 77 -56.80 -22.12 -6.70
CA GLU F 77 -56.80 -20.67 -6.48
C GLU F 77 -55.41 -20.24 -6.05
N TRP F 78 -54.83 -19.30 -6.78
CA TRP F 78 -53.50 -18.79 -6.47
C TRP F 78 -53.59 -17.81 -5.30
N MET F 79 -52.75 -18.02 -4.29
CA MET F 79 -52.70 -17.16 -3.11
C MET F 79 -51.61 -16.11 -3.19
N GLY F 80 -50.38 -16.51 -3.52
CA GLY F 80 -49.28 -15.58 -3.55
C GLY F 80 -48.01 -16.29 -3.95
N GLY F 81 -46.94 -15.52 -3.99
CA GLY F 81 -45.65 -16.07 -4.34
C GLY F 81 -44.62 -14.99 -4.47
N ILE F 82 -43.38 -15.41 -4.73
CA ILE F 82 -42.23 -14.53 -4.85
C ILE F 82 -41.62 -14.75 -6.23
N MET F 83 -41.33 -13.65 -6.92
CA MET F 83 -40.72 -13.65 -8.25
C MET F 83 -39.52 -12.73 -8.26
N PRO F 84 -38.50 -13.00 -9.10
CA PRO F 84 -37.36 -12.07 -9.15
C PRO F 84 -37.71 -10.68 -9.66
N LYS F 85 -38.83 -10.52 -10.38
CA LYS F 85 -39.18 -9.22 -10.92
C LYS F 85 -39.41 -8.20 -9.80
N PHE F 86 -40.12 -8.61 -8.75
CA PHE F 86 -40.46 -7.72 -7.65
C PHE F 86 -39.50 -7.84 -6.46
N ASP F 87 -38.81 -8.97 -6.32
CA ASP F 87 -37.90 -9.20 -5.21
C ASP F 87 -38.62 -9.11 -3.87
N ALA F 88 -39.90 -9.47 -3.85
CA ALA F 88 -40.72 -9.40 -2.65
C ALA F 88 -42.00 -10.18 -2.92
N PRO F 89 -42.66 -10.73 -1.89
CA PRO F 89 -43.87 -11.51 -2.15
C PRO F 89 -45.02 -10.63 -2.63
N LYS F 90 -45.84 -11.20 -3.51
CA LYS F 90 -47.04 -10.58 -4.01
C LYS F 90 -48.22 -11.52 -3.78
N TYR F 91 -49.30 -10.99 -3.20
CA TYR F 91 -50.45 -11.76 -2.80
C TYR F 91 -51.67 -11.33 -3.60
N ALA F 92 -52.71 -12.16 -3.54
CA ALA F 92 -53.98 -11.82 -4.16
C ALA F 92 -54.72 -10.81 -3.31
N GLU F 93 -55.72 -10.15 -3.92
CA GLU F 93 -56.49 -9.13 -3.20
C GLU F 93 -57.22 -9.72 -2.00
N LYS F 94 -57.60 -10.99 -2.07
CA LYS F 94 -58.31 -11.61 -0.96
C LYS F 94 -57.45 -11.75 0.28
N PHE F 95 -56.14 -11.98 0.10
CA PHE F 95 -55.25 -12.37 1.19
C PHE F 95 -54.34 -11.25 1.69
N GLN F 96 -54.51 -10.02 1.20
CA GLN F 96 -53.62 -8.95 1.63
C GLN F 96 -53.88 -8.57 3.08
N GLY F 97 -52.81 -8.46 3.86
CA GLY F 97 -52.88 -8.19 5.28
C GLY F 97 -52.97 -9.42 6.15
N ARG F 98 -53.34 -10.56 5.59
CA ARG F 98 -53.46 -11.83 6.32
C ARG F 98 -52.37 -12.83 5.99
N LEU F 99 -51.79 -12.78 4.80
CA LEU F 99 -50.90 -13.81 4.31
C LEU F 99 -49.47 -13.28 4.25
N THR F 100 -48.53 -14.09 4.74
CA THR F 100 -47.11 -13.83 4.65
C THR F 100 -46.43 -15.06 4.08
N ILE F 101 -45.67 -14.88 3.00
CA ILE F 101 -44.98 -15.95 2.30
C ILE F 101 -43.48 -15.67 2.38
N THR F 102 -42.71 -16.69 2.77
CA THR F 102 -41.27 -16.59 2.91
C THR F 102 -40.62 -17.82 2.32
N ALA F 103 -39.37 -17.68 1.91
CA ALA F 103 -38.56 -18.78 1.40
C ALA F 103 -37.15 -18.64 1.95
N ASP F 104 -36.61 -19.75 2.47
CA ASP F 104 -35.29 -19.79 3.07
C ASP F 104 -34.37 -20.59 2.17
N ARG F 105 -33.40 -19.91 1.55
CA ARG F 105 -32.46 -20.58 0.65
C ARG F 105 -31.56 -21.52 1.43
N ALA F 106 -31.14 -21.14 2.63
CA ALA F 106 -30.14 -21.91 3.36
C ALA F 106 -30.63 -23.31 3.70
N THR F 107 -31.88 -23.43 4.16
CA THR F 107 -32.43 -24.71 4.61
C THR F 107 -33.37 -25.34 3.58
N ASN F 108 -33.52 -24.75 2.39
CA ASN F 108 -34.20 -25.40 1.27
C ASN F 108 -35.68 -25.63 1.58
N THR F 109 -36.31 -24.65 2.23
CA THR F 109 -37.70 -24.77 2.65
C THR F 109 -38.40 -23.42 2.53
N ALA F 110 -39.73 -23.48 2.43
CA ALA F 110 -40.58 -22.30 2.31
C ALA F 110 -41.74 -22.42 3.28
N TYR F 111 -42.28 -21.26 3.67
CA TYR F 111 -43.39 -21.18 4.62
C TYR F 111 -44.44 -20.22 4.11
N MET F 112 -45.67 -20.42 4.59
CA MET F 112 -46.75 -19.45 4.48
C MET F 112 -47.38 -19.29 5.85
N GLU F 113 -47.89 -18.09 6.12
CA GLU F 113 -48.53 -17.78 7.41
C GLU F 113 -49.80 -16.98 7.11
N LEU F 114 -50.95 -17.64 7.25
CA LEU F 114 -52.25 -17.03 7.03
C LEU F 114 -52.91 -16.81 8.38
N SER F 115 -53.22 -15.55 8.69
CA SER F 115 -53.81 -15.15 9.96
C SER F 115 -55.26 -14.74 9.77
N SER F 116 -55.98 -14.63 10.89
CA SER F 116 -57.39 -14.28 10.90
C SER F 116 -58.20 -15.25 10.05
N LEU F 117 -58.10 -16.52 10.38
CA LEU F 117 -58.72 -17.57 9.58
C LEU F 117 -60.23 -17.46 9.62
N ARG F 118 -60.87 -17.77 8.50
CA ARG F 118 -62.31 -17.80 8.36
C ARG F 118 -62.77 -19.22 8.03
N PHE F 119 -64.09 -19.41 8.04
CA PHE F 119 -64.63 -20.72 7.71
C PHE F 119 -64.37 -21.09 6.26
N GLU F 120 -64.39 -20.12 5.35
CA GLU F 120 -64.16 -20.41 3.94
C GLU F 120 -62.70 -20.72 3.62
N ASP F 121 -61.78 -20.49 4.57
CA ASP F 121 -60.37 -20.80 4.37
C ASP F 121 -60.06 -22.29 4.48
N THR F 122 -61.04 -23.12 4.83
CA THR F 122 -60.82 -24.56 4.86
C THR F 122 -60.51 -25.07 3.46
N ALA F 123 -59.35 -25.69 3.30
CA ALA F 123 -58.88 -26.13 2.00
C ALA F 123 -57.59 -26.92 2.18
N ILE F 124 -57.16 -27.55 1.09
CA ILE F 124 -55.87 -28.24 1.03
C ILE F 124 -54.89 -27.26 0.39
N TYR F 125 -53.82 -26.96 1.11
CA TYR F 125 -52.84 -25.95 0.69
C TYR F 125 -51.62 -26.64 0.10
N TYR F 126 -51.26 -26.25 -1.12
CA TYR F 126 -50.13 -26.82 -1.83
C TYR F 126 -49.01 -25.79 -1.95
N CYS F 127 -47.78 -26.29 -2.08
CA CYS F 127 -46.62 -25.47 -2.44
C CYS F 127 -46.10 -25.96 -3.78
N ALA F 128 -45.86 -25.02 -4.69
CA ALA F 128 -45.31 -25.30 -6.01
C ALA F 128 -44.03 -24.52 -6.17
N ARG F 129 -42.96 -25.21 -6.58
CA ARG F 129 -41.63 -24.62 -6.60
C ARG F 129 -40.88 -25.00 -7.87
N ASP F 130 -39.94 -24.13 -8.25
CA ASP F 130 -39.00 -24.37 -9.32
C ASP F 130 -37.59 -24.10 -8.80
N GLU F 131 -36.64 -24.95 -9.18
CA GLU F 131 -35.27 -24.77 -8.72
C GLU F 131 -34.67 -23.48 -9.28
N GLN F 132 -34.91 -23.23 -10.57
CA GLN F 132 -34.43 -22.03 -11.24
C GLN F 132 -35.64 -21.16 -11.58
N PRO F 133 -35.86 -20.03 -10.90
CA PRO F 133 -37.14 -19.32 -11.08
C PRO F 133 -37.21 -18.54 -12.39
N PHE F 134 -38.42 -18.46 -12.94
CA PHE F 134 -38.67 -17.57 -14.05
C PHE F 134 -38.77 -16.13 -13.55
N TYR F 135 -38.38 -15.19 -14.41
CA TYR F 135 -38.22 -13.81 -13.99
C TYR F 135 -39.56 -13.18 -13.59
N ASP F 136 -40.58 -13.31 -14.44
CA ASP F 136 -41.84 -12.60 -14.27
C ASP F 136 -43.04 -13.52 -14.34
N SER F 137 -42.86 -14.82 -14.09
CA SER F 137 -43.96 -15.77 -14.07
C SER F 137 -43.58 -16.91 -13.15
N TRP F 138 -44.37 -17.98 -13.17
CA TRP F 138 -44.08 -19.17 -12.39
C TRP F 138 -44.65 -20.38 -13.11
N ARG F 139 -44.03 -21.53 -12.86
CA ARG F 139 -44.42 -22.80 -13.47
C ARG F 139 -44.87 -23.81 -12.43
N GLY F 140 -44.04 -24.07 -11.42
CA GLY F 140 -44.39 -25.05 -10.41
C GLY F 140 -44.14 -26.48 -10.87
N LEU F 141 -42.89 -26.81 -11.19
CA LEU F 141 -42.57 -28.16 -11.65
C LEU F 141 -42.68 -29.17 -10.52
N TYR F 142 -42.37 -28.77 -9.29
CA TYR F 142 -42.39 -29.65 -8.13
C TYR F 142 -43.48 -29.18 -7.17
N TRP F 143 -44.39 -30.08 -6.82
CA TRP F 143 -45.51 -29.80 -5.94
C TRP F 143 -45.38 -30.59 -4.65
N GLY F 144 -45.84 -30.01 -3.55
CA GLY F 144 -45.93 -30.72 -2.30
C GLY F 144 -47.10 -31.68 -2.28
N GLN F 145 -47.19 -32.46 -1.21
CA GLN F 145 -48.28 -33.43 -1.09
C GLN F 145 -49.59 -32.80 -0.63
N GLY F 146 -49.57 -31.56 -0.16
CA GLY F 146 -50.78 -30.90 0.29
C GLY F 146 -51.09 -31.16 1.75
N THR F 147 -51.54 -30.11 2.43
CA THR F 147 -51.89 -30.16 3.85
C THR F 147 -53.30 -29.61 4.02
N LEU F 148 -54.14 -30.37 4.70
CA LEU F 148 -55.51 -29.96 4.97
C LEU F 148 -55.53 -29.09 6.21
N VAL F 149 -56.00 -27.85 6.06
CA VAL F 149 -56.25 -26.94 7.18
C VAL F 149 -57.76 -26.81 7.31
N THR F 150 -58.30 -27.26 8.44
CA THR F 150 -59.74 -27.27 8.68
C THR F 150 -60.06 -26.27 9.77
N VAL F 151 -60.79 -25.21 9.40
CA VAL F 151 -61.21 -24.17 10.32
C VAL F 151 -62.63 -24.48 10.75
N SER F 152 -62.83 -24.76 12.03
CA SER F 152 -64.13 -25.11 12.56
C SER F 152 -64.18 -24.76 14.04
N SER F 153 -65.29 -24.16 14.46
CA SER F 153 -65.52 -23.86 15.87
C SER F 153 -66.07 -25.06 16.64
N ALA F 154 -66.48 -26.12 15.96
CA ALA F 154 -67.06 -27.27 16.65
C ALA F 154 -65.98 -28.05 17.38
N SER F 155 -66.42 -28.92 18.29
CA SER F 155 -65.56 -29.81 19.05
C SER F 155 -65.72 -31.23 18.53
N THR F 156 -64.80 -32.10 18.94
CA THR F 156 -64.85 -33.50 18.53
C THR F 156 -66.13 -34.15 19.05
N LYS F 157 -66.79 -34.92 18.18
CA LYS F 157 -68.04 -35.58 18.52
C LYS F 157 -68.17 -36.82 17.66
N GLY F 158 -68.62 -37.91 18.27
CA GLY F 158 -68.75 -39.17 17.58
C GLY F 158 -69.98 -39.19 16.68
N PRO F 159 -70.07 -40.21 15.82
CA PRO F 159 -71.19 -40.27 14.89
C PRO F 159 -72.45 -40.84 15.52
N SER F 160 -73.56 -40.62 14.83
CA SER F 160 -74.86 -41.19 15.19
C SER F 160 -75.39 -41.98 14.00
N VAL F 161 -75.31 -43.31 14.10
CA VAL F 161 -75.62 -44.20 12.99
C VAL F 161 -77.09 -44.57 13.07
N PHE F 162 -77.86 -44.15 12.06
CA PHE F 162 -79.26 -44.51 11.90
C PHE F 162 -79.41 -45.45 10.71
N PRO F 163 -80.32 -46.43 10.77
CA PRO F 163 -80.49 -47.33 9.62
C PRO F 163 -81.38 -46.73 8.55
N LEU F 164 -81.13 -47.17 7.31
CA LEU F 164 -81.94 -46.80 6.15
C LEU F 164 -82.52 -48.09 5.60
N ALA F 165 -83.67 -48.50 6.14
CA ALA F 165 -84.27 -49.76 5.73
C ALA F 165 -84.80 -49.65 4.30
N PRO F 166 -84.77 -50.74 3.53
CA PRO F 166 -85.24 -50.67 2.14
C PRO F 166 -86.75 -50.48 2.08
N SER F 167 -87.20 -49.72 1.09
CA SER F 167 -88.63 -49.47 0.91
C SER F 167 -89.34 -50.72 0.41
N GLY F 174 -85.42 -56.06 -9.67
CA GLY F 174 -85.74 -56.76 -8.44
C GLY F 174 -84.55 -56.88 -7.51
N THR F 175 -83.93 -55.74 -7.21
CA THR F 175 -82.79 -55.67 -6.29
C THR F 175 -83.07 -54.62 -5.22
N ALA F 176 -82.65 -54.92 -4.00
CA ALA F 176 -82.85 -54.06 -2.84
C ALA F 176 -81.51 -53.50 -2.37
N ALA F 177 -81.50 -52.19 -2.13
CA ALA F 177 -80.32 -51.48 -1.66
C ALA F 177 -80.59 -50.95 -0.25
N LEU F 178 -79.61 -51.09 0.63
CA LEU F 178 -79.72 -50.60 2.00
C LEU F 178 -78.37 -50.09 2.48
N GLY F 179 -78.43 -49.25 3.51
CA GLY F 179 -77.22 -48.70 4.09
C GLY F 179 -77.50 -48.10 5.44
N CYS F 180 -76.46 -47.51 6.03
CA CYS F 180 -76.56 -46.81 7.30
C CYS F 180 -75.94 -45.43 7.16
N LEU F 181 -76.65 -44.42 7.67
CA LEU F 181 -76.27 -43.02 7.52
C LEU F 181 -75.45 -42.59 8.72
N VAL F 182 -74.24 -42.08 8.48
CA VAL F 182 -73.38 -41.53 9.51
C VAL F 182 -73.62 -40.02 9.52
N LYS F 183 -74.01 -39.50 10.68
CA LYS F 183 -74.47 -38.12 10.80
C LYS F 183 -73.98 -37.50 12.11
N ASP F 184 -73.70 -36.20 12.05
CA ASP F 184 -73.20 -35.41 13.18
C ASP F 184 -71.97 -36.07 13.82
N TYR F 185 -70.86 -35.99 13.09
CA TYR F 185 -69.56 -36.40 13.61
C TYR F 185 -68.52 -35.34 13.26
N PHE F 186 -67.46 -35.30 14.06
CA PHE F 186 -66.37 -34.37 13.85
C PHE F 186 -65.23 -34.84 14.75
N PRO F 187 -63.97 -34.79 14.30
CA PRO F 187 -63.43 -34.41 12.98
C PRO F 187 -63.30 -35.61 12.05
N GLU F 188 -62.72 -35.40 10.87
CA GLU F 188 -62.50 -36.47 9.92
C GLU F 188 -61.39 -37.39 10.41
N PRO F 189 -61.29 -38.62 9.88
CA PRO F 189 -62.16 -39.33 8.93
C PRO F 189 -63.00 -40.41 9.61
N VAL F 190 -63.89 -41.05 8.87
CA VAL F 190 -64.69 -42.17 9.36
C VAL F 190 -64.57 -43.31 8.35
N THR F 191 -64.19 -44.48 8.83
CA THR F 191 -64.11 -45.68 8.01
C THR F 191 -65.33 -46.55 8.27
N VAL F 192 -66.02 -46.92 7.19
CA VAL F 192 -67.25 -47.69 7.25
C VAL F 192 -67.03 -49.02 6.53
N SER F 193 -67.33 -50.12 7.21
CA SER F 193 -67.17 -51.47 6.68
C SER F 193 -68.45 -52.26 6.94
N TRP F 194 -68.62 -53.34 6.17
CA TRP F 194 -69.79 -54.18 6.24
C TRP F 194 -69.36 -55.59 6.64
N ASN F 195 -70.12 -56.22 7.52
CA ASN F 195 -69.86 -57.60 7.95
C ASN F 195 -68.44 -57.76 8.50
N SER F 196 -68.01 -56.79 9.31
CA SER F 196 -66.68 -56.81 9.92
C SER F 196 -65.59 -56.86 8.86
N GLY F 197 -65.81 -56.17 7.74
CA GLY F 197 -64.84 -56.11 6.66
C GLY F 197 -64.83 -57.28 5.72
N ALA F 198 -65.68 -58.29 5.94
CA ALA F 198 -65.72 -59.44 5.04
C ALA F 198 -66.38 -59.10 3.72
N LEU F 199 -67.35 -58.18 3.74
CA LEU F 199 -68.08 -57.77 2.54
C LEU F 199 -67.44 -56.50 2.00
N THR F 200 -66.95 -56.57 0.76
CA THR F 200 -66.30 -55.44 0.10
C THR F 200 -66.99 -55.11 -1.22
N SER F 201 -67.58 -56.11 -1.88
CA SER F 201 -68.27 -55.88 -3.12
C SER F 201 -69.50 -55.00 -2.89
N GLY F 202 -69.67 -53.99 -3.72
CA GLY F 202 -70.80 -53.09 -3.60
C GLY F 202 -70.69 -52.05 -2.51
N VAL F 203 -69.53 -51.93 -1.87
CA VAL F 203 -69.35 -50.98 -0.79
C VAL F 203 -68.96 -49.63 -1.38
N HIS F 204 -69.86 -48.65 -1.28
CA HIS F 204 -69.62 -47.29 -1.76
C HIS F 204 -69.48 -46.38 -0.54
N THR F 205 -68.27 -45.85 -0.35
CA THR F 205 -68.00 -44.86 0.70
C THR F 205 -68.10 -43.48 0.08
N PHE F 206 -69.22 -42.80 0.32
CA PHE F 206 -69.44 -41.48 -0.25
C PHE F 206 -68.48 -40.48 0.38
N PRO F 207 -68.12 -39.41 -0.33
CA PRO F 207 -67.35 -38.35 0.32
C PRO F 207 -68.15 -37.70 1.44
N ALA F 208 -67.45 -37.36 2.52
CA ALA F 208 -68.08 -36.65 3.62
C ALA F 208 -68.44 -35.23 3.17
N VAL F 209 -69.62 -34.78 3.59
CA VAL F 209 -70.16 -33.47 3.19
C VAL F 209 -70.32 -32.63 4.45
N LEU F 210 -69.94 -31.36 4.35
CA LEU F 210 -69.96 -30.45 5.49
C LEU F 210 -71.29 -29.70 5.52
N GLN F 211 -71.98 -29.76 6.66
CA GLN F 211 -73.21 -29.03 6.86
C GLN F 211 -72.91 -27.61 7.34
N SER F 212 -73.96 -26.78 7.41
CA SER F 212 -73.82 -25.42 7.89
C SER F 212 -73.38 -25.38 9.36
N SER F 213 -73.74 -26.38 10.15
CA SER F 213 -73.33 -26.44 11.55
C SER F 213 -71.85 -26.75 11.73
N GLY F 214 -71.15 -27.15 10.67
CA GLY F 214 -69.75 -27.52 10.77
C GLY F 214 -69.50 -29.00 11.01
N LEU F 215 -70.56 -29.81 11.11
CA LEU F 215 -70.44 -31.24 11.36
C LEU F 215 -70.59 -32.00 10.06
N TYR F 216 -69.83 -33.08 9.92
CA TYR F 216 -69.77 -33.86 8.70
C TYR F 216 -70.85 -34.93 8.69
N SER F 217 -71.13 -35.44 7.48
CA SER F 217 -72.11 -36.51 7.31
C SER F 217 -71.78 -37.28 6.04
N LEU F 218 -71.94 -38.60 6.10
CA LEU F 218 -71.76 -39.46 4.94
C LEU F 218 -72.68 -40.67 5.09
N SER F 219 -72.91 -41.35 3.97
CA SER F 219 -73.74 -42.54 3.93
C SER F 219 -73.03 -43.62 3.13
N SER F 220 -73.03 -44.85 3.66
CA SER F 220 -72.47 -46.02 3.00
C SER F 220 -73.62 -46.94 2.63
N VAL F 221 -73.62 -47.41 1.38
CA VAL F 221 -74.71 -48.17 0.81
C VAL F 221 -74.17 -49.40 0.09
N VAL F 222 -75.04 -50.38 -0.11
CA VAL F 222 -74.71 -51.60 -0.83
C VAL F 222 -75.99 -52.16 -1.43
N THR F 223 -75.91 -52.62 -2.68
CA THR F 223 -77.05 -53.17 -3.40
C THR F 223 -76.93 -54.68 -3.45
N VAL F 224 -78.01 -55.37 -3.07
CA VAL F 224 -78.02 -56.83 -2.99
C VAL F 224 -79.36 -57.33 -3.54
N PRO F 225 -79.46 -58.61 -3.88
CA PRO F 225 -80.75 -59.15 -4.32
C PRO F 225 -81.79 -59.06 -3.21
N SER F 226 -83.04 -58.85 -3.61
CA SER F 226 -84.13 -58.75 -2.64
C SER F 226 -84.34 -60.06 -1.89
N SER F 227 -84.07 -61.19 -2.52
CA SER F 227 -84.25 -62.48 -1.87
C SER F 227 -83.23 -62.70 -0.75
N SER F 228 -82.09 -62.00 -0.80
CA SER F 228 -81.03 -62.18 0.17
C SER F 228 -81.30 -61.52 1.52
N LEU F 229 -82.37 -60.72 1.63
CA LEU F 229 -82.68 -60.08 2.90
C LEU F 229 -83.02 -61.12 3.97
N GLY F 230 -83.77 -62.15 3.60
CA GLY F 230 -84.23 -63.13 4.56
C GLY F 230 -83.23 -64.20 4.92
N THR F 231 -82.22 -64.42 4.08
CA THR F 231 -81.26 -65.49 4.29
C THR F 231 -79.92 -65.01 4.85
N GLN F 232 -79.45 -63.84 4.43
CA GLN F 232 -78.16 -63.30 4.85
C GLN F 232 -78.38 -62.04 5.67
N THR F 233 -77.57 -61.89 6.72
CA THR F 233 -77.64 -60.74 7.60
C THR F 233 -76.65 -59.66 7.13
N TYR F 234 -77.06 -58.40 7.27
CA TYR F 234 -76.28 -57.26 6.83
C TYR F 234 -76.08 -56.32 8.02
N ILE F 235 -74.83 -55.92 8.25
CA ILE F 235 -74.44 -55.14 9.41
C ILE F 235 -73.28 -54.24 9.00
N CYS F 236 -73.35 -52.96 9.37
CA CYS F 236 -72.31 -51.99 9.07
C CYS F 236 -71.57 -51.58 10.34
N ASN F 237 -70.25 -51.59 10.26
CA ASN F 237 -69.38 -51.23 11.38
C ASN F 237 -68.77 -49.86 11.10
N VAL F 238 -69.13 -48.88 11.93
CA VAL F 238 -68.61 -47.52 11.82
C VAL F 238 -67.51 -47.36 12.86
N ASN F 239 -66.34 -46.91 12.42
CA ASN F 239 -65.17 -46.73 13.26
C ASN F 239 -64.68 -45.30 13.11
N HIS F 240 -64.33 -44.68 14.24
CA HIS F 240 -63.87 -43.29 14.28
C HIS F 240 -62.51 -43.29 14.98
N LYS F 241 -61.45 -43.06 14.22
CA LYS F 241 -60.09 -43.17 14.78
C LYS F 241 -59.80 -42.15 15.88
N PRO F 242 -60.14 -40.86 15.76
CA PRO F 242 -59.79 -39.92 16.84
C PRO F 242 -60.37 -40.26 18.19
N SER F 243 -61.61 -40.75 18.24
CA SER F 243 -62.28 -41.08 19.49
C SER F 243 -62.21 -42.57 19.83
N ASN F 244 -61.67 -43.40 18.95
CA ASN F 244 -61.61 -44.85 19.17
C ASN F 244 -63.01 -45.43 19.38
N THR F 245 -63.98 -44.93 18.62
CA THR F 245 -65.36 -45.37 18.76
C THR F 245 -65.56 -46.66 17.98
N LYS F 246 -66.21 -47.63 18.63
CA LYS F 246 -66.52 -48.93 18.03
C LYS F 246 -68.03 -49.14 18.12
N VAL F 247 -68.74 -48.83 17.03
CA VAL F 247 -70.19 -48.83 17.00
C VAL F 247 -70.65 -49.86 15.97
N ASP F 248 -71.60 -50.71 16.36
CA ASP F 248 -72.24 -51.68 15.47
C ASP F 248 -73.75 -51.49 15.63
N LYS F 249 -74.40 -50.98 14.58
CA LYS F 249 -75.83 -50.71 14.60
C LYS F 249 -76.56 -51.82 13.84
N LYS F 250 -77.49 -52.49 14.51
CA LYS F 250 -78.24 -53.57 13.90
C LYS F 250 -79.18 -53.02 12.85
N VAL F 251 -79.28 -53.72 11.72
CA VAL F 251 -80.10 -53.31 10.58
C VAL F 251 -81.14 -54.40 10.35
N GLU F 252 -82.40 -53.97 10.23
CA GLU F 252 -83.50 -54.88 9.96
C GLU F 252 -84.55 -54.12 9.15
N PRO F 253 -85.39 -54.84 8.38
CA PRO F 253 -86.40 -54.11 7.61
C PRO F 253 -87.53 -53.55 8.46
N ASP G 20 -59.14 -8.55 -12.47
CA ASP G 20 -58.56 -9.91 -12.73
C ASP G 20 -58.92 -10.39 -14.13
N ILE G 21 -57.99 -11.14 -14.73
CA ILE G 21 -58.25 -11.77 -16.02
C ILE G 21 -59.09 -13.01 -15.78
N VAL G 22 -60.18 -13.14 -16.51
CA VAL G 22 -61.12 -14.25 -16.37
C VAL G 22 -60.73 -15.31 -17.38
N MET G 23 -60.54 -16.55 -16.90
CA MET G 23 -60.16 -17.68 -17.73
C MET G 23 -61.29 -18.70 -17.72
N THR G 24 -61.60 -19.24 -18.90
CA THR G 24 -62.65 -20.23 -19.06
C THR G 24 -62.16 -21.36 -19.95
N GLN G 25 -62.72 -22.55 -19.74
CA GLN G 25 -62.35 -23.75 -20.48
C GLN G 25 -63.61 -24.41 -21.03
N SER G 26 -63.41 -25.20 -22.08
CA SER G 26 -64.47 -25.99 -22.68
C SER G 26 -63.82 -27.23 -23.24
N PRO G 27 -64.45 -28.42 -23.13
CA PRO G 27 -65.73 -28.74 -22.48
C PRO G 27 -65.61 -28.82 -20.96
N LEU G 28 -66.72 -28.71 -20.23
CA LEU G 28 -66.67 -28.87 -18.79
C LEU G 28 -66.44 -30.32 -18.38
N SER G 29 -66.84 -31.27 -19.23
CA SER G 29 -66.59 -32.69 -19.00
C SER G 29 -66.38 -33.35 -20.36
N LEU G 30 -65.29 -34.11 -20.48
CA LEU G 30 -64.90 -34.74 -21.74
C LEU G 30 -64.73 -36.24 -21.52
N PRO G 31 -65.65 -37.09 -21.99
CA PRO G 31 -65.37 -38.53 -21.97
C PRO G 31 -64.41 -38.93 -23.08
N VAL G 32 -63.50 -39.85 -22.77
CA VAL G 32 -62.48 -40.32 -23.70
C VAL G 32 -62.37 -41.83 -23.63
N THR G 33 -61.83 -42.41 -24.71
CA THR G 33 -61.49 -43.82 -24.79
C THR G 33 -59.98 -43.88 -24.95
N PRO G 34 -59.26 -44.76 -24.24
CA PRO G 34 -57.84 -44.93 -24.53
C PRO G 34 -57.61 -45.40 -25.96
N GLY G 35 -56.57 -44.87 -26.58
CA GLY G 35 -56.18 -45.24 -27.93
C GLY G 35 -56.57 -44.28 -29.05
N GLU G 36 -57.29 -43.20 -28.73
CA GLU G 36 -57.63 -42.15 -29.68
C GLU G 36 -57.33 -40.80 -29.05
N PRO G 37 -57.07 -39.77 -29.86
CA PRO G 37 -56.61 -38.49 -29.29
C PRO G 37 -57.73 -37.78 -28.53
N ALA G 38 -57.34 -36.65 -27.92
CA ALA G 38 -58.26 -35.81 -27.17
C ALA G 38 -57.75 -34.38 -27.22
N SER G 39 -58.62 -33.44 -26.85
CA SER G 39 -58.27 -32.03 -26.89
C SER G 39 -59.01 -31.29 -25.79
N ILE G 40 -58.32 -30.31 -25.19
CA ILE G 40 -58.90 -29.38 -24.24
C ILE G 40 -58.61 -27.98 -24.75
N SER G 41 -59.47 -27.03 -24.38
CA SER G 41 -59.33 -25.65 -24.81
C SER G 41 -59.53 -24.71 -23.63
N CYS G 42 -58.80 -23.59 -23.68
CA CYS G 42 -58.89 -22.55 -22.67
C CYS G 42 -58.87 -21.20 -23.37
N ARG G 43 -59.56 -20.22 -22.78
CA ARG G 43 -59.73 -18.91 -23.40
C ARG G 43 -59.65 -17.84 -22.32
N SER G 44 -59.01 -16.71 -22.63
CA SER G 44 -58.81 -15.58 -21.68
C SER G 44 -59.59 -14.36 -22.17
N ASN G 45 -59.96 -13.44 -21.28
CA ASN G 45 -60.73 -12.23 -21.64
C ASN G 45 -59.72 -11.10 -21.95
N GLN G 46 -58.41 -11.37 -21.82
CA GLN G 46 -57.35 -10.39 -22.22
C GLN G 46 -56.26 -11.15 -22.99
N SER G 47 -55.57 -10.50 -23.93
CA SER G 47 -54.46 -11.13 -24.63
C SER G 47 -53.30 -11.34 -23.67
N LEU G 48 -52.83 -12.59 -23.57
CA LEU G 48 -51.74 -12.95 -22.67
C LEU G 48 -50.37 -12.79 -23.31
N LEU G 49 -50.29 -12.15 -24.47
CA LEU G 49 -49.01 -12.03 -25.17
C LEU G 49 -48.06 -11.12 -24.40
N HIS G 50 -46.84 -11.60 -24.22
CA HIS G 50 -45.78 -10.83 -23.60
C HIS G 50 -45.12 -9.93 -24.64
N THR G 51 -44.43 -8.89 -24.16
CA THR G 51 -43.74 -7.98 -25.07
C THR G 51 -42.63 -8.68 -25.85
N LYS G 52 -42.07 -9.74 -25.25
CA LYS G 52 -40.89 -10.45 -25.84
C LYS G 52 -41.34 -11.51 -26.85
N GLY G 53 -42.63 -11.84 -26.92
CA GLY G 53 -43.13 -12.71 -27.96
C GLY G 53 -43.51 -14.12 -27.57
N TYR G 54 -43.78 -14.38 -26.29
CA TYR G 54 -44.29 -15.67 -25.85
C TYR G 54 -45.51 -15.46 -24.95
N LYS G 55 -46.39 -16.45 -24.97
CA LYS G 55 -47.67 -16.39 -24.26
C LYS G 55 -47.55 -17.12 -22.93
N TYR G 56 -47.90 -16.43 -21.84
CA TYR G 56 -47.81 -16.98 -20.49
C TYR G 56 -49.12 -17.68 -20.15
N LEU G 57 -49.20 -18.95 -20.52
CA LEU G 57 -50.35 -19.79 -20.22
C LEU G 57 -49.84 -21.20 -19.91
N ASN G 58 -50.10 -21.68 -18.69
CA ASN G 58 -49.65 -22.98 -18.24
C ASN G 58 -50.85 -23.89 -18.00
N TRP G 59 -50.63 -25.18 -18.25
CA TRP G 59 -51.63 -26.21 -18.06
C TRP G 59 -51.21 -27.15 -16.93
N TYR G 60 -52.16 -27.49 -16.07
CA TYR G 60 -51.92 -28.32 -14.90
C TYR G 60 -52.91 -29.48 -14.86
N LEU G 61 -52.44 -30.64 -14.45
CA LEU G 61 -53.25 -31.84 -14.31
C LEU G 61 -53.24 -32.28 -12.86
N GLN G 62 -54.43 -32.43 -12.27
CA GLN G 62 -54.60 -32.94 -10.91
C GLN G 62 -55.31 -34.29 -11.02
N ARG G 63 -54.55 -35.37 -10.85
CA ARG G 63 -55.14 -36.70 -10.85
C ARG G 63 -55.95 -36.90 -9.58
N PRO G 64 -56.86 -37.87 -9.55
CA PRO G 64 -57.69 -38.06 -8.36
C PRO G 64 -56.86 -38.49 -7.16
N GLY G 65 -56.82 -37.63 -6.14
CA GLY G 65 -56.12 -37.92 -4.91
C GLY G 65 -54.69 -37.41 -4.86
N GLN G 66 -54.10 -37.05 -6.00
CA GLN G 66 -52.73 -36.59 -6.07
C GLN G 66 -52.68 -35.06 -6.11
N SER G 67 -51.46 -34.53 -5.99
CA SER G 67 -51.27 -33.10 -6.14
C SER G 67 -51.30 -32.72 -7.62
N PRO G 68 -51.54 -31.45 -7.94
CA PRO G 68 -51.51 -31.05 -9.35
C PRO G 68 -50.13 -31.20 -9.95
N GLN G 69 -50.10 -31.47 -11.25
CA GLN G 69 -48.87 -31.66 -12.03
C GLN G 69 -48.91 -30.74 -13.24
N VAL G 70 -47.82 -30.01 -13.46
CA VAL G 70 -47.72 -29.17 -14.63
C VAL G 70 -47.46 -30.04 -15.85
N LEU G 71 -48.16 -29.72 -16.95
CA LEU G 71 -48.03 -30.44 -18.21
C LEU G 71 -47.36 -29.60 -19.28
N ILE G 72 -47.90 -28.42 -19.56
CA ILE G 72 -47.38 -27.49 -20.56
C ILE G 72 -47.25 -26.13 -19.90
N TYR G 73 -46.10 -25.48 -20.08
CA TYR G 73 -45.87 -24.14 -19.58
C TYR G 73 -45.56 -23.21 -20.74
N PHE G 74 -46.08 -21.99 -20.65
CA PHE G 74 -45.98 -20.98 -21.71
C PHE G 74 -46.64 -21.47 -23.00
N ALA G 75 -47.63 -22.35 -22.86
CA ALA G 75 -48.59 -22.70 -23.91
C ALA G 75 -48.04 -23.57 -25.03
N SER G 76 -46.73 -23.79 -25.09
CA SER G 76 -46.16 -24.64 -26.14
C SER G 76 -45.06 -25.57 -25.64
N ASN G 77 -44.50 -25.29 -24.46
CA ASN G 77 -43.30 -25.98 -24.00
C ASN G 77 -43.68 -27.15 -23.10
N ARG G 78 -43.17 -28.32 -23.41
CA ARG G 78 -43.37 -29.51 -22.59
C ARG G 78 -42.40 -29.50 -21.42
N ALA G 79 -42.92 -29.66 -20.21
CA ALA G 79 -42.07 -29.60 -19.03
C ALA G 79 -41.22 -30.87 -18.93
N PRO G 80 -40.10 -30.83 -18.20
CA PRO G 80 -39.32 -32.06 -18.02
C PRO G 80 -40.12 -33.13 -17.30
N GLY G 81 -39.93 -34.38 -17.73
CA GLY G 81 -40.62 -35.51 -17.14
C GLY G 81 -42.04 -35.72 -17.61
N VAL G 82 -42.54 -34.88 -18.52
CA VAL G 82 -43.89 -35.01 -19.04
C VAL G 82 -43.84 -35.94 -20.25
N PRO G 83 -44.80 -36.87 -20.44
CA PRO G 83 -44.77 -37.70 -21.64
C PRO G 83 -44.96 -36.87 -22.90
N ASP G 84 -44.51 -37.42 -24.03
CA ASP G 84 -44.60 -36.70 -25.29
C ASP G 84 -46.02 -36.56 -25.81
N ARG G 85 -46.99 -37.26 -25.21
CA ARG G 85 -48.37 -37.16 -25.66
C ARG G 85 -48.89 -35.74 -25.48
N PHE G 86 -48.64 -35.15 -24.32
CA PHE G 86 -49.17 -33.82 -24.05
C PHE G 86 -48.47 -32.78 -24.90
N SER G 87 -49.25 -32.07 -25.72
CA SER G 87 -48.76 -31.00 -26.57
C SER G 87 -49.69 -29.80 -26.40
N GLY G 88 -49.13 -28.62 -26.64
CA GLY G 88 -49.87 -27.39 -26.43
C GLY G 88 -49.56 -26.38 -27.52
N SER G 89 -50.53 -25.51 -27.77
CA SER G 89 -50.40 -24.43 -28.74
C SER G 89 -51.49 -23.42 -28.45
N GLY G 90 -51.39 -22.26 -29.10
CA GLY G 90 -52.42 -21.25 -28.92
C GLY G 90 -52.01 -19.93 -29.53
N SER G 91 -52.93 -18.98 -29.41
CA SER G 91 -52.78 -17.61 -29.88
C SER G 91 -52.85 -16.68 -28.66
N GLY G 92 -52.95 -15.37 -28.92
CA GLY G 92 -52.92 -14.41 -27.84
C GLY G 92 -54.04 -14.58 -26.83
N THR G 93 -55.20 -15.08 -27.27
CA THR G 93 -56.38 -15.21 -26.42
C THR G 93 -56.93 -16.63 -26.32
N ASP G 94 -56.71 -17.48 -27.32
CA ASP G 94 -57.23 -18.85 -27.34
C ASP G 94 -56.08 -19.84 -27.32
N PHE G 95 -56.22 -20.87 -26.48
CA PHE G 95 -55.18 -21.86 -26.26
C PHE G 95 -55.79 -23.24 -26.27
N THR G 96 -54.99 -24.23 -26.66
CA THR G 96 -55.43 -25.60 -26.84
C THR G 96 -54.42 -26.55 -26.23
N LEU G 97 -54.92 -27.61 -25.61
CA LEU G 97 -54.10 -28.71 -25.10
C LEU G 97 -54.58 -29.99 -25.77
N LYS G 98 -53.64 -30.73 -26.37
CA LYS G 98 -53.97 -31.92 -27.14
C LYS G 98 -53.19 -33.11 -26.60
N ILE G 99 -53.82 -34.28 -26.68
CA ILE G 99 -53.24 -35.56 -26.25
C ILE G 99 -53.19 -36.45 -27.47
N SER G 100 -52.01 -36.99 -27.77
CA SER G 100 -51.85 -37.83 -28.96
C SER G 100 -52.66 -39.11 -28.83
N ARG G 101 -52.56 -39.79 -27.69
CA ARG G 101 -53.28 -41.04 -27.47
C ARG G 101 -53.50 -41.16 -25.96
N VAL G 102 -54.75 -41.08 -25.52
CA VAL G 102 -55.05 -41.05 -24.10
C VAL G 102 -54.72 -42.40 -23.48
N GLU G 103 -54.10 -42.36 -22.30
CA GLU G 103 -53.82 -43.54 -21.50
C GLU G 103 -54.75 -43.57 -20.29
N ALA G 104 -54.83 -44.73 -19.66
CA ALA G 104 -55.68 -44.88 -18.48
C ALA G 104 -55.20 -44.02 -17.31
N GLU G 105 -53.94 -43.58 -17.32
CA GLU G 105 -53.40 -42.77 -16.25
C GLU G 105 -53.63 -41.27 -16.46
N ASP G 106 -54.19 -40.86 -17.59
CA ASP G 106 -54.36 -39.45 -17.93
C ASP G 106 -55.69 -38.89 -17.46
N VAL G 107 -56.36 -39.55 -16.53
CA VAL G 107 -57.69 -39.14 -16.06
C VAL G 107 -57.52 -38.20 -14.88
N GLY G 108 -58.23 -37.09 -14.92
CA GLY G 108 -58.17 -36.11 -13.86
C GLY G 108 -58.80 -34.80 -14.31
N VAL G 109 -58.53 -33.75 -13.54
CA VAL G 109 -59.06 -32.41 -13.79
C VAL G 109 -57.93 -31.56 -14.35
N TYR G 110 -58.16 -30.97 -15.53
CA TYR G 110 -57.16 -30.17 -16.21
C TYR G 110 -57.46 -28.69 -15.99
N TYR G 111 -56.46 -27.95 -15.53
CA TYR G 111 -56.58 -26.52 -15.25
C TYR G 111 -55.64 -25.75 -16.16
N CYS G 112 -56.14 -24.66 -16.73
CA CYS G 112 -55.32 -23.69 -17.44
C CYS G 112 -55.12 -22.47 -16.55
N MET G 113 -53.93 -21.88 -16.63
CA MET G 113 -53.55 -20.77 -15.76
C MET G 113 -52.71 -19.77 -16.53
N GLN G 114 -53.07 -18.50 -16.43
CA GLN G 114 -52.28 -17.41 -16.98
C GLN G 114 -51.27 -16.95 -15.93
N GLY G 115 -50.05 -16.68 -16.37
CA GLY G 115 -48.98 -16.24 -15.50
C GLY G 115 -48.45 -14.86 -15.85
N LEU G 116 -49.26 -14.06 -16.53
CA LEU G 116 -48.84 -12.74 -16.99
C LEU G 116 -49.13 -11.64 -15.97
N GLN G 117 -50.36 -11.57 -15.48
CA GLN G 117 -50.84 -10.44 -14.70
C GLN G 117 -51.25 -10.91 -13.31
N ILE G 118 -50.72 -10.25 -12.29
CA ILE G 118 -51.12 -10.51 -10.90
C ILE G 118 -52.51 -9.92 -10.69
N PRO G 119 -53.46 -10.62 -10.03
CA PRO G 119 -53.40 -11.99 -9.48
C PRO G 119 -53.50 -13.05 -10.57
N PHE G 120 -52.64 -14.06 -10.51
CA PHE G 120 -52.72 -15.16 -11.46
C PHE G 120 -53.97 -15.99 -11.18
N THR G 121 -54.64 -16.43 -12.24
CA THR G 121 -55.94 -17.08 -12.15
C THR G 121 -55.91 -18.43 -12.84
N PHE G 122 -56.43 -19.45 -12.16
CA PHE G 122 -56.70 -20.74 -12.76
C PHE G 122 -58.09 -20.74 -13.38
N GLY G 123 -58.32 -21.68 -14.29
CA GLY G 123 -59.62 -21.83 -14.89
C GLY G 123 -60.56 -22.61 -13.99
N PRO G 124 -61.83 -22.71 -14.42
CA PRO G 124 -62.77 -23.55 -13.67
C PRO G 124 -62.37 -25.00 -13.60
N GLY G 125 -61.65 -25.49 -14.59
CA GLY G 125 -61.19 -26.87 -14.64
C GLY G 125 -62.07 -27.73 -15.52
N THR G 126 -61.42 -28.56 -16.35
CA THR G 126 -62.08 -29.49 -17.24
C THR G 126 -61.92 -30.90 -16.69
N LYS G 127 -63.05 -31.60 -16.54
CA LYS G 127 -63.04 -32.96 -16.03
C LYS G 127 -62.88 -33.94 -17.19
N VAL G 128 -62.21 -35.07 -16.91
CA VAL G 128 -61.98 -36.11 -17.90
C VAL G 128 -62.32 -37.45 -17.25
N ASP G 129 -62.92 -38.35 -18.04
CA ASP G 129 -63.27 -39.67 -17.56
C ASP G 129 -63.28 -40.64 -18.74
N ILE G 130 -63.18 -41.93 -18.41
CA ILE G 130 -63.23 -42.96 -19.44
C ILE G 130 -64.67 -43.09 -19.94
N LYS G 131 -64.83 -43.06 -21.26
CA LYS G 131 -66.14 -43.22 -21.86
C LYS G 131 -66.56 -44.69 -21.83
N ARG G 132 -67.86 -44.91 -21.72
CA ARG G 132 -68.41 -46.29 -21.68
C ARG G 132 -69.85 -46.22 -22.19
N THR G 133 -70.46 -47.37 -22.43
CA THR G 133 -71.83 -47.44 -22.92
C THR G 133 -72.80 -46.84 -21.91
N VAL G 134 -73.74 -46.05 -22.41
CA VAL G 134 -74.66 -45.32 -21.54
C VAL G 134 -75.56 -46.32 -20.82
N ALA G 135 -75.51 -46.31 -19.49
CA ALA G 135 -76.38 -47.11 -18.65
C ALA G 135 -77.32 -46.18 -17.88
N ALA G 136 -78.60 -46.52 -17.88
CA ALA G 136 -79.59 -45.71 -17.18
C ALA G 136 -79.38 -45.79 -15.67
N PRO G 137 -79.79 -44.77 -14.92
CA PRO G 137 -79.59 -44.81 -13.47
C PRO G 137 -80.55 -45.76 -12.78
N SER G 138 -80.01 -46.53 -11.84
CA SER G 138 -80.81 -47.39 -10.97
C SER G 138 -81.16 -46.62 -9.71
N VAL G 139 -82.44 -46.41 -9.47
CA VAL G 139 -82.92 -45.47 -8.46
C VAL G 139 -83.41 -46.24 -7.25
N PHE G 140 -82.94 -45.85 -6.06
CA PHE G 140 -83.36 -46.42 -4.80
C PHE G 140 -83.60 -45.30 -3.79
N ILE G 141 -84.72 -45.39 -3.08
CA ILE G 141 -85.20 -44.33 -2.20
C ILE G 141 -85.34 -44.89 -0.79
N PHE G 142 -85.04 -44.07 0.21
CA PHE G 142 -85.14 -44.43 1.61
C PHE G 142 -86.02 -43.40 2.31
N PRO G 143 -87.13 -43.78 2.96
CA PRO G 143 -87.93 -42.77 3.64
C PRO G 143 -87.46 -42.57 5.07
N PRO G 144 -87.88 -41.50 5.73
CA PRO G 144 -87.46 -41.31 7.14
C PRO G 144 -88.12 -42.32 8.06
N SER G 145 -87.29 -42.92 8.91
CA SER G 145 -87.80 -43.88 9.88
C SER G 145 -88.59 -43.16 10.97
N ASP G 146 -89.60 -43.84 11.49
CA ASP G 146 -90.38 -43.29 12.60
C ASP G 146 -89.51 -43.08 13.83
N GLU G 147 -88.46 -43.89 13.99
CA GLU G 147 -87.53 -43.68 15.10
C GLU G 147 -86.64 -42.47 14.85
N GLN G 148 -86.43 -42.12 13.58
CA GLN G 148 -85.52 -41.02 13.26
C GLN G 148 -86.07 -39.69 13.76
N LEU G 149 -87.40 -39.51 13.70
CA LEU G 149 -88.00 -38.26 14.17
C LEU G 149 -87.83 -38.07 15.67
N LYS G 150 -87.60 -39.17 16.41
CA LYS G 150 -87.50 -39.08 17.87
C LYS G 150 -86.31 -38.22 18.30
N SER G 151 -85.25 -38.18 17.50
CA SER G 151 -84.08 -37.37 17.82
C SER G 151 -84.24 -35.90 17.48
N GLY G 152 -85.31 -35.51 16.80
CA GLY G 152 -85.54 -34.13 16.43
C GLY G 152 -85.08 -33.75 15.03
N THR G 153 -84.70 -34.73 14.20
CA THR G 153 -84.27 -34.48 12.83
C THR G 153 -84.92 -35.50 11.91
N ALA G 154 -84.85 -35.22 10.61
CA ALA G 154 -85.40 -36.10 9.58
C ALA G 154 -84.59 -35.94 8.32
N SER G 155 -84.15 -37.06 7.75
CA SER G 155 -83.39 -37.09 6.51
C SER G 155 -84.03 -38.05 5.53
N VAL G 156 -84.32 -37.55 4.33
CA VAL G 156 -84.83 -38.35 3.23
C VAL G 156 -83.71 -38.52 2.22
N VAL G 157 -83.34 -39.77 1.95
CA VAL G 157 -82.23 -40.11 1.06
C VAL G 157 -82.79 -40.81 -0.16
N CYS G 158 -82.44 -40.32 -1.35
CA CYS G 158 -82.80 -40.98 -2.60
C CYS G 158 -81.54 -41.16 -3.44
N LEU G 159 -81.36 -42.37 -3.95
CA LEU G 159 -80.07 -42.89 -4.40
C LEU G 159 -80.09 -43.10 -5.90
N LEU G 160 -78.99 -42.79 -6.56
CA LEU G 160 -78.76 -43.10 -7.98
C LEU G 160 -77.54 -43.99 -8.05
N ASN G 161 -77.69 -45.19 -8.59
CA ASN G 161 -76.65 -46.21 -8.55
C ASN G 161 -76.22 -46.57 -9.97
N ASN G 162 -74.91 -46.49 -10.22
CA ASN G 162 -74.28 -46.99 -11.44
C ASN G 162 -74.87 -46.30 -12.68
N PHE G 163 -74.63 -45.00 -12.76
CA PHE G 163 -75.09 -44.17 -13.87
C PHE G 163 -73.90 -43.49 -14.53
N TYR G 164 -74.10 -43.10 -15.80
CA TYR G 164 -73.08 -42.44 -16.58
C TYR G 164 -73.83 -41.67 -17.66
N PRO G 165 -73.49 -40.40 -17.94
CA PRO G 165 -72.39 -39.55 -17.42
C PRO G 165 -72.66 -38.99 -16.02
N ARG G 166 -71.67 -38.27 -15.48
CA ARG G 166 -71.82 -37.67 -14.16
C ARG G 166 -72.92 -36.62 -14.12
N GLU G 167 -73.20 -35.97 -15.24
CA GLU G 167 -74.16 -34.87 -15.28
C GLU G 167 -75.56 -35.40 -14.97
N ALA G 168 -76.07 -35.07 -13.80
CA ALA G 168 -77.43 -35.45 -13.40
C ALA G 168 -77.93 -34.46 -12.37
N LYS G 169 -79.20 -34.06 -12.53
CA LYS G 169 -79.83 -33.07 -11.69
C LYS G 169 -80.92 -33.73 -10.86
N VAL G 170 -80.98 -33.36 -9.57
CA VAL G 170 -82.01 -33.82 -8.65
C VAL G 170 -82.59 -32.60 -7.95
N GLN G 171 -83.92 -32.54 -7.88
CA GLN G 171 -84.64 -31.46 -7.21
C GLN G 171 -85.78 -32.09 -6.43
N TRP G 172 -85.97 -31.66 -5.19
CA TRP G 172 -86.99 -32.24 -4.34
C TRP G 172 -88.25 -31.38 -4.40
N LYS G 173 -89.33 -31.97 -4.91
CA LYS G 173 -90.60 -31.28 -5.09
C LYS G 173 -91.64 -31.93 -4.18
N VAL G 174 -92.33 -31.10 -3.40
CA VAL G 174 -93.35 -31.53 -2.45
C VAL G 174 -94.66 -30.88 -2.87
N ASP G 175 -95.59 -31.68 -3.38
CA ASP G 175 -96.87 -31.19 -3.88
C ASP G 175 -96.65 -30.12 -4.95
N ASN G 176 -95.69 -30.38 -5.84
CA ASN G 176 -95.34 -29.45 -6.91
C ASN G 176 -94.77 -28.14 -6.39
N ALA G 177 -94.11 -28.18 -5.22
CA ALA G 177 -93.45 -27.02 -4.63
C ALA G 177 -91.95 -27.27 -4.61
N LEU G 178 -91.21 -26.49 -5.39
CA LEU G 178 -89.77 -26.65 -5.46
C LEU G 178 -89.10 -26.16 -4.19
N GLN G 179 -88.11 -26.91 -3.72
CA GLN G 179 -87.34 -26.58 -2.54
C GLN G 179 -86.04 -25.91 -2.92
N SER G 180 -85.40 -25.26 -1.94
CA SER G 180 -84.15 -24.56 -2.15
C SER G 180 -83.48 -24.32 -0.82
N GLY G 181 -82.16 -24.50 -0.78
CA GLY G 181 -81.39 -24.29 0.43
C GLY G 181 -81.57 -25.36 1.49
N ASN G 182 -82.20 -26.49 1.15
CA ASN G 182 -82.47 -27.57 2.10
C ASN G 182 -82.13 -28.92 1.48
N SER G 183 -81.19 -28.93 0.54
CA SER G 183 -80.79 -30.14 -0.16
C SER G 183 -79.27 -30.23 -0.16
N GLN G 184 -78.77 -31.45 -0.32
CA GLN G 184 -77.34 -31.73 -0.29
C GLN G 184 -77.03 -32.83 -1.30
N GLU G 185 -75.78 -32.87 -1.74
CA GLU G 185 -75.37 -33.69 -2.87
C GLU G 185 -74.07 -34.40 -2.51
N SER G 186 -73.88 -35.58 -3.09
CA SER G 186 -72.62 -36.32 -2.92
C SER G 186 -72.48 -37.32 -4.05
N VAL G 187 -71.28 -37.41 -4.62
CA VAL G 187 -71.00 -38.24 -5.79
C VAL G 187 -69.75 -39.06 -5.51
N THR G 188 -69.78 -40.32 -5.93
CA THR G 188 -68.59 -41.18 -5.88
C THR G 188 -67.65 -40.86 -7.03
N GLU G 189 -66.36 -41.07 -6.79
CA GLU G 189 -65.38 -40.96 -7.86
C GLU G 189 -65.54 -42.13 -8.82
N GLN G 190 -65.06 -41.96 -10.05
CA GLN G 190 -65.21 -42.99 -11.06
C GLN G 190 -64.48 -44.26 -10.65
N ASP G 191 -65.23 -45.31 -10.34
CA ASP G 191 -64.61 -46.60 -10.05
C ASP G 191 -63.94 -47.16 -11.30
N SER G 192 -62.73 -47.72 -11.10
CA SER G 192 -61.94 -48.18 -12.22
C SER G 192 -62.59 -49.37 -12.92
N LYS G 193 -63.16 -50.30 -12.14
CA LYS G 193 -63.66 -51.54 -12.72
C LYS G 193 -65.02 -51.34 -13.39
N ASP G 194 -66.02 -50.93 -12.63
CA ASP G 194 -67.37 -50.79 -13.15
C ASP G 194 -67.47 -49.59 -14.09
N SER G 195 -66.77 -48.50 -13.79
CA SER G 195 -66.76 -47.29 -14.62
C SER G 195 -68.15 -46.67 -14.70
N THR G 196 -68.79 -46.51 -13.55
CA THR G 196 -70.07 -45.82 -13.42
C THR G 196 -70.08 -45.07 -12.11
N TYR G 197 -70.93 -44.04 -12.04
CA TYR G 197 -71.04 -43.18 -10.87
C TYR G 197 -72.19 -43.62 -9.98
N SER G 198 -72.16 -43.15 -8.74
CA SER G 198 -73.26 -43.32 -7.80
C SER G 198 -73.48 -42.00 -7.06
N LEU G 199 -74.71 -41.77 -6.62
CA LEU G 199 -75.11 -40.49 -6.08
C LEU G 199 -76.20 -40.66 -5.04
N SER G 200 -76.14 -39.85 -3.98
CA SER G 200 -77.18 -39.75 -2.98
C SER G 200 -77.49 -38.28 -2.73
N SER G 201 -78.78 -37.97 -2.57
CA SER G 201 -79.25 -36.63 -2.25
C SER G 201 -79.93 -36.66 -0.89
N THR G 202 -79.50 -35.78 0.01
CA THR G 202 -79.98 -35.74 1.38
C THR G 202 -80.80 -34.48 1.59
N LEU G 203 -82.02 -34.64 2.09
CA LEU G 203 -82.92 -33.54 2.40
C LEU G 203 -82.89 -33.31 3.90
N THR G 204 -82.59 -32.09 4.32
CA THR G 204 -82.55 -31.71 5.73
C THR G 204 -83.77 -30.84 6.06
N LEU G 205 -84.60 -31.30 6.99
CA LEU G 205 -85.77 -30.55 7.45
C LEU G 205 -85.82 -30.58 8.97
N SER G 206 -86.45 -29.54 9.52
CA SER G 206 -86.86 -29.58 10.92
C SER G 206 -88.07 -30.49 11.08
N LYS G 207 -88.26 -30.98 12.30
CA LYS G 207 -89.41 -31.83 12.58
C LYS G 207 -90.72 -31.08 12.37
N ALA G 208 -90.72 -29.77 12.58
CA ALA G 208 -91.91 -28.96 12.34
C ALA G 208 -92.28 -28.96 10.86
N ASP G 209 -91.28 -28.82 9.99
CA ASP G 209 -91.55 -28.79 8.56
C ASP G 209 -91.97 -30.16 8.03
N TYR G 210 -91.52 -31.24 8.66
CA TYR G 210 -91.85 -32.58 8.19
C TYR G 210 -93.35 -32.84 8.29
N GLU G 211 -93.98 -32.44 9.39
CA GLU G 211 -95.38 -32.76 9.63
C GLU G 211 -96.33 -31.90 8.80
N LYS G 212 -95.87 -30.78 8.24
CA LYS G 212 -96.73 -29.91 7.45
C LYS G 212 -97.02 -30.48 6.06
N HIS G 213 -96.12 -31.31 5.51
CA HIS G 213 -96.33 -31.99 4.23
C HIS G 213 -96.45 -33.48 4.45
N LYS G 214 -96.88 -34.17 3.39
CA LYS G 214 -97.13 -35.60 3.39
C LYS G 214 -96.19 -36.38 2.47
N VAL G 215 -96.14 -36.03 1.19
CA VAL G 215 -95.47 -36.83 0.17
C VAL G 215 -94.23 -36.10 -0.31
N TYR G 216 -93.10 -36.81 -0.36
CA TYR G 216 -91.84 -36.29 -0.88
C TYR G 216 -91.32 -37.22 -1.96
N ALA G 217 -90.83 -36.64 -3.05
CA ALA G 217 -90.23 -37.40 -4.14
C ALA G 217 -89.11 -36.57 -4.74
N CYS G 218 -88.11 -37.25 -5.30
CA CYS G 218 -87.00 -36.59 -6.00
C CYS G 218 -87.07 -36.97 -7.47
N GLU G 219 -86.71 -36.04 -8.33
CA GLU G 219 -86.63 -36.26 -9.77
C GLU G 219 -85.24 -36.71 -10.19
N VAL G 220 -85.20 -37.67 -11.11
CA VAL G 220 -83.99 -38.10 -11.79
C VAL G 220 -84.14 -37.73 -13.27
N THR G 221 -83.19 -36.96 -13.79
CA THR G 221 -83.19 -36.54 -15.19
C THR G 221 -81.98 -37.11 -15.91
N HIS G 222 -82.16 -37.43 -17.19
CA HIS G 222 -81.09 -37.83 -18.08
C HIS G 222 -81.57 -37.62 -19.51
N GLN G 223 -80.73 -36.98 -20.32
CA GLN G 223 -81.12 -36.67 -21.70
C GLN G 223 -81.41 -37.92 -22.51
N GLY G 224 -80.79 -39.05 -22.18
CA GLY G 224 -81.04 -40.29 -22.88
C GLY G 224 -82.32 -41.01 -22.52
N LEU G 225 -83.00 -40.59 -21.44
CA LEU G 225 -84.26 -41.18 -21.03
C LEU G 225 -85.39 -40.48 -21.78
N SER G 226 -86.43 -41.24 -22.13
CA SER G 226 -87.57 -40.66 -22.83
C SER G 226 -88.27 -39.62 -21.98
N SER G 227 -88.31 -39.82 -20.67
CA SER G 227 -88.88 -38.85 -19.73
C SER G 227 -88.20 -39.02 -18.39
N PRO G 228 -88.29 -38.02 -17.51
CA PRO G 228 -87.73 -38.20 -16.16
C PRO G 228 -88.43 -39.31 -15.41
N VAL G 229 -87.67 -40.01 -14.57
CA VAL G 229 -88.18 -41.07 -13.71
C VAL G 229 -88.34 -40.49 -12.32
N THR G 230 -89.57 -40.42 -11.84
CA THR G 230 -89.89 -39.96 -10.49
C THR G 230 -90.39 -41.14 -9.67
N LYS G 231 -89.88 -41.25 -8.45
CA LYS G 231 -90.20 -42.34 -7.53
C LYS G 231 -90.79 -41.74 -6.27
N SER G 232 -91.69 -42.47 -5.62
CA SER G 232 -92.32 -42.00 -4.40
C SER G 232 -92.68 -43.18 -3.52
N PHE G 233 -93.06 -42.87 -2.28
CA PHE G 233 -93.45 -43.86 -1.30
C PHE G 233 -94.77 -43.44 -0.67
N ASN G 234 -95.39 -44.37 0.04
CA ASN G 234 -96.68 -44.15 0.68
C ASN G 234 -96.45 -43.73 2.13
N ARG G 235 -97.02 -42.58 2.50
CA ARG G 235 -96.91 -42.06 3.87
C ARG G 235 -98.27 -42.19 4.55
#